data_8DYT
#
_entry.id   8DYT
#
_cell.length_a   1.00
_cell.length_b   1.00
_cell.length_c   1.00
_cell.angle_alpha   90.00
_cell.angle_beta   90.00
_cell.angle_gamma   90.00
#
_symmetry.space_group_name_H-M   'P 1'
#
loop_
_entity.id
_entity.type
_entity.pdbx_description
1 polymer 'Circumsporozoite protein'
2 polymer '227 Fab light chain'
3 polymer '227 Fab heavy chain'
#
loop_
_entity_poly.entity_id
_entity_poly.type
_entity_poly.pdbx_seq_one_letter_code
_entity_poly.pdbx_strand_id
1 'polypeptide(L)' NPNANPNANPNANPNANPNANPNANPNANPNA I,J
2 'polypeptide(L)'
;QSVLTQPPSVSGAPGQRVTISCTGSSSNIGAGYDVHWYQQLPGTAPKLLIYGNGNRPSGVPDRFSGSKSGTSVSLAITGL
QAEDEADYYCQSYDSSLSAFVFGTGTKVTVLGQPKANPTVTLFPPSSEELQANKATLVCLISDFYPGAVTVAWKADGSPV
KAGVETTKPSKQSNNKYAASSYLSLTPEQWKSHRSYSCQVTHEGSTVEKTVAPTECS
;
L,B,D,F,N,P,R,T
3 'polypeptide(L)'
;QVQLVQSGGGVVQPGRSLRLSCVTSGFTFPAFGMHWVRQAPGKGLEWVAVIWYDGSKKYYADSVRGRFTISRDNSRNTLY
LQMHSLRAEDTAVYYCARVKNYESSGYSQCLDYWGQGVLVTVASASTKGPSVFPLAPSSKSTSGGTAALGCLVKDYFPEP
VTVSWNSGALTSGVHTFPAVLQSSGLYSLSSVVTVPSSSLGTQTYICNVNHKPSNTKVDKKVEPKSCDKTHTCPPCPAPE
LLGGPSVFLFPPKPKDTLMISRTPEVTCVVVDVSHEDPEVKFNWYVDGVEVHNAKTKPREEQYNSTYRVVSVLTVLHQDW
LNGKEYKCKVSNKALPAPIEKTISKAKGQPREPQVYTLPPSRDELTKNQVSLTCLVKGFYPSDIAVEWESNGQPENNYKT
TPPVLDSDGSFFLYSKLTVDKSRWQQGNVFSCSVMHEALHNHYTQKSLSLSPG
;
H,A,C,E,M,O,Q,S
#
# COMPACT_ATOMS: atom_id res chain seq x y z
N ASN A 1 -13.59 -7.96 23.29
CA ASN A 1 -13.59 -8.10 24.74
C ASN A 1 -13.41 -6.75 25.40
N PRO A 2 -14.52 -6.19 25.91
CA PRO A 2 -14.44 -4.87 26.58
C PRO A 2 -13.38 -4.78 27.67
N ASN A 3 -12.81 -5.89 28.11
CA ASN A 3 -11.85 -5.89 29.19
C ASN A 3 -10.41 -5.91 28.71
N ALA A 4 -10.17 -5.86 27.40
CA ALA A 4 -8.81 -5.77 26.91
C ALA A 4 -8.21 -4.42 27.26
N ASN A 5 -6.88 -4.36 27.29
CA ASN A 5 -6.22 -3.13 27.72
C ASN A 5 -6.13 -2.15 26.55
N PRO A 6 -6.82 -1.01 26.61
CA PRO A 6 -6.80 -0.04 25.51
C PRO A 6 -5.79 1.07 25.72
N ASN A 7 -4.55 0.70 25.97
CA ASN A 7 -3.52 1.69 26.19
C ASN A 7 -2.32 1.33 25.33
N ALA A 8 -1.40 2.27 25.17
CA ALA A 8 -0.41 2.16 24.11
C ALA A 8 0.99 1.79 24.61
N ASN A 9 1.33 2.12 25.85
CA ASN A 9 2.66 1.87 26.39
C ASN A 9 3.73 2.46 25.49
N PRO A 10 3.90 3.78 25.47
CA PRO A 10 4.90 4.40 24.59
C PRO A 10 6.35 4.00 24.82
N ASN A 11 6.72 3.42 25.95
CA ASN A 11 8.12 3.05 26.16
C ASN A 11 8.41 1.61 25.77
N ALA A 12 7.52 0.96 25.04
CA ALA A 12 7.83 -0.35 24.49
C ALA A 12 9.03 -0.22 23.57
N ASN A 13 9.78 -1.30 23.45
CA ASN A 13 11.01 -1.30 22.66
C ASN A 13 10.74 -0.83 21.24
N PRO A 14 11.24 0.35 20.85
CA PRO A 14 10.98 0.87 19.51
C PRO A 14 11.98 0.44 18.44
N ASN A 15 12.89 -0.45 18.74
CA ASN A 15 13.95 -0.84 17.81
C ASN A 15 13.68 -2.21 17.24
N ALA A 16 14.26 -2.44 16.06
CA ALA A 16 14.23 -3.74 15.42
C ALA A 16 15.50 -4.50 15.73
N ASN A 17 15.46 -5.81 15.54
CA ASN A 17 16.59 -6.68 15.84
C ASN A 17 16.97 -7.44 14.58
N PRO A 18 17.94 -6.95 13.80
CA PRO A 18 18.44 -7.74 12.67
C PRO A 18 18.98 -9.09 13.08
N ASN A 19 19.53 -9.22 14.28
CA ASN A 19 20.07 -10.49 14.75
C ASN A 19 18.99 -11.29 15.45
N ALA A 20 17.96 -11.61 14.69
CA ALA A 20 16.93 -12.55 15.11
C ALA A 20 16.90 -13.67 14.09
N ASN A 21 16.45 -14.83 14.50
CA ASN A 21 16.47 -16.00 13.63
C ASN A 21 15.72 -15.71 12.33
N PRO A 22 16.39 -15.61 11.19
CA PRO A 22 15.69 -15.36 9.94
C PRO A 22 15.19 -16.60 9.25
N ASN A 23 15.38 -17.78 9.82
CA ASN A 23 14.97 -19.03 9.22
C ASN A 23 13.61 -19.45 9.75
N ALA A 24 13.02 -20.46 9.10
CA ALA A 24 11.72 -20.98 9.49
C ALA A 24 11.89 -22.47 9.77
N ASN A 25 10.94 -23.01 10.53
CA ASN A 25 11.02 -24.39 10.97
C ASN A 25 9.95 -25.24 10.30
N PRO A 26 10.29 -26.01 9.28
CA PRO A 26 9.33 -27.01 8.78
C PRO A 26 9.00 -28.08 9.79
N ASN A 27 9.83 -28.26 10.82
CA ASN A 27 9.68 -29.34 11.78
C ASN A 27 8.84 -28.96 12.99
N ALA A 28 8.35 -27.73 13.06
CA ALA A 28 7.47 -27.36 14.16
C ALA A 28 6.16 -28.12 14.05
N ASN A 29 5.47 -28.24 15.17
CA ASN A 29 4.25 -29.03 15.23
C ASN A 29 3.19 -28.45 14.31
N PRO A 30 2.81 -29.13 13.23
CA PRO A 30 1.77 -28.60 12.34
C PRO A 30 0.36 -28.82 12.83
N ASN A 31 0.17 -29.44 13.99
CA ASN A 31 -1.15 -29.71 14.52
C ASN A 31 -1.49 -28.71 15.63
N ALA A 32 -2.74 -28.74 16.07
CA ALA A 32 -3.17 -27.93 17.20
C ALA A 32 -4.36 -28.58 17.89
N ASN B 1 -24.78 -7.63 -12.39
CA ASN B 1 -25.49 -8.54 -13.27
C ASN B 1 -24.52 -9.28 -14.20
N PRO B 2 -24.85 -10.54 -14.51
CA PRO B 2 -23.98 -11.32 -15.40
C PRO B 2 -23.83 -10.75 -16.78
N ASN B 3 -24.66 -9.78 -17.17
CA ASN B 3 -24.60 -9.23 -18.52
C ASN B 3 -23.49 -8.21 -18.71
N ALA B 4 -22.79 -7.82 -17.65
CA ALA B 4 -21.68 -6.91 -17.80
C ALA B 4 -20.57 -7.54 -18.62
N ASN B 5 -19.90 -6.72 -19.41
CA ASN B 5 -18.84 -7.23 -20.28
C ASN B 5 -17.68 -7.72 -19.42
N PRO B 6 -17.29 -8.99 -19.52
CA PRO B 6 -16.21 -9.53 -18.69
C PRO B 6 -14.83 -9.49 -19.33
N ASN B 7 -14.71 -9.05 -20.57
CA ASN B 7 -13.45 -9.07 -21.28
C ASN B 7 -12.62 -7.83 -20.93
N ALA B 8 -11.37 -7.83 -21.39
CA ALA B 8 -10.41 -6.83 -20.93
C ALA B 8 -10.11 -5.74 -21.94
N ASN B 9 -10.15 -6.05 -23.24
CA ASN B 9 -9.78 -5.10 -24.28
C ASN B 9 -8.39 -4.51 -24.04
N PRO B 10 -7.33 -5.29 -24.22
CA PRO B 10 -5.95 -4.78 -24.10
C PRO B 10 -5.54 -3.89 -25.27
N ASN B 11 -6.41 -2.94 -25.62
CA ASN B 11 -6.13 -1.99 -26.69
C ASN B 11 -6.43 -0.57 -26.26
N ALA B 12 -6.96 -0.38 -25.05
CA ALA B 12 -7.25 0.96 -24.58
C ALA B 12 -5.96 1.76 -24.48
N ASN B 13 -6.11 3.08 -24.45
CA ASN B 13 -4.96 3.96 -24.40
C ASN B 13 -4.11 3.64 -23.18
N PRO B 14 -2.91 3.09 -23.33
CA PRO B 14 -2.08 2.76 -22.16
C PRO B 14 -1.33 3.94 -21.59
N ASN B 15 -1.46 5.12 -22.18
CA ASN B 15 -0.67 6.28 -21.77
C ASN B 15 -1.49 7.15 -20.82
N ALA B 16 -0.86 8.23 -20.37
CA ALA B 16 -1.48 9.17 -19.46
C ALA B 16 -1.34 10.56 -20.05
N ASN B 17 -2.23 11.45 -19.65
CA ASN B 17 -2.22 12.80 -20.16
C ASN B 17 -1.87 13.76 -19.04
N PRO B 18 -0.63 14.23 -18.93
CA PRO B 18 -0.35 15.33 -18.01
C PRO B 18 -1.09 16.61 -18.34
N ASN B 19 -1.60 16.74 -19.56
CA ASN B 19 -2.26 17.95 -20.02
C ASN B 19 -3.72 18.01 -19.62
N ALA B 20 -4.24 16.99 -18.95
CA ALA B 20 -5.62 17.04 -18.49
C ALA B 20 -5.80 18.20 -17.53
N ASN B 21 -7.04 18.58 -17.32
CA ASN B 21 -7.34 19.68 -16.41
C ASN B 21 -6.99 19.27 -14.99
N PRO B 22 -6.04 19.92 -14.32
CA PRO B 22 -5.69 19.55 -12.95
C PRO B 22 -6.48 20.30 -11.88
N ASN B 23 -7.44 21.12 -12.24
CA ASN B 23 -8.22 21.89 -11.30
C ASN B 23 -9.57 21.22 -11.04
N ALA B 24 -10.13 21.52 -9.87
CA ALA B 24 -11.45 21.03 -9.49
C ALA B 24 -12.46 22.15 -9.64
N ASN B 25 -13.73 21.79 -9.62
CA ASN B 25 -14.81 22.72 -9.94
C ASN B 25 -15.76 22.79 -8.74
N PRO B 26 -15.56 23.75 -7.84
CA PRO B 26 -16.52 23.94 -6.75
C PRO B 26 -17.90 24.33 -7.23
N ASN B 27 -18.04 24.82 -8.45
CA ASN B 27 -19.30 25.32 -8.98
C ASN B 27 -20.13 24.25 -9.66
N ALA B 28 -19.64 23.01 -9.73
CA ALA B 28 -20.44 21.95 -10.32
C ALA B 28 -21.67 21.68 -9.46
N ASN B 29 -22.65 21.04 -10.04
CA ASN B 29 -23.90 20.80 -9.33
C ASN B 29 -23.67 19.82 -8.19
N PRO B 30 -23.93 20.21 -6.94
CA PRO B 30 -23.77 19.29 -5.83
C PRO B 30 -25.04 18.52 -5.47
N ASN B 31 -26.06 18.57 -6.30
CA ASN B 31 -27.33 17.93 -6.03
C ASN B 31 -27.50 16.68 -6.89
N ALA B 32 -28.21 15.70 -6.35
CA ALA B 32 -28.50 14.48 -7.08
C ALA B 32 -29.95 14.48 -7.54
N VAL C 3 9.06 16.48 36.19
CA VAL C 3 8.34 15.81 37.26
C VAL C 3 9.34 15.22 38.26
N LEU C 4 10.42 14.65 37.75
CA LEU C 4 11.53 14.20 38.57
C LEU C 4 12.28 15.41 39.10
N THR C 5 12.55 15.41 40.40
CA THR C 5 13.07 16.57 41.10
C THR C 5 14.53 16.37 41.45
N GLN C 6 15.35 17.40 41.23
CA GLN C 6 16.76 17.39 41.50
C GLN C 6 17.15 18.62 42.32
N PRO C 7 18.20 18.52 43.13
CA PRO C 7 18.71 19.71 43.81
C PRO C 7 19.21 20.72 42.79
N PRO C 8 19.01 22.02 43.04
CA PRO C 8 19.44 23.03 42.06
C PRO C 8 20.92 23.00 41.75
N SER C 9 21.77 22.65 42.72
CA SER C 9 23.20 22.56 42.47
C SER C 9 23.85 21.78 43.60
N VAL C 10 24.95 21.11 43.27
CA VAL C 10 25.84 20.50 44.25
C VAL C 10 27.26 20.90 43.89
N SER C 11 28.13 20.84 44.90
CA SER C 11 29.51 21.27 44.71
C SER C 11 30.39 20.56 45.74
N GLY C 12 31.69 20.58 45.48
CA GLY C 12 32.65 20.00 46.38
C GLY C 12 34.08 20.25 45.96
N ALA C 13 35.00 20.22 46.90
CA ALA C 13 36.40 20.41 46.58
C ALA C 13 36.90 19.25 45.71
N PRO C 14 37.82 19.51 44.79
CA PRO C 14 38.32 18.43 43.93
C PRO C 14 38.93 17.31 44.77
N GLY C 15 38.66 16.07 44.35
CA GLY C 15 39.04 14.91 45.10
C GLY C 15 37.96 14.37 46.02
N GLN C 16 36.88 15.13 46.22
CA GLN C 16 35.83 14.75 47.15
C GLN C 16 34.61 14.23 46.39
N ARG C 17 33.88 13.33 47.01
CA ARG C 17 32.75 12.65 46.40
C ARG C 17 31.47 13.46 46.60
N VAL C 18 30.70 13.61 45.53
CA VAL C 18 29.42 14.29 45.59
C VAL C 18 28.35 13.38 45.00
N THR C 19 27.12 13.56 45.47
CA THR C 19 25.98 12.77 45.02
C THR C 19 24.87 13.69 44.54
N ILE C 20 24.15 13.25 43.52
CA ILE C 20 23.03 13.98 42.97
C ILE C 20 21.80 13.10 43.04
N SER C 21 20.74 13.61 43.66
CA SER C 21 19.53 12.82 43.91
C SER C 21 18.47 13.14 42.88
N CYS C 22 17.57 12.17 42.67
CA CYS C 22 16.47 12.30 41.74
C CYS C 22 15.24 11.61 42.33
N THR C 23 14.35 12.40 42.94
CA THR C 23 13.18 11.88 43.63
C THR C 23 11.97 11.90 42.70
N GLY C 24 11.38 10.74 42.50
CA GLY C 24 10.20 10.63 41.65
C GLY C 24 8.99 10.12 42.39
N SER C 25 7.89 9.96 41.67
CA SER C 25 6.63 9.55 42.27
C SER C 25 6.48 8.03 42.25
N SER C 26 5.25 7.57 42.46
CA SER C 26 4.96 6.14 42.42
C SER C 26 4.80 5.63 41.00
N SER C 27 4.71 6.52 40.01
CA SER C 27 4.65 6.09 38.62
C SER C 27 5.95 6.35 37.86
N ASN C 28 6.93 7.00 38.49
CA ASN C 28 8.21 7.28 37.85
C ASN C 28 9.22 6.21 38.20
N ILE C 29 9.54 6.07 39.47
CA ILE C 29 10.57 5.16 39.93
C ILE C 29 9.97 4.06 40.79
N GLY C 30 8.96 4.40 41.58
CA GLY C 30 8.22 3.40 42.33
C GLY C 30 7.50 2.40 41.47
N ALA C 31 7.34 2.68 40.17
CA ALA C 31 6.79 1.69 39.25
C ALA C 31 7.86 0.77 38.68
N GLY C 32 9.12 0.96 39.07
CA GLY C 32 10.19 0.09 38.62
C GLY C 32 10.84 0.48 37.32
N TYR C 33 10.73 1.73 36.90
CA TYR C 33 11.29 2.19 35.63
C TYR C 33 12.69 2.70 35.87
N ASP C 34 13.63 2.28 35.01
CA ASP C 34 15.02 2.67 35.16
C ASP C 34 15.20 4.17 34.96
N VAL C 35 16.17 4.73 35.66
CA VAL C 35 16.48 6.15 35.56
C VAL C 35 17.82 6.28 34.86
N HIS C 36 17.85 6.99 33.75
CA HIS C 36 19.07 7.25 33.03
C HIS C 36 19.58 8.65 33.36
N TRP C 37 20.90 8.82 33.30
CA TRP C 37 21.54 10.06 33.71
C TRP C 37 22.34 10.60 32.53
N TYR C 38 22.21 11.90 32.28
CA TYR C 38 22.91 12.54 31.17
C TYR C 38 23.84 13.62 31.72
N GLN C 39 24.82 13.99 30.90
CA GLN C 39 25.78 15.03 31.26
C GLN C 39 25.77 16.10 30.19
N GLN C 40 25.56 17.34 30.60
CA GLN C 40 25.48 18.47 29.68
C GLN C 40 26.58 19.47 30.02
N LEU C 41 27.50 19.65 29.11
CA LEU C 41 28.48 20.73 29.16
C LEU C 41 27.90 21.96 28.49
N PRO C 42 28.53 23.12 28.65
CA PRO C 42 28.12 24.29 27.86
C PRO C 42 28.17 23.98 26.37
N GLY C 43 27.11 24.38 25.66
CA GLY C 43 26.90 23.86 24.33
C GLY C 43 26.74 22.35 24.41
N THR C 44 27.42 21.64 23.50
CA THR C 44 27.79 20.24 23.70
C THR C 44 26.59 19.41 24.17
N ALA C 45 25.69 19.10 23.24
CA ALA C 45 24.48 18.31 23.47
C ALA C 45 24.72 17.18 24.47
N PRO C 46 23.75 16.89 25.33
CA PRO C 46 23.99 15.96 26.43
C PRO C 46 24.40 14.58 25.94
N LYS C 47 25.27 13.94 26.72
CA LYS C 47 25.74 12.61 26.42
C LYS C 47 25.29 11.66 27.52
N LEU C 48 24.96 10.43 27.14
CA LEU C 48 24.52 9.46 28.13
C LEU C 48 25.66 9.16 29.09
N LEU C 49 25.35 9.17 30.38
CA LEU C 49 26.34 8.96 31.43
C LEU C 49 26.15 7.63 32.14
N ILE C 50 24.92 7.32 32.53
CA ILE C 50 24.60 6.10 33.25
C ILE C 50 23.18 5.70 32.90
N TYR C 51 23.01 4.47 32.43
CA TYR C 51 21.70 3.99 32.01
C TYR C 51 21.27 2.83 32.89
N GLY C 52 19.96 2.72 33.10
CA GLY C 52 19.43 1.61 33.85
C GLY C 52 19.84 1.55 35.30
N ASN C 53 19.77 2.66 36.02
CA ASN C 53 20.04 2.71 37.46
C ASN C 53 21.46 2.27 37.80
N GLY C 54 22.44 2.74 37.04
CA GLY C 54 23.84 2.52 37.40
C GLY C 54 24.68 1.78 36.39
N ASN C 55 24.13 1.24 35.31
CA ASN C 55 24.93 0.54 34.31
C ASN C 55 25.70 1.58 33.52
N ARG C 56 27.02 1.49 33.54
CA ARG C 56 27.85 2.55 32.98
C ARG C 56 28.27 2.19 31.56
N PRO C 57 27.95 2.99 30.56
CA PRO C 57 28.29 2.63 29.17
C PRO C 57 29.78 2.75 28.93
N SER C 58 30.19 2.30 27.75
CA SER C 58 31.60 2.36 27.37
C SER C 58 32.04 3.80 27.17
N GLY C 59 33.21 4.13 27.73
CA GLY C 59 33.79 5.44 27.61
C GLY C 59 33.62 6.34 28.81
N VAL C 60 32.66 6.04 29.67
CA VAL C 60 32.41 6.82 30.89
C VAL C 60 33.34 6.27 31.98
N PRO C 61 34.15 7.11 32.61
CA PRO C 61 35.12 6.60 33.59
C PRO C 61 34.44 6.04 34.82
N ASP C 62 35.18 5.19 35.54
CA ASP C 62 34.70 4.43 36.68
C ASP C 62 34.18 5.34 37.79
N ARG C 63 34.63 6.59 37.85
CA ARG C 63 34.26 7.45 38.96
C ARG C 63 32.76 7.70 39.04
N PHE C 64 32.02 7.47 37.96
CA PHE C 64 30.57 7.66 37.93
C PHE C 64 29.87 6.36 38.27
N SER C 65 28.97 6.41 39.23
CA SER C 65 28.20 5.23 39.63
C SER C 65 26.80 5.68 40.04
N GLY C 66 25.90 4.73 40.17
CA GLY C 66 24.54 5.07 40.54
C GLY C 66 23.88 3.91 41.25
N SER C 67 22.83 4.25 42.00
CA SER C 67 22.09 3.26 42.75
C SER C 67 20.66 3.76 42.92
N LYS C 68 19.74 2.81 43.12
CA LYS C 68 18.33 3.13 43.26
C LYS C 68 17.88 2.77 44.67
N SER C 69 17.03 3.61 45.26
CA SER C 69 16.54 3.37 46.61
C SER C 69 15.12 3.91 46.74
N GLY C 70 14.18 3.01 46.96
CA GLY C 70 12.80 3.44 47.14
C GLY C 70 12.24 4.06 45.88
N THR C 71 11.80 5.31 45.98
CA THR C 71 11.28 6.06 44.85
C THR C 71 12.27 7.09 44.33
N SER C 72 13.54 6.97 44.71
CA SER C 72 14.54 7.95 44.30
C SER C 72 15.80 7.23 43.86
N VAL C 73 16.58 7.91 43.01
CA VAL C 73 17.83 7.40 42.50
C VAL C 73 18.93 8.37 42.88
N SER C 74 20.19 8.01 42.62
CA SER C 74 21.28 8.92 42.92
C SER C 74 22.42 8.68 41.94
N LEU C 75 23.28 9.69 41.82
CA LEU C 75 24.46 9.62 40.96
C LEU C 75 25.66 10.00 41.81
N ALA C 76 26.48 9.02 42.16
CA ALA C 76 27.65 9.27 42.98
C ALA C 76 28.87 9.53 42.09
N ILE C 77 29.46 10.71 42.22
CA ILE C 77 30.65 11.08 41.47
C ILE C 77 31.80 11.17 42.45
N THR C 78 32.82 10.34 42.24
CA THR C 78 34.05 10.42 43.01
C THR C 78 35.13 11.12 42.18
N GLY C 79 36.18 11.56 42.86
CA GLY C 79 37.22 12.29 42.17
C GLY C 79 36.85 13.74 41.95
N LEU C 80 35.75 13.99 41.24
CA LEU C 80 35.22 15.33 41.04
C LEU C 80 36.29 16.27 40.49
N GLN C 81 36.72 15.99 39.27
CA GLN C 81 37.76 16.78 38.63
C GLN C 81 37.16 18.00 37.93
N ALA C 82 38.02 18.80 37.29
CA ALA C 82 37.56 20.03 36.65
C ALA C 82 36.66 19.74 35.46
N GLU C 83 36.90 18.63 34.76
CA GLU C 83 36.08 18.28 33.61
C GLU C 83 34.69 17.78 34.01
N ASP C 84 34.45 17.59 35.31
CA ASP C 84 33.17 17.12 35.80
C ASP C 84 32.18 18.24 36.07
N GLU C 85 32.53 19.48 35.75
CA GLU C 85 31.59 20.60 35.87
C GLU C 85 30.62 20.57 34.70
N ALA C 86 29.35 20.31 34.98
CA ALA C 86 28.38 20.11 33.92
C ALA C 86 26.97 20.10 34.50
N ASP C 87 26.00 19.92 33.62
CA ASP C 87 24.60 19.81 34.02
C ASP C 87 24.16 18.35 33.90
N TYR C 88 23.64 17.78 34.98
CA TYR C 88 23.30 16.37 35.01
C TYR C 88 21.79 16.20 35.11
N TYR C 89 21.22 15.49 34.14
CA TYR C 89 19.78 15.35 34.01
C TYR C 89 19.37 13.90 34.18
N CYS C 90 18.28 13.66 34.87
CA CYS C 90 17.70 12.34 34.95
C CYS C 90 16.88 12.06 33.70
N GLN C 91 16.23 10.90 33.67
CA GLN C 91 15.22 10.58 32.68
C GLN C 91 14.60 9.25 33.07
N SER C 92 13.30 9.11 32.83
CA SER C 92 12.62 7.84 33.01
C SER C 92 11.27 7.95 32.32
N TYR C 93 10.36 7.07 32.69
CA TYR C 93 9.04 7.01 32.08
C TYR C 93 7.97 7.08 33.17
N ASP C 94 6.95 7.88 32.93
CA ASP C 94 5.85 8.08 33.86
C ASP C 94 4.61 7.38 33.32
N SER C 95 4.17 6.31 33.97
CA SER C 95 3.08 5.51 33.41
C SER C 95 1.76 6.25 33.46
N SER C 96 1.54 7.06 34.50
CA SER C 96 0.30 7.83 34.59
C SER C 96 0.28 8.96 33.56
N LEU C 97 1.40 9.66 33.41
CA LEU C 97 1.49 10.67 32.37
C LEU C 97 1.64 10.03 31.01
N SER C 98 2.22 8.83 30.97
CA SER C 98 2.53 8.11 29.74
C SER C 98 3.45 8.94 28.84
N ALA C 99 4.43 9.59 29.46
CA ALA C 99 5.40 10.40 28.74
C ALA C 99 6.75 10.32 29.44
N PHE C 100 7.80 10.32 28.65
CA PHE C 100 9.16 10.33 29.19
C PHE C 100 9.45 11.65 29.88
N VAL C 101 9.96 11.58 31.10
CA VAL C 101 10.10 12.74 31.96
C VAL C 101 11.57 12.93 32.27
N PHE C 102 12.07 14.13 32.01
CA PHE C 102 13.44 14.51 32.36
C PHE C 102 13.45 15.19 33.71
N GLY C 103 14.58 15.13 34.38
CA GLY C 103 14.77 15.81 35.63
C GLY C 103 14.92 17.31 35.43
N THR C 104 14.83 18.03 36.55
CA THR C 104 14.98 19.48 36.52
C THR C 104 16.40 19.91 36.16
N GLY C 105 17.40 19.14 36.54
CA GLY C 105 18.78 19.42 36.19
C GLY C 105 19.55 20.08 37.31
N THR C 106 20.80 19.65 37.46
CA THR C 106 21.66 20.13 38.52
C THR C 106 22.99 20.56 37.91
N LYS C 107 23.66 21.48 38.59
CA LYS C 107 24.96 21.97 38.13
C LYS C 107 26.02 21.62 39.16
N VAL C 108 27.09 20.98 38.70
CA VAL C 108 28.23 20.63 39.54
C VAL C 108 29.32 21.66 39.28
N THR C 109 29.77 22.35 40.33
CA THR C 109 30.62 23.51 40.16
C THR C 109 32.09 23.26 40.47
N VAL C 110 32.40 22.36 41.41
CA VAL C 110 33.76 22.08 41.86
C VAL C 110 34.40 23.32 42.51
N GLN D 1 31.90 6.58 15.07
CA GLN D 1 31.39 6.31 13.72
C GLN D 1 29.92 6.70 13.62
N VAL D 2 29.19 6.57 14.73
CA VAL D 2 27.77 6.93 14.76
C VAL D 2 27.66 8.45 14.81
N GLN D 3 27.01 9.03 13.80
CA GLN D 3 26.93 10.48 13.68
C GLN D 3 25.49 10.91 13.40
N LEU D 4 25.04 11.92 14.13
CA LEU D 4 23.75 12.56 13.87
C LEU D 4 24.02 14.04 13.68
N VAL D 5 23.70 14.56 12.50
CA VAL D 5 23.92 15.96 12.17
C VAL D 5 22.57 16.59 11.89
N GLN D 6 22.37 17.80 12.38
CA GLN D 6 21.08 18.46 12.28
C GLN D 6 21.19 19.75 11.47
N SER D 7 20.04 20.18 10.96
CA SER D 7 19.94 21.39 10.18
C SER D 7 18.49 21.85 10.18
N GLY D 8 18.27 23.08 9.76
CA GLY D 8 16.93 23.59 9.55
C GLY D 8 16.40 24.57 10.57
N GLY D 9 17.22 25.05 11.49
CA GLY D 9 16.78 25.99 12.50
C GLY D 9 16.81 27.42 11.99
N GLY D 10 16.52 28.33 12.90
CA GLY D 10 16.58 29.74 12.58
C GLY D 10 15.49 30.50 13.29
N VAL D 11 15.27 31.72 12.84
CA VAL D 11 14.29 32.62 13.43
C VAL D 11 13.01 32.51 12.62
N VAL D 12 11.90 32.23 13.30
CA VAL D 12 10.60 32.04 12.67
C VAL D 12 9.58 32.94 13.36
N GLN D 13 8.83 33.70 12.57
CA GLN D 13 7.78 34.53 13.15
C GLN D 13 6.68 33.63 13.73
N PRO D 14 6.06 34.03 14.83
CA PRO D 14 5.01 33.20 15.43
C PRO D 14 3.86 32.99 14.44
N GLY D 15 3.31 31.78 14.45
CA GLY D 15 2.30 31.41 13.50
C GLY D 15 2.81 30.82 12.21
N ARG D 16 4.12 30.87 11.98
CA ARG D 16 4.72 30.25 10.81
C ARG D 16 5.22 28.85 11.17
N SER D 17 5.49 28.06 10.14
CA SER D 17 5.94 26.69 10.32
C SER D 17 7.43 26.57 10.04
N LEU D 18 8.03 25.51 10.58
CA LEU D 18 9.45 25.25 10.42
C LEU D 18 9.69 23.75 10.55
N ARG D 19 10.63 23.23 9.77
CA ARG D 19 10.92 21.80 9.72
C ARG D 19 12.37 21.57 10.12
N LEU D 20 12.59 20.67 11.07
CA LEU D 20 13.92 20.28 11.48
C LEU D 20 14.23 18.88 10.99
N SER D 21 15.45 18.67 10.53
CA SER D 21 15.84 17.37 9.99
C SER D 21 17.15 16.94 10.63
N CYS D 22 17.36 15.62 10.66
CA CYS D 22 18.47 15.01 11.37
C CYS D 22 18.98 13.83 10.57
N VAL D 23 20.06 14.04 9.82
CA VAL D 23 20.60 13.04 8.91
C VAL D 23 21.66 12.22 9.63
N THR D 24 21.52 10.91 9.60
CA THR D 24 22.33 10.01 10.40
C THR D 24 23.28 9.23 9.51
N SER D 25 24.33 8.68 10.12
CA SER D 25 25.23 7.79 9.40
C SER D 25 26.00 6.96 10.42
N GLY D 26 26.48 5.81 9.96
CA GLY D 26 27.29 4.92 10.77
C GLY D 26 26.55 3.76 11.40
N PHE D 27 25.23 3.68 11.26
CA PHE D 27 24.48 2.60 11.88
C PHE D 27 23.27 2.27 11.00
N THR D 28 22.57 1.20 11.40
CA THR D 28 21.39 0.72 10.67
C THR D 28 20.19 1.54 11.13
N PHE D 29 19.98 2.67 10.47
CA PHE D 29 18.94 3.62 10.86
C PHE D 29 17.53 3.03 10.87
N PRO D 30 17.11 2.21 9.89
CA PRO D 30 15.76 1.64 9.95
C PRO D 30 15.50 0.78 11.17
N ALA D 31 16.54 0.40 11.88
CA ALA D 31 16.40 -0.47 13.04
C ALA D 31 16.32 0.29 14.35
N PHE D 32 16.29 1.61 14.34
CA PHE D 32 16.31 2.40 15.57
C PHE D 32 15.19 3.42 15.58
N GLY D 33 14.52 3.54 16.72
CA GLY D 33 13.54 4.59 16.94
C GLY D 33 14.23 5.77 17.58
N MET D 34 13.80 6.97 17.21
CA MET D 34 14.50 8.19 17.58
C MET D 34 13.56 9.12 18.34
N HIS D 35 14.14 10.05 19.07
CA HIS D 35 13.39 11.04 19.82
C HIS D 35 13.77 12.44 19.37
N TRP D 36 12.94 13.41 19.71
CA TRP D 36 13.31 14.81 19.67
C TRP D 36 13.21 15.38 21.08
N VAL D 37 14.23 16.12 21.49
CA VAL D 37 14.27 16.68 22.83
C VAL D 37 14.57 18.18 22.71
N ARG D 38 13.87 18.98 23.49
CA ARG D 38 13.90 20.42 23.40
C ARG D 38 14.41 21.00 24.72
N GLN D 39 15.26 22.03 24.64
CA GLN D 39 15.81 22.65 25.84
C GLN D 39 15.67 24.16 25.72
N ALA D 40 14.72 24.74 26.43
CA ALA D 40 14.52 26.18 26.38
C ALA D 40 15.75 26.89 26.95
N PRO D 41 16.07 28.07 26.40
CA PRO D 41 17.36 28.70 26.74
C PRO D 41 17.46 29.05 28.21
N GLY D 42 18.32 28.33 28.93
CA GLY D 42 18.44 28.49 30.37
C GLY D 42 17.56 27.59 31.20
N LYS D 43 16.97 26.56 30.60
CA LYS D 43 16.12 25.63 31.32
C LYS D 43 16.59 24.20 31.06
N GLY D 44 15.96 23.26 31.76
CA GLY D 44 16.29 21.86 31.61
C GLY D 44 15.62 21.23 30.41
N LEU D 45 16.07 20.03 30.07
CA LEU D 45 15.56 19.32 28.92
C LEU D 45 14.11 18.92 29.12
N GLU D 46 13.39 18.78 28.01
CA GLU D 46 12.04 18.26 28.03
C GLU D 46 11.77 17.50 26.74
N TRP D 47 10.86 16.56 26.80
CA TRP D 47 10.63 15.63 25.70
C TRP D 47 9.65 16.22 24.71
N VAL D 48 9.81 15.85 23.43
CA VAL D 48 8.97 16.37 22.36
C VAL D 48 8.22 15.26 21.63
N ALA D 49 8.93 14.29 21.08
CA ALA D 49 8.27 13.26 20.29
C ALA D 49 9.12 12.00 20.27
N VAL D 50 8.49 10.90 19.89
CA VAL D 50 9.16 9.62 19.69
C VAL D 50 8.55 8.94 18.48
N ILE D 51 9.36 8.21 17.71
CA ILE D 51 8.89 7.51 16.53
C ILE D 51 9.46 6.10 16.54
N TRP D 52 8.63 5.12 16.19
CA TRP D 52 9.08 3.74 16.11
C TRP D 52 10.03 3.56 14.95
N TYR D 53 10.68 2.39 14.91
CA TYR D 53 11.69 2.15 13.89
C TYR D 53 11.09 2.19 12.49
N ASP D 54 9.96 1.54 12.29
CA ASP D 54 9.33 1.54 10.98
C ASP D 54 8.60 2.85 10.71
N GLY D 55 8.24 3.57 11.76
CA GLY D 55 7.51 4.81 11.65
C GLY D 55 6.02 4.68 11.86
N SER D 56 5.54 3.52 12.29
CA SER D 56 4.10 3.33 12.44
C SER D 56 3.57 4.04 13.67
N LYS D 57 4.28 3.96 14.79
CA LYS D 57 3.78 4.44 16.07
C LYS D 57 4.56 5.68 16.50
N LYS D 58 3.87 6.79 16.68
CA LYS D 58 4.47 8.05 17.10
C LYS D 58 3.72 8.58 18.31
N TYR D 59 4.44 9.22 19.22
CA TYR D 59 3.84 9.78 20.42
C TYR D 59 4.47 11.12 20.72
N TYR D 60 3.63 12.10 21.04
CA TYR D 60 4.07 13.48 21.21
C TYR D 60 3.84 13.93 22.64
N ALA D 61 4.65 14.87 23.09
CA ALA D 61 4.39 15.50 24.37
C ALA D 61 3.10 16.31 24.26
N ASP D 62 2.48 16.57 25.41
CA ASP D 62 1.21 17.29 25.39
C ASP D 62 1.39 18.69 24.83
N SER D 63 2.45 19.38 25.24
CA SER D 63 2.62 20.79 24.91
C SER D 63 2.83 21.04 23.43
N VAL D 64 3.13 20.02 22.64
CA VAL D 64 3.42 20.18 21.22
C VAL D 64 2.52 19.34 20.34
N ARG D 65 1.45 18.76 20.88
CA ARG D 65 0.68 17.81 20.10
C ARG D 65 -0.41 18.50 19.30
N GLY D 66 -0.57 18.09 18.06
CA GLY D 66 -1.48 18.72 17.13
C GLY D 66 -0.85 19.79 16.28
N ARG D 67 0.31 20.30 16.69
CA ARG D 67 1.06 21.28 15.91
C ARG D 67 2.30 20.67 15.29
N PHE D 68 3.02 19.83 16.03
CA PHE D 68 4.21 19.18 15.54
C PHE D 68 3.85 17.86 14.88
N THR D 69 4.77 17.38 14.04
CA THR D 69 4.63 16.06 13.42
C THR D 69 6.01 15.49 13.19
N ILE D 70 6.27 14.32 13.76
CA ILE D 70 7.55 13.64 13.63
C ILE D 70 7.40 12.57 12.55
N SER D 71 8.45 12.37 11.78
CA SER D 71 8.44 11.35 10.75
C SER D 71 9.88 10.98 10.42
N ARG D 72 10.03 9.98 9.56
CA ARG D 72 11.33 9.52 9.12
C ARG D 72 11.24 9.10 7.67
N ASP D 73 12.23 9.48 6.87
CA ASP D 73 12.32 8.99 5.49
C ASP D 73 13.39 7.91 5.51
N ASN D 74 12.94 6.66 5.57
CA ASN D 74 13.78 5.59 6.07
C ASN D 74 14.87 5.18 5.11
N SER D 75 14.69 5.44 3.81
CA SER D 75 15.62 4.90 2.83
C SER D 75 16.86 5.77 2.63
N ARG D 76 16.96 6.90 3.33
CA ARG D 76 18.14 7.75 3.21
C ARG D 76 18.56 8.34 4.56
N ASN D 77 18.24 7.66 5.66
CA ASN D 77 18.74 8.01 6.99
C ASN D 77 18.40 9.45 7.35
N THR D 78 17.11 9.80 7.36
CA THR D 78 16.69 11.15 7.71
C THR D 78 15.51 11.10 8.66
N LEU D 79 15.60 11.88 9.73
CA LEU D 79 14.53 12.02 10.71
C LEU D 79 14.08 13.48 10.71
N TYR D 80 12.77 13.69 10.62
CA TYR D 80 12.23 15.03 10.49
C TYR D 80 11.35 15.37 11.68
N LEU D 81 11.16 16.67 11.90
CA LEU D 81 10.17 17.19 12.85
C LEU D 81 9.54 18.42 12.24
N GLN D 82 8.32 18.29 11.75
CA GLN D 82 7.59 19.39 11.15
C GLN D 82 6.80 20.10 12.25
N MET D 83 7.11 21.36 12.48
CA MET D 83 6.43 22.14 13.51
C MET D 83 5.59 23.24 12.87
N HIS D 84 4.29 23.19 13.11
CA HIS D 84 3.35 24.17 12.62
C HIS D 84 2.84 25.02 13.78
N SER D 85 2.24 26.15 13.44
CA SER D 85 1.65 27.06 14.42
C SER D 85 2.64 27.37 15.54
N LEU D 86 3.86 27.72 15.14
CA LEU D 86 4.94 27.92 16.09
C LEU D 86 4.65 29.08 17.02
N ARG D 87 4.38 28.78 18.28
CA ARG D 87 4.17 29.83 19.27
C ARG D 87 5.50 30.30 19.82
N ALA D 88 5.46 31.34 20.64
CA ALA D 88 6.65 31.85 21.29
C ALA D 88 7.15 30.92 22.39
N GLU D 89 6.32 30.00 22.88
CA GLU D 89 6.78 29.02 23.85
C GLU D 89 7.76 28.03 23.24
N ASP D 90 7.58 27.71 21.96
CA ASP D 90 8.42 26.74 21.27
C ASP D 90 9.72 27.34 20.78
N THR D 91 10.46 28.04 21.64
CA THR D 91 11.79 28.52 21.32
C THR D 91 12.79 27.80 22.21
N ALA D 92 13.73 27.10 21.59
CA ALA D 92 14.63 26.23 22.32
C ALA D 92 15.62 25.63 21.34
N VAL D 93 16.56 24.87 21.89
CA VAL D 93 17.48 24.07 21.10
C VAL D 93 16.90 22.67 21.01
N TYR D 94 16.77 22.16 19.79
CA TYR D 94 16.12 20.87 19.55
C TYR D 94 17.17 19.82 19.26
N TYR D 95 17.15 18.73 20.03
CA TYR D 95 18.13 17.66 19.89
C TYR D 95 17.50 16.43 19.28
N CYS D 96 18.27 15.76 18.46
CA CYS D 96 17.88 14.52 17.81
C CYS D 96 18.57 13.37 18.53
N ALA D 97 17.77 12.41 19.01
CA ALA D 97 18.30 11.39 19.89
C ALA D 97 18.05 10.02 19.29
N ARG D 98 18.81 9.03 19.76
CA ARG D 98 18.70 7.66 19.30
C ARG D 98 18.47 6.75 20.49
N VAL D 99 17.51 5.83 20.37
CA VAL D 99 17.18 4.93 21.47
C VAL D 99 18.20 3.80 21.52
N LYS D 100 18.82 3.63 22.67
CA LYS D 100 19.85 2.61 22.84
C LYS D 100 19.23 1.23 22.98
N ASN D 101 19.92 0.24 22.41
CA ASN D 101 19.47 -1.15 22.45
C ASN D 101 19.99 -1.78 23.73
N TYR D 102 19.12 -1.96 24.72
CA TYR D 102 19.48 -2.65 25.94
C TYR D 102 18.25 -3.34 26.51
N GLU D 103 18.49 -4.37 27.29
CA GLU D 103 17.43 -5.19 27.87
C GLU D 103 17.51 -5.12 29.38
N SER D 104 16.36 -4.91 30.03
CA SER D 104 16.31 -4.86 31.48
C SER D 104 14.90 -5.19 31.93
N SER D 105 14.76 -5.51 33.21
CA SER D 105 13.44 -5.78 33.76
C SER D 105 12.58 -4.52 33.76
N GLY D 106 13.17 -3.38 34.09
CA GLY D 106 12.46 -2.13 34.17
C GLY D 106 12.75 -1.21 33.00
N TYR D 107 12.69 -1.76 31.79
CA TYR D 107 13.07 -1.03 30.58
C TYR D 107 12.34 0.30 30.47
N SER D 108 13.11 1.38 30.36
CA SER D 108 12.59 2.69 30.00
C SER D 108 13.58 3.34 29.05
N GLN D 109 13.06 3.81 27.91
CA GLN D 109 13.90 4.14 26.76
C GLN D 109 14.95 5.18 27.11
N CYS D 110 16.18 4.93 26.66
CA CYS D 110 17.30 5.83 26.92
C CYS D 110 17.92 6.26 25.59
N LEU D 111 18.44 7.47 25.57
CA LEU D 111 18.92 8.11 24.36
C LEU D 111 20.44 8.19 24.42
N ASP D 112 21.12 7.33 23.67
CA ASP D 112 22.56 7.20 23.85
C ASP D 112 23.37 8.13 22.95
N TYR D 113 22.94 8.33 21.71
CA TYR D 113 23.61 9.26 20.80
C TYR D 113 22.69 10.41 20.47
N TRP D 114 23.19 11.63 20.62
CA TRP D 114 22.40 12.84 20.46
C TRP D 114 22.95 13.67 19.31
N GLY D 115 22.09 14.48 18.72
CA GLY D 115 22.50 15.38 17.66
C GLY D 115 23.29 16.56 18.18
N GLN D 116 23.70 17.41 17.25
CA GLN D 116 24.53 18.55 17.61
C GLN D 116 23.76 19.62 18.38
N GLY D 117 22.50 19.84 18.02
CA GLY D 117 21.72 20.89 18.63
C GLY D 117 21.43 22.03 17.67
N VAL D 118 20.16 22.28 17.41
CA VAL D 118 19.71 23.28 16.45
C VAL D 118 18.78 24.25 17.16
N LEU D 119 19.03 25.55 16.99
CA LEU D 119 18.30 26.57 17.73
C LEU D 119 17.13 27.08 16.89
N VAL D 120 15.93 27.01 17.45
CA VAL D 120 14.73 27.54 16.83
C VAL D 120 14.25 28.71 17.69
N THR D 121 14.23 29.90 17.11
CA THR D 121 13.83 31.11 17.80
C THR D 121 12.55 31.64 17.18
N VAL D 122 11.49 31.70 17.98
CA VAL D 122 10.22 32.23 17.52
C VAL D 122 10.07 33.63 18.07
N ALA D 123 10.27 34.64 17.23
CA ALA D 123 10.30 36.02 17.67
C ALA D 123 9.64 36.91 16.63
N SER D 124 9.14 38.04 17.12
CA SER D 124 8.49 39.08 16.30
C SER D 124 7.43 38.52 15.37
N VAL E 3 -25.66 -4.84 39.21
CA VAL E 3 -25.48 -6.28 39.23
C VAL E 3 -24.73 -6.67 40.50
N LEU E 4 -23.86 -5.78 40.97
CA LEU E 4 -23.14 -5.97 42.22
C LEU E 4 -23.98 -5.40 43.36
N THR E 5 -24.04 -6.14 44.47
CA THR E 5 -24.90 -5.80 45.59
C THR E 5 -24.07 -5.25 46.74
N GLN E 6 -24.49 -4.12 47.28
CA GLN E 6 -23.87 -3.45 48.42
C GLN E 6 -24.92 -3.15 49.47
N PRO E 7 -24.53 -3.00 50.72
CA PRO E 7 -25.47 -2.54 51.75
C PRO E 7 -25.96 -1.14 51.42
N PRO E 8 -27.17 -0.77 51.84
CA PRO E 8 -27.67 0.57 51.51
C PRO E 8 -26.90 1.68 52.19
N SER E 9 -26.49 1.47 53.44
CA SER E 9 -25.71 2.47 54.15
C SER E 9 -25.02 1.82 55.33
N VAL E 10 -23.93 2.45 55.78
CA VAL E 10 -23.21 2.02 56.97
C VAL E 10 -22.92 3.27 57.80
N SER E 11 -22.60 3.04 59.07
CA SER E 11 -22.32 4.12 59.99
C SER E 11 -21.35 3.62 61.05
N GLY E 12 -20.83 4.56 61.84
CA GLY E 12 -19.96 4.22 62.93
C GLY E 12 -19.38 5.43 63.61
N ALA E 13 -19.17 5.34 64.92
CA ALA E 13 -18.60 6.46 65.65
C ALA E 13 -17.18 6.73 65.17
N PRO E 14 -16.76 8.00 65.14
CA PRO E 14 -15.41 8.32 64.69
C PRO E 14 -14.36 7.60 65.54
N GLY E 15 -13.34 7.08 64.88
CA GLY E 15 -12.32 6.28 65.50
C GLY E 15 -12.50 4.79 65.35
N GLN E 16 -13.70 4.34 64.99
CA GLN E 16 -13.97 2.91 64.86
C GLN E 16 -13.89 2.48 63.40
N ARG E 17 -13.77 1.17 63.21
CA ARG E 17 -13.59 0.57 61.89
C ARG E 17 -14.94 0.14 61.34
N VAL E 18 -15.15 0.41 60.05
CA VAL E 18 -16.39 0.06 59.36
C VAL E 18 -16.03 -0.66 58.07
N THR E 19 -16.83 -1.67 57.74
CA THR E 19 -16.59 -2.48 56.55
C THR E 19 -17.78 -2.37 55.61
N ILE E 20 -17.47 -2.21 54.32
CA ILE E 20 -18.47 -2.11 53.27
C ILE E 20 -18.28 -3.31 52.35
N SER E 21 -19.34 -4.09 52.18
CA SER E 21 -19.27 -5.32 51.42
C SER E 21 -19.70 -5.09 49.98
N CYS E 22 -19.32 -6.02 49.12
CA CYS E 22 -19.71 -6.02 47.71
C CYS E 22 -19.77 -7.47 47.26
N THR E 23 -20.98 -7.97 47.00
CA THR E 23 -21.19 -9.35 46.60
C THR E 23 -21.53 -9.39 45.12
N GLY E 24 -20.82 -10.24 44.38
CA GLY E 24 -21.07 -10.40 42.96
C GLY E 24 -21.41 -11.82 42.58
N SER E 25 -21.54 -12.09 41.29
CA SER E 25 -21.89 -13.40 40.78
C SER E 25 -20.62 -14.17 40.45
N SER E 26 -20.81 -15.31 39.76
CA SER E 26 -19.67 -16.10 39.32
C SER E 26 -18.92 -15.45 38.17
N SER E 27 -19.62 -14.67 37.33
CA SER E 27 -18.99 -14.02 36.19
C SER E 27 -18.46 -12.62 36.51
N ASN E 28 -18.72 -12.11 37.72
CA ASN E 28 -18.24 -10.80 38.12
C ASN E 28 -17.06 -10.92 39.08
N ILE E 29 -17.13 -11.84 40.03
CA ILE E 29 -16.03 -12.01 40.98
C ILE E 29 -15.38 -13.37 40.82
N GLY E 30 -16.19 -14.42 40.68
CA GLY E 30 -15.68 -15.77 40.54
C GLY E 30 -14.89 -16.01 39.29
N ALA E 31 -15.00 -15.12 38.30
CA ALA E 31 -14.12 -15.19 37.13
C ALA E 31 -12.77 -14.56 37.40
N GLY E 32 -12.57 -13.98 38.57
CA GLY E 32 -11.26 -13.47 38.96
C GLY E 32 -10.99 -12.03 38.60
N TYR E 33 -12.01 -11.25 38.27
CA TYR E 33 -11.85 -9.87 37.85
C TYR E 33 -11.75 -8.99 39.09
N ASP E 34 -10.71 -8.17 39.18
CA ASP E 34 -10.55 -7.30 40.33
C ASP E 34 -11.70 -6.30 40.41
N VAL E 35 -11.92 -5.77 41.60
CA VAL E 35 -12.94 -4.76 41.82
C VAL E 35 -12.22 -3.47 42.19
N HIS E 36 -12.79 -2.35 41.75
CA HIS E 36 -12.26 -1.04 42.11
C HIS E 36 -13.31 -0.26 42.88
N TRP E 37 -12.85 0.61 43.76
CA TRP E 37 -13.73 1.34 44.66
C TRP E 37 -13.53 2.83 44.49
N TYR E 38 -14.62 3.57 44.37
CA TYR E 38 -14.58 5.00 44.15
C TYR E 38 -15.31 5.73 45.27
N GLN E 39 -14.79 6.91 45.61
CA GLN E 39 -15.36 7.73 46.69
C GLN E 39 -16.06 8.93 46.07
N GLN E 40 -17.37 9.00 46.27
CA GLN E 40 -18.21 10.05 45.70
C GLN E 40 -18.70 10.97 46.81
N LEU E 41 -18.20 12.21 46.81
CA LEU E 41 -18.72 13.26 47.67
C LEU E 41 -19.94 13.89 47.03
N PRO E 42 -20.67 14.74 47.76
CA PRO E 42 -21.71 15.54 47.12
C PRO E 42 -21.14 16.37 45.98
N GLY E 43 -21.81 16.34 44.84
CA GLY E 43 -21.20 16.86 43.63
C GLY E 43 -19.92 16.08 43.37
N THR E 44 -18.83 16.80 43.10
CA THR E 44 -17.49 16.27 43.32
C THR E 44 -17.27 14.88 42.73
N ALA E 45 -17.25 14.77 41.40
CA ALA E 45 -17.16 13.53 40.64
C ALA E 45 -16.26 12.49 41.32
N PRO E 46 -16.64 11.22 41.29
CA PRO E 46 -15.95 10.22 42.11
C PRO E 46 -14.49 10.09 41.74
N LYS E 47 -13.68 9.80 42.73
CA LYS E 47 -12.25 9.60 42.54
C LYS E 47 -11.89 8.18 42.94
N LEU E 48 -10.88 7.63 42.27
CA LEU E 48 -10.45 6.27 42.56
C LEU E 48 -9.92 6.18 43.99
N LEU E 49 -10.31 5.11 44.68
CA LEU E 49 -9.90 4.87 46.06
C LEU E 49 -9.03 3.63 46.19
N ILE E 50 -9.47 2.51 45.61
CA ILE E 50 -8.76 1.24 45.70
C ILE E 50 -8.96 0.49 44.39
N TYR E 51 -7.87 -0.02 43.82
CA TYR E 51 -7.92 -0.74 42.56
C TYR E 51 -7.26 -2.10 42.70
N GLY E 52 -7.70 -3.04 41.87
CA GLY E 52 -7.10 -4.35 41.83
C GLY E 52 -7.15 -5.12 43.15
N ASN E 53 -8.28 -5.07 43.85
CA ASN E 53 -8.45 -5.79 45.11
C ASN E 53 -7.44 -5.35 46.17
N GLY E 54 -7.41 -4.06 46.46
CA GLY E 54 -6.67 -3.57 47.62
C GLY E 54 -5.44 -2.74 47.31
N ASN E 55 -5.00 -2.63 46.06
CA ASN E 55 -3.85 -1.81 45.73
C ASN E 55 -4.25 -0.36 45.92
N ARG E 56 -3.57 0.35 46.81
CA ARG E 56 -3.95 1.70 47.15
C ARG E 56 -3.17 2.70 46.30
N PRO E 57 -3.83 3.52 45.49
CA PRO E 57 -3.10 4.53 44.71
C PRO E 57 -2.58 5.66 45.59
N SER E 58 -1.55 6.32 45.10
CA SER E 58 -0.91 7.38 45.86
C SER E 58 -1.87 8.54 46.07
N GLY E 59 -1.74 9.19 47.24
CA GLY E 59 -2.62 10.27 47.63
C GLY E 59 -3.83 9.83 48.44
N VAL E 60 -4.06 8.53 48.54
CA VAL E 60 -5.17 7.99 49.33
C VAL E 60 -4.60 7.52 50.67
N PRO E 61 -5.19 7.93 51.79
CA PRO E 61 -4.63 7.54 53.09
C PRO E 61 -4.69 6.05 53.32
N ASP E 62 -3.77 5.57 54.16
CA ASP E 62 -3.64 4.14 54.44
C ASP E 62 -4.82 3.59 55.24
N ARG E 63 -5.70 4.44 55.76
CA ARG E 63 -6.84 3.96 56.53
C ARG E 63 -7.82 3.16 55.69
N PHE E 64 -7.70 3.23 54.36
CA PHE E 64 -8.54 2.45 53.46
C PHE E 64 -7.80 1.20 53.04
N SER E 65 -8.51 0.07 53.06
CA SER E 65 -7.92 -1.20 52.64
C SER E 65 -9.03 -2.08 52.10
N GLY E 66 -8.64 -3.17 51.45
CA GLY E 66 -9.61 -4.08 50.89
C GLY E 66 -9.05 -5.48 50.79
N SER E 67 -9.96 -6.44 50.68
CA SER E 67 -9.57 -7.85 50.57
C SER E 67 -10.67 -8.59 49.85
N LYS E 68 -10.29 -9.62 49.11
CA LYS E 68 -11.23 -10.42 48.33
C LYS E 68 -11.34 -11.82 48.95
N SER E 69 -12.56 -12.30 49.04
CA SER E 69 -12.82 -13.62 49.62
C SER E 69 -14.00 -14.26 48.90
N GLY E 70 -13.73 -15.33 48.19
CA GLY E 70 -14.80 -16.03 47.49
C GLY E 70 -15.40 -15.15 46.40
N THR E 71 -16.72 -14.93 46.50
CA THR E 71 -17.44 -14.11 45.53
C THR E 71 -17.83 -12.75 46.09
N SER E 72 -17.24 -12.34 47.21
CA SER E 72 -17.53 -11.05 47.79
C SER E 72 -16.23 -10.34 48.11
N VAL E 73 -16.24 -9.02 47.96
CA VAL E 73 -15.08 -8.19 48.26
C VAL E 73 -15.51 -7.11 49.23
N SER E 74 -14.59 -6.59 50.02
CA SER E 74 -14.95 -5.60 51.01
C SER E 74 -13.87 -4.51 51.04
N LEU E 75 -14.28 -3.33 51.48
CA LEU E 75 -13.39 -2.19 51.65
C LEU E 75 -13.46 -1.76 53.11
N ALA E 76 -12.43 -2.09 53.87
CA ALA E 76 -12.40 -1.77 55.29
C ALA E 76 -11.84 -0.37 55.48
N ILE E 77 -12.55 0.45 56.25
CA ILE E 77 -12.10 1.80 56.59
C ILE E 77 -11.79 1.80 58.08
N THR E 78 -10.66 2.40 58.44
CA THR E 78 -10.33 2.64 59.83
C THR E 78 -10.31 4.14 60.10
N GLY E 79 -10.46 4.49 61.38
CA GLY E 79 -10.51 5.89 61.75
C GLY E 79 -11.89 6.49 61.54
N LEU E 80 -12.34 6.53 60.29
CA LEU E 80 -13.70 6.95 59.96
C LEU E 80 -13.98 8.36 60.49
N GLN E 81 -13.23 9.33 59.97
CA GLN E 81 -13.41 10.72 60.34
C GLN E 81 -14.54 11.35 59.54
N ALA E 82 -14.70 12.67 59.69
CA ALA E 82 -15.74 13.39 58.96
C ALA E 82 -15.41 13.46 57.47
N GLU E 83 -14.14 13.49 57.11
CA GLU E 83 -13.77 13.60 55.70
C GLU E 83 -14.17 12.37 54.89
N ASP E 84 -14.57 11.29 55.55
CA ASP E 84 -14.89 10.05 54.87
C ASP E 84 -16.38 9.87 54.60
N GLU E 85 -17.22 10.85 54.92
CA GLU E 85 -18.63 10.73 54.58
C GLU E 85 -18.81 10.91 53.08
N ALA E 86 -19.12 9.82 52.39
CA ALA E 86 -19.26 9.84 50.94
C ALA E 86 -19.88 8.53 50.49
N ASP E 87 -20.16 8.45 49.20
CA ASP E 87 -20.74 7.25 48.61
C ASP E 87 -19.63 6.42 47.96
N TYR E 88 -19.57 5.14 48.29
CA TYR E 88 -18.52 4.26 47.82
C TYR E 88 -19.10 3.23 46.87
N TYR E 89 -18.55 3.17 45.66
CA TYR E 89 -19.09 2.35 44.58
C TYR E 89 -18.10 1.27 44.21
N CYS E 90 -18.61 0.10 43.86
CA CYS E 90 -17.75 -0.94 43.30
C CYS E 90 -17.65 -0.76 41.80
N GLN E 91 -16.81 -1.59 41.17
CA GLN E 91 -16.73 -1.64 39.72
C GLN E 91 -15.96 -2.88 39.33
N SER E 92 -16.38 -3.53 38.25
CA SER E 92 -15.73 -4.73 37.77
C SER E 92 -16.17 -4.96 36.34
N TYR E 93 -15.90 -6.15 35.83
CA TYR E 93 -16.31 -6.54 34.49
C TYR E 93 -17.14 -7.81 34.54
N ASP E 94 -18.24 -7.81 33.80
CA ASP E 94 -19.17 -8.94 33.72
C ASP E 94 -18.93 -9.66 32.41
N SER E 95 -18.51 -10.92 32.49
CA SER E 95 -18.29 -11.69 31.26
C SER E 95 -19.61 -11.97 30.55
N SER E 96 -20.67 -12.27 31.31
CA SER E 96 -21.94 -12.65 30.70
C SER E 96 -22.57 -11.48 29.95
N LEU E 97 -22.69 -10.33 30.60
CA LEU E 97 -23.28 -9.17 29.94
C LEU E 97 -22.30 -8.52 28.98
N SER E 98 -21.01 -8.86 29.10
CA SER E 98 -19.94 -8.21 28.34
C SER E 98 -19.98 -6.70 28.55
N ALA E 99 -20.11 -6.28 29.81
CA ALA E 99 -20.20 -4.87 30.15
C ALA E 99 -19.71 -4.66 31.56
N PHE E 100 -19.18 -3.47 31.82
CA PHE E 100 -18.74 -3.11 33.17
C PHE E 100 -19.93 -2.82 34.06
N VAL E 101 -19.83 -3.26 35.32
CA VAL E 101 -20.93 -3.17 36.27
C VAL E 101 -20.46 -2.36 37.46
N PHE E 102 -21.34 -1.49 37.95
CA PHE E 102 -21.09 -0.69 39.14
C PHE E 102 -22.04 -1.14 40.24
N GLY E 103 -21.61 -0.94 41.48
CA GLY E 103 -22.44 -1.27 42.62
C GLY E 103 -23.46 -0.19 42.91
N THR E 104 -24.43 -0.55 43.75
CA THR E 104 -25.48 0.40 44.13
C THR E 104 -24.97 1.51 45.03
N GLY E 105 -23.78 1.36 45.60
CA GLY E 105 -23.17 2.41 46.37
C GLY E 105 -23.76 2.53 47.77
N THR E 106 -22.88 2.76 48.74
CA THR E 106 -23.27 2.87 50.14
C THR E 106 -22.89 4.25 50.64
N LYS E 107 -23.71 4.79 51.53
CA LYS E 107 -23.46 6.10 52.12
C LYS E 107 -22.88 5.92 53.52
N VAL E 108 -21.73 6.56 53.76
CA VAL E 108 -21.08 6.52 55.06
C VAL E 108 -21.44 7.81 55.79
N THR E 109 -22.02 7.68 56.99
CA THR E 109 -22.61 8.81 57.67
C THR E 109 -21.92 9.18 58.99
N VAL E 110 -20.99 8.36 59.46
CA VAL E 110 -20.30 8.52 60.76
C VAL E 110 -21.20 8.92 61.93
N GLN F 1 -1.79 18.15 37.59
CA GLN F 1 -1.31 18.37 36.24
C GLN F 1 -2.26 17.77 35.21
N VAL F 2 -2.83 16.62 35.56
CA VAL F 2 -3.80 15.96 34.69
C VAL F 2 -5.16 16.62 34.90
N GLN F 3 -5.75 17.11 33.83
CA GLN F 3 -7.03 17.80 33.89
C GLN F 3 -7.96 17.28 32.83
N LEU F 4 -9.21 17.03 33.19
CA LEU F 4 -10.26 16.67 32.25
C LEU F 4 -11.44 17.60 32.47
N VAL F 5 -11.69 18.48 31.51
CA VAL F 5 -12.78 19.44 31.60
C VAL F 5 -13.85 19.02 30.60
N GLN F 6 -15.10 19.34 30.91
CA GLN F 6 -16.22 18.95 30.07
C GLN F 6 -17.09 20.16 29.77
N SER F 7 -17.83 20.06 28.68
CA SER F 7 -18.79 21.07 28.29
C SER F 7 -19.83 20.42 27.39
N GLY F 8 -21.03 21.00 27.39
CA GLY F 8 -22.11 20.52 26.56
C GLY F 8 -23.38 20.10 27.27
N GLY F 9 -23.60 20.56 28.50
CA GLY F 9 -24.80 20.24 29.21
C GLY F 9 -25.96 21.11 28.80
N GLY F 10 -27.07 20.95 29.52
CA GLY F 10 -28.23 21.78 29.31
C GLY F 10 -29.48 20.95 29.29
N VAL F 11 -30.56 21.56 28.80
CA VAL F 11 -31.86 20.92 28.72
C VAL F 11 -32.14 20.60 27.27
N VAL F 12 -32.49 19.35 26.98
CA VAL F 12 -32.75 18.87 25.64
C VAL F 12 -34.14 18.26 25.63
N GLN F 13 -34.98 18.69 24.68
CA GLN F 13 -36.29 18.10 24.53
C GLN F 13 -36.15 16.63 24.10
N PRO F 14 -37.00 15.74 24.59
CA PRO F 14 -36.89 14.33 24.21
C PRO F 14 -36.99 14.15 22.70
N GLY F 15 -36.17 13.23 22.18
CA GLY F 15 -36.08 13.01 20.76
C GLY F 15 -35.01 13.80 20.05
N ARG F 16 -34.50 14.85 20.68
CA ARG F 16 -33.43 15.64 20.09
C ARG F 16 -32.07 15.04 20.41
N SER F 17 -31.05 15.52 19.73
CA SER F 17 -29.69 15.05 19.91
C SER F 17 -28.86 16.06 20.70
N LEU F 18 -27.75 15.57 21.25
CA LEU F 18 -26.83 16.40 22.02
C LEU F 18 -25.47 15.74 21.98
N ARG F 19 -24.41 16.56 21.96
CA ARG F 19 -23.05 16.06 21.84
C ARG F 19 -22.24 16.57 23.02
N LEU F 20 -21.61 15.65 23.75
CA LEU F 20 -20.79 15.97 24.90
C LEU F 20 -19.31 15.81 24.58
N SER F 21 -18.51 16.76 25.04
CA SER F 21 -17.09 16.76 24.75
C SER F 21 -16.30 16.82 26.05
N CYS F 22 -15.06 16.32 25.99
CA CYS F 22 -14.19 16.20 27.14
C CYS F 22 -12.78 16.58 26.72
N VAL F 23 -12.37 17.81 27.04
CA VAL F 23 -11.06 18.32 26.65
C VAL F 23 -10.07 18.02 27.76
N THR F 24 -8.98 17.35 27.41
CA THR F 24 -8.01 16.88 28.38
C THR F 24 -6.68 17.59 28.20
N SER F 25 -5.90 17.65 29.26
CA SER F 25 -4.61 18.30 29.21
C SER F 25 -3.71 17.70 30.26
N GLY F 26 -2.40 17.78 30.00
CA GLY F 26 -1.41 17.34 30.95
C GLY F 26 -0.89 15.93 30.78
N PHE F 27 -1.40 15.18 29.81
CA PHE F 27 -0.94 13.81 29.61
C PHE F 27 -1.03 13.44 28.14
N THR F 28 -0.34 12.35 27.78
CA THR F 28 -0.34 11.83 26.43
C THR F 28 -1.69 11.17 26.16
N PHE F 29 -2.62 11.98 25.66
CA PHE F 29 -3.99 11.53 25.40
C PHE F 29 -4.08 10.36 24.43
N PRO F 30 -3.37 10.32 23.30
CA PRO F 30 -3.51 9.18 22.36
C PRO F 30 -3.12 7.83 22.93
N ALA F 31 -2.54 7.80 24.12
CA ALA F 31 -2.10 6.57 24.72
C ALA F 31 -3.10 5.99 25.71
N PHE F 32 -4.29 6.58 25.87
CA PHE F 32 -5.25 6.14 26.86
C PHE F 32 -6.63 5.94 26.25
N GLY F 33 -7.29 4.86 26.68
CA GLY F 33 -8.68 4.64 26.35
C GLY F 33 -9.55 5.30 27.40
N MET F 34 -10.74 5.71 27.00
CA MET F 34 -11.57 6.56 27.83
C MET F 34 -12.95 5.95 28.00
N HIS F 35 -13.60 6.31 29.11
CA HIS F 35 -14.93 5.85 29.44
C HIS F 35 -15.86 7.03 29.64
N TRP F 36 -17.15 6.79 29.41
CA TRP F 36 -18.20 7.70 29.82
C TRP F 36 -19.06 7.01 30.88
N VAL F 37 -19.29 7.69 31.99
CA VAL F 37 -20.06 7.14 33.09
C VAL F 37 -21.20 8.10 33.40
N ARG F 38 -22.42 7.56 33.50
CA ARG F 38 -23.63 8.32 33.71
C ARG F 38 -24.15 8.08 35.12
N GLN F 39 -24.54 9.16 35.80
CA GLN F 39 -25.05 9.06 37.16
C GLN F 39 -26.42 9.73 37.22
N ALA F 40 -27.47 8.94 37.26
CA ALA F 40 -28.81 9.48 37.37
C ALA F 40 -28.97 10.22 38.69
N PRO F 41 -29.79 11.28 38.73
CA PRO F 41 -29.88 12.10 39.94
C PRO F 41 -30.42 11.31 41.13
N GLY F 42 -29.57 11.08 42.12
CA GLY F 42 -29.92 10.27 43.27
C GLY F 42 -29.70 8.79 43.10
N LYS F 43 -29.27 8.34 41.92
CA LYS F 43 -29.03 6.93 41.67
C LYS F 43 -27.53 6.68 41.54
N GLY F 44 -27.18 5.41 41.40
CA GLY F 44 -25.79 5.02 41.32
C GLY F 44 -25.20 5.27 39.94
N LEU F 45 -23.90 5.04 39.84
CA LEU F 45 -23.20 5.16 38.57
C LEU F 45 -23.59 4.01 37.66
N GLU F 46 -23.47 4.23 36.36
CA GLU F 46 -23.68 3.19 35.38
C GLU F 46 -22.89 3.49 34.13
N TRP F 47 -22.32 2.44 33.55
CA TRP F 47 -21.38 2.56 32.45
C TRP F 47 -22.11 2.83 31.15
N VAL F 48 -21.47 3.58 30.25
CA VAL F 48 -22.07 4.00 28.99
C VAL F 48 -21.28 3.50 27.80
N ALA F 49 -19.99 3.84 27.71
CA ALA F 49 -19.21 3.47 26.55
C ALA F 49 -17.73 3.45 26.89
N VAL F 50 -16.95 2.78 26.04
CA VAL F 50 -15.50 2.76 26.11
C VAL F 50 -14.95 2.87 24.70
N ILE F 51 -13.87 3.63 24.55
CA ILE F 51 -13.19 3.76 23.26
C ILE F 51 -11.73 3.39 23.46
N TRP F 52 -11.19 2.59 22.54
CA TRP F 52 -9.79 2.24 22.57
C TRP F 52 -8.93 3.49 22.36
N TYR F 53 -7.63 3.33 22.60
CA TYR F 53 -6.72 4.47 22.53
C TYR F 53 -6.69 5.08 21.13
N ASP F 54 -6.63 4.24 20.09
CA ASP F 54 -6.65 4.75 18.74
C ASP F 54 -8.07 5.00 18.26
N GLY F 55 -9.05 4.33 18.88
CA GLY F 55 -10.44 4.51 18.54
C GLY F 55 -11.04 3.45 17.64
N SER F 56 -10.30 2.39 17.34
CA SER F 56 -10.82 1.36 16.46
C SER F 56 -12.01 0.63 17.09
N LYS F 57 -11.90 0.28 18.36
CA LYS F 57 -12.88 -0.57 19.01
C LYS F 57 -13.69 0.24 20.01
N LYS F 58 -15.01 0.29 19.80
CA LYS F 58 -15.91 1.04 20.66
C LYS F 58 -17.01 0.10 21.15
N TYR F 59 -17.14 0.00 22.47
CA TYR F 59 -18.12 -0.88 23.09
C TYR F 59 -19.05 -0.07 23.98
N TYR F 60 -20.35 -0.34 23.88
CA TYR F 60 -21.36 0.46 24.53
C TYR F 60 -22.15 -0.38 25.54
N ALA F 61 -22.94 0.31 26.36
CA ALA F 61 -23.87 -0.39 27.24
C ALA F 61 -25.06 -0.90 26.44
N ASP F 62 -25.83 -1.81 27.05
CA ASP F 62 -27.00 -2.34 26.36
C ASP F 62 -28.08 -1.27 26.22
N SER F 63 -28.24 -0.41 27.22
CA SER F 63 -29.32 0.57 27.23
C SER F 63 -29.09 1.73 26.27
N VAL F 64 -27.89 1.89 25.73
CA VAL F 64 -27.59 3.00 24.83
C VAL F 64 -27.01 2.54 23.50
N ARG F 65 -26.86 1.24 23.28
CA ARG F 65 -26.28 0.77 22.03
C ARG F 65 -27.19 1.14 20.86
N GLY F 66 -26.61 1.74 19.83
CA GLY F 66 -27.35 2.17 18.67
C GLY F 66 -27.90 3.57 18.75
N ARG F 67 -28.00 4.15 19.94
CA ARG F 67 -28.41 5.53 20.11
C ARG F 67 -27.24 6.45 20.41
N PHE F 68 -26.31 6.00 21.24
CA PHE F 68 -25.11 6.76 21.58
C PHE F 68 -23.93 6.26 20.76
N THR F 69 -23.01 7.18 20.48
CA THR F 69 -21.74 6.81 19.86
C THR F 69 -20.64 7.58 20.58
N ILE F 70 -19.46 6.96 20.67
CA ILE F 70 -18.31 7.55 21.34
C ILE F 70 -17.18 7.68 20.33
N SER F 71 -16.53 8.84 20.33
CA SER F 71 -15.47 9.11 19.39
C SER F 71 -14.47 10.05 20.02
N ARG F 72 -13.24 10.02 19.50
CA ARG F 72 -12.17 10.86 19.99
C ARG F 72 -11.53 11.54 18.80
N ASP F 73 -11.17 12.81 18.95
CA ASP F 73 -10.37 13.49 17.94
C ASP F 73 -8.98 13.62 18.54
N ASN F 74 -8.08 12.77 18.05
CA ASN F 74 -6.88 12.45 18.82
C ASN F 74 -5.85 13.57 18.77
N SER F 75 -5.99 14.50 17.83
CA SER F 75 -4.94 15.49 17.61
C SER F 75 -5.10 16.76 18.43
N ARG F 76 -6.18 16.91 19.20
CA ARG F 76 -6.31 18.07 20.05
C ARG F 76 -6.91 17.72 21.42
N ASN F 77 -6.79 16.45 21.82
CA ASN F 77 -7.10 16.02 23.19
C ASN F 77 -8.57 16.26 23.53
N THR F 78 -9.47 15.72 22.72
CA THR F 78 -10.90 15.90 22.95
C THR F 78 -11.64 14.60 22.71
N LEU F 79 -12.51 14.23 23.65
CA LEU F 79 -13.30 13.01 23.58
C LEU F 79 -14.78 13.35 23.48
N TYR F 80 -15.49 12.67 22.60
CA TYR F 80 -16.87 13.00 22.28
C TYR F 80 -17.81 11.84 22.60
N LEU F 81 -19.01 12.20 23.08
CA LEU F 81 -20.13 11.26 23.18
C LEU F 81 -21.34 11.91 22.52
N GLN F 82 -21.68 11.44 21.32
CA GLN F 82 -22.79 12.00 20.55
C GLN F 82 -24.06 11.23 20.89
N MET F 83 -25.00 11.90 21.54
CA MET F 83 -26.21 11.27 22.04
C MET F 83 -27.37 11.59 21.11
N HIS F 84 -27.97 10.56 20.52
CA HIS F 84 -29.10 10.71 19.62
C HIS F 84 -30.35 10.11 20.23
N SER F 85 -31.50 10.70 19.89
CA SER F 85 -32.80 10.23 20.35
C SER F 85 -32.84 10.13 21.87
N LEU F 86 -32.55 11.26 22.52
CA LEU F 86 -32.52 11.31 23.97
C LEU F 86 -33.89 11.06 24.58
N ARG F 87 -34.06 9.93 25.26
CA ARG F 87 -35.29 9.63 25.95
C ARG F 87 -35.27 10.26 27.35
N ALA F 88 -36.40 10.16 28.04
CA ALA F 88 -36.47 10.64 29.41
C ALA F 88 -35.68 9.78 30.37
N GLU F 89 -35.22 8.60 29.94
CA GLU F 89 -34.37 7.77 30.78
C GLU F 89 -32.94 8.30 30.85
N ASP F 90 -32.45 8.90 29.76
CA ASP F 90 -31.07 9.38 29.71
C ASP F 90 -30.89 10.76 30.30
N THR F 91 -31.42 11.02 31.49
CA THR F 91 -31.21 12.28 32.19
C THR F 91 -30.36 11.99 33.41
N ALA F 92 -29.17 12.62 33.47
CA ALA F 92 -28.19 12.26 34.46
C ALA F 92 -27.03 13.24 34.38
N VAL F 93 -26.03 13.01 35.23
CA VAL F 93 -24.76 13.70 35.15
C VAL F 93 -23.77 12.78 34.45
N TYR F 94 -23.14 13.26 33.39
CA TYR F 94 -22.23 12.45 32.59
C TYR F 94 -20.80 12.77 32.98
N TYR F 95 -20.00 11.73 33.21
CA TYR F 95 -18.61 11.88 33.60
C TYR F 95 -17.69 11.32 32.53
N CYS F 96 -16.53 11.96 32.38
CA CYS F 96 -15.51 11.55 31.46
C CYS F 96 -14.37 10.93 32.26
N ALA F 97 -14.05 9.67 31.97
CA ALA F 97 -13.10 8.94 32.81
C ALA F 97 -12.00 8.34 31.95
N ARG F 98 -10.86 8.08 32.59
CA ARG F 98 -9.66 7.62 31.91
C ARG F 98 -9.23 6.27 32.47
N VAL F 99 -8.78 5.37 31.60
CA VAL F 99 -8.38 4.04 32.01
C VAL F 99 -6.96 4.06 32.56
N LYS F 100 -6.80 3.66 33.81
CA LYS F 100 -5.50 3.70 34.47
C LYS F 100 -4.62 2.56 33.98
N ASN F 101 -3.32 2.83 33.88
CA ASN F 101 -2.34 1.87 33.38
C ASN F 101 -1.84 1.03 34.55
N TYR F 102 -2.28 -0.23 34.61
CA TYR F 102 -1.83 -1.15 35.65
C TYR F 102 -1.98 -2.58 35.14
N GLU F 103 -1.26 -3.49 35.77
CA GLU F 103 -1.19 -4.87 35.33
C GLU F 103 -1.58 -5.82 36.44
N SER F 104 -2.40 -6.81 36.11
CA SER F 104 -2.81 -7.84 37.06
C SER F 104 -3.28 -9.06 36.30
N SER F 105 -3.41 -10.17 37.01
CA SER F 105 -3.84 -11.42 36.38
C SER F 105 -5.27 -11.31 35.86
N GLY F 106 -6.16 -10.74 36.65
CA GLY F 106 -7.55 -10.63 36.28
C GLY F 106 -7.95 -9.22 35.91
N TYR F 107 -7.10 -8.57 35.11
CA TYR F 107 -7.24 -7.16 34.76
C TYR F 107 -8.68 -6.80 34.40
N SER F 108 -9.26 -5.89 35.17
CA SER F 108 -10.53 -5.28 34.85
C SER F 108 -10.37 -3.77 34.93
N GLN F 109 -10.81 -3.10 33.87
CA GLN F 109 -10.49 -1.71 33.64
C GLN F 109 -10.94 -0.81 34.79
N CYS F 110 -10.07 0.13 35.16
CA CYS F 110 -10.34 1.05 36.25
C CYS F 110 -10.14 2.48 35.78
N LEU F 111 -10.92 3.40 36.36
CA LEU F 111 -11.00 4.77 35.88
C LEU F 111 -10.40 5.70 36.92
N ASP F 112 -9.16 6.13 36.70
CA ASP F 112 -8.44 6.83 37.76
C ASP F 112 -8.74 8.32 37.80
N TYR F 113 -8.82 8.98 36.65
CA TYR F 113 -9.14 10.41 36.59
C TYR F 113 -10.50 10.62 35.94
N TRP F 114 -11.33 11.41 36.60
CA TRP F 114 -12.71 11.64 36.18
C TRP F 114 -12.92 13.10 35.83
N GLY F 115 -13.80 13.34 34.87
CA GLY F 115 -14.14 14.69 34.49
C GLY F 115 -14.95 15.38 35.57
N GLN F 116 -15.21 16.68 35.34
CA GLN F 116 -15.89 17.45 36.37
C GLN F 116 -17.35 17.01 36.55
N GLY F 117 -18.02 16.65 35.47
CA GLY F 117 -19.41 16.28 35.54
C GLY F 117 -20.34 17.27 34.89
N VAL F 118 -20.97 16.86 33.79
CA VAL F 118 -21.86 17.71 33.00
C VAL F 118 -23.26 17.13 33.06
N LEU F 119 -24.24 17.97 33.37
CA LEU F 119 -25.61 17.53 33.60
C LEU F 119 -26.39 17.63 32.30
N VAL F 120 -27.08 16.54 31.95
CA VAL F 120 -27.94 16.50 30.78
C VAL F 120 -29.36 16.21 31.27
N THR F 121 -30.27 17.15 31.04
CA THR F 121 -31.65 17.04 31.52
C THR F 121 -32.58 16.94 30.33
N VAL F 122 -33.16 15.77 30.12
CA VAL F 122 -34.13 15.55 29.06
C VAL F 122 -35.52 15.69 29.66
N ALA F 123 -36.21 16.79 29.35
CA ALA F 123 -37.50 17.07 29.95
C ALA F 123 -38.41 17.76 28.93
N SER F 124 -39.71 17.67 29.18
CA SER F 124 -40.74 18.31 28.37
C SER F 124 -40.63 17.96 26.89
N VAL G 3 35.35 -3.65 12.48
CA VAL G 3 35.01 -3.19 13.82
C VAL G 3 35.59 -4.16 14.83
N LEU G 4 35.91 -5.36 14.37
CA LEU G 4 36.61 -6.36 15.16
C LEU G 4 38.08 -6.38 14.73
N THR G 5 38.99 -6.29 15.69
CA THR G 5 40.39 -6.12 15.40
C THR G 5 41.10 -7.46 15.43
N GLN G 6 41.93 -7.71 14.43
CA GLN G 6 42.72 -8.92 14.30
C GLN G 6 44.15 -8.57 13.94
N PRO G 7 45.12 -9.41 14.29
CA PRO G 7 46.50 -9.16 13.89
C PRO G 7 46.63 -9.19 12.39
N PRO G 8 47.50 -8.36 11.80
CA PRO G 8 47.65 -8.37 10.35
C PRO G 8 48.06 -9.72 9.80
N SER G 9 48.93 -10.46 10.51
CA SER G 9 49.31 -11.79 10.07
C SER G 9 49.91 -12.54 11.26
N VAL G 10 49.80 -13.86 11.20
CA VAL G 10 50.47 -14.75 12.14
C VAL G 10 51.16 -15.83 11.33
N SER G 11 52.13 -16.48 11.96
CA SER G 11 52.95 -17.44 11.25
C SER G 11 53.45 -18.49 12.22
N GLY G 12 54.08 -19.52 11.68
CA GLY G 12 54.70 -20.54 12.48
C GLY G 12 55.22 -21.69 11.65
N ALA G 13 56.26 -22.36 12.13
CA ALA G 13 56.77 -23.52 11.41
C ALA G 13 55.71 -24.61 11.40
N PRO G 14 55.66 -25.41 10.34
CA PRO G 14 54.67 -26.49 10.30
C PRO G 14 54.86 -27.46 11.46
N GLY G 15 53.75 -27.89 12.05
CA GLY G 15 53.75 -28.75 13.20
C GLY G 15 53.45 -28.04 14.51
N GLN G 16 53.60 -26.73 14.57
CA GLN G 16 53.41 -26.01 15.81
C GLN G 16 52.08 -25.26 15.82
N ARG G 17 51.71 -24.77 16.99
CA ARG G 17 50.39 -24.20 17.24
C ARG G 17 50.45 -22.68 17.17
N VAL G 18 49.42 -22.08 16.57
CA VAL G 18 49.29 -20.63 16.50
C VAL G 18 47.93 -20.23 17.02
N THR G 19 47.80 -18.95 17.38
CA THR G 19 46.56 -18.41 17.91
C THR G 19 46.24 -17.08 17.23
N ILE G 20 45.00 -16.97 16.76
CA ILE G 20 44.49 -15.77 16.12
C ILE G 20 43.43 -15.17 17.01
N SER G 21 43.59 -13.90 17.38
CA SER G 21 42.68 -13.25 18.31
C SER G 21 41.69 -12.36 17.56
N CYS G 22 40.62 -12.01 18.25
CA CYS G 22 39.57 -11.14 17.72
C CYS G 22 39.03 -10.30 18.87
N THR G 23 39.45 -9.05 18.96
CA THR G 23 39.08 -8.18 20.07
C THR G 23 37.94 -7.26 19.66
N GLY G 24 36.85 -7.31 20.40
CA GLY G 24 35.71 -6.45 20.16
C GLY G 24 35.28 -5.69 21.39
N SER G 25 34.34 -4.76 21.24
CA SER G 25 33.96 -3.86 22.31
C SER G 25 32.92 -4.51 23.21
N SER G 26 32.27 -3.67 24.01
CA SER G 26 31.25 -4.16 24.92
C SER G 26 29.92 -4.43 24.23
N SER G 27 29.76 -3.98 22.98
CA SER G 27 28.55 -4.30 22.22
C SER G 27 28.77 -5.37 21.17
N ASN G 28 30.01 -5.80 20.96
CA ASN G 28 30.32 -6.85 19.99
C ASN G 28 30.37 -8.21 20.67
N ILE G 29 31.28 -8.40 21.62
CA ILE G 29 31.47 -9.68 22.25
C ILE G 29 31.19 -9.59 23.75
N GLY G 30 31.32 -8.38 24.30
CA GLY G 30 30.93 -8.15 25.67
C GLY G 30 29.44 -8.25 25.93
N ALA G 31 28.63 -8.07 24.89
CA ALA G 31 27.18 -8.24 25.01
C ALA G 31 26.75 -9.69 24.89
N GLY G 32 27.70 -10.61 24.69
CA GLY G 32 27.38 -12.01 24.65
C GLY G 32 27.09 -12.58 23.29
N TYR G 33 27.49 -11.90 22.21
CA TYR G 33 27.18 -12.32 20.86
C TYR G 33 28.28 -13.26 20.36
N ASP G 34 27.87 -14.41 19.84
CA ASP G 34 28.82 -15.42 19.41
C ASP G 34 29.67 -14.90 18.27
N VAL G 35 30.90 -15.38 18.19
CA VAL G 35 31.83 -15.00 17.14
C VAL G 35 32.09 -16.21 16.27
N HIS G 36 31.90 -16.06 14.97
CA HIS G 36 32.13 -17.13 14.01
C HIS G 36 33.39 -16.85 13.21
N TRP G 37 33.97 -17.91 12.66
CA TRP G 37 35.24 -17.81 11.96
C TRP G 37 35.11 -18.38 10.57
N TYR G 38 35.68 -17.70 9.58
CA TYR G 38 35.65 -18.16 8.20
C TYR G 38 37.06 -18.27 7.66
N GLN G 39 37.28 -19.24 6.79
CA GLN G 39 38.59 -19.51 6.20
C GLN G 39 38.53 -19.18 4.73
N GLN G 40 39.42 -18.30 4.29
CA GLN G 40 39.45 -17.80 2.93
C GLN G 40 40.77 -18.19 2.28
N LEU G 41 40.72 -19.16 1.39
CA LEU G 41 41.83 -19.47 0.50
C LEU G 41 41.83 -18.48 -0.65
N PRO G 42 42.93 -18.35 -1.38
CA PRO G 42 42.92 -17.47 -2.56
C PRO G 42 41.84 -17.89 -3.54
N GLY G 43 41.16 -16.91 -4.11
CA GLY G 43 39.89 -17.19 -4.76
C GLY G 43 38.95 -17.78 -3.73
N THR G 44 38.30 -18.89 -4.07
CA THR G 44 37.77 -19.82 -3.07
C THR G 44 36.96 -19.14 -1.97
N ALA G 45 35.76 -18.67 -2.29
CA ALA G 45 34.84 -18.01 -1.36
C ALA G 45 34.87 -18.64 0.03
N PRO G 46 34.78 -17.83 1.08
CA PRO G 46 35.06 -18.33 2.42
C PRO G 46 34.11 -19.43 2.84
N LYS G 47 34.60 -20.28 3.74
CA LYS G 47 33.82 -21.37 4.29
C LYS G 47 33.78 -21.23 5.79
N LEU G 48 32.66 -21.61 6.40
CA LEU G 48 32.57 -21.64 7.85
C LEU G 48 33.65 -22.56 8.41
N LEU G 49 34.33 -22.10 9.45
CA LEU G 49 35.35 -22.89 10.11
C LEU G 49 34.95 -23.23 11.55
N ILE G 50 34.42 -22.26 12.28
CA ILE G 50 33.98 -22.45 13.66
C ILE G 50 32.82 -21.51 13.91
N TYR G 51 31.73 -22.02 14.46
CA TYR G 51 30.56 -21.21 14.71
C TYR G 51 30.20 -21.24 16.19
N GLY G 52 29.71 -20.10 16.68
CA GLY G 52 29.25 -20.03 18.04
C GLY G 52 30.32 -20.24 19.10
N ASN G 53 31.49 -19.63 18.94
CA ASN G 53 32.53 -19.63 19.98
C ASN G 53 33.05 -21.03 20.26
N GLY G 54 33.49 -21.73 19.23
CA GLY G 54 34.18 -23.00 19.43
C GLY G 54 33.43 -24.24 18.96
N ASN G 55 32.19 -24.15 18.51
CA ASN G 55 31.48 -25.29 17.95
C ASN G 55 31.98 -25.50 16.53
N ARG G 56 32.57 -26.66 16.28
CA ARG G 56 33.22 -26.92 15.00
C ARG G 56 32.30 -27.69 14.07
N PRO G 57 31.96 -27.17 12.90
CA PRO G 57 31.02 -27.85 12.02
C PRO G 57 31.63 -29.12 11.42
N SER G 58 30.75 -29.96 10.89
CA SER G 58 31.20 -31.19 10.25
C SER G 58 32.00 -30.89 8.99
N GLY G 59 33.13 -31.58 8.85
CA GLY G 59 34.02 -31.37 7.73
C GLY G 59 35.26 -30.57 8.07
N VAL G 60 35.31 -29.95 9.24
CA VAL G 60 36.47 -29.21 9.72
C VAL G 60 37.27 -30.11 10.64
N PRO G 61 38.56 -30.31 10.39
CA PRO G 61 39.34 -31.21 11.23
C PRO G 61 39.49 -30.69 12.64
N ASP G 62 39.77 -31.62 13.56
CA ASP G 62 39.82 -31.34 14.99
C ASP G 62 40.88 -30.32 15.37
N ARG G 63 41.84 -30.04 14.49
CA ARG G 63 42.92 -29.13 14.84
C ARG G 63 42.42 -27.72 15.15
N PHE G 64 41.27 -27.32 14.62
CA PHE G 64 40.73 -25.98 14.81
C PHE G 64 39.80 -25.97 16.00
N SER G 65 40.10 -25.13 16.99
CA SER G 65 39.21 -24.94 18.13
C SER G 65 39.28 -23.49 18.55
N GLY G 66 38.22 -23.02 19.20
CA GLY G 66 38.16 -21.62 19.57
C GLY G 66 37.73 -21.48 21.01
N SER G 67 37.89 -20.27 21.53
CA SER G 67 37.60 -19.99 22.92
C SER G 67 37.29 -18.51 23.07
N LYS G 68 36.48 -18.19 24.08
CA LYS G 68 36.06 -16.83 24.34
C LYS G 68 36.50 -16.43 25.74
N SER G 69 37.04 -15.21 25.86
CA SER G 69 37.51 -14.72 27.15
C SER G 69 37.36 -13.22 27.19
N GLY G 70 36.49 -12.73 28.06
CA GLY G 70 36.29 -11.30 28.20
C GLY G 70 35.63 -10.73 26.97
N THR G 71 36.28 -9.73 26.36
CA THR G 71 35.75 -9.07 25.18
C THR G 71 36.49 -9.49 23.92
N SER G 72 37.21 -10.60 23.96
CA SER G 72 37.90 -11.12 22.79
C SER G 72 37.78 -12.63 22.76
N VAL G 73 37.87 -13.18 21.55
CA VAL G 73 37.89 -14.63 21.37
C VAL G 73 39.24 -15.00 20.76
N SER G 74 39.41 -16.27 20.43
CA SER G 74 40.64 -16.67 19.75
C SER G 74 40.37 -17.99 19.03
N LEU G 75 41.22 -18.27 18.05
CA LEU G 75 41.13 -19.49 17.24
C LEU G 75 42.47 -20.19 17.33
N ALA G 76 42.51 -21.30 18.05
CA ALA G 76 43.73 -22.07 18.16
C ALA G 76 43.83 -23.06 17.01
N ILE G 77 44.91 -22.99 16.25
CA ILE G 77 45.19 -23.93 15.19
C ILE G 77 46.39 -24.76 15.63
N THR G 78 46.23 -26.08 15.66
CA THR G 78 47.32 -26.98 15.95
C THR G 78 47.72 -27.72 14.69
N GLY G 79 48.94 -28.21 14.67
CA GLY G 79 49.43 -28.90 13.48
C GLY G 79 49.95 -27.93 12.44
N LEU G 80 49.12 -26.98 12.03
CA LEU G 80 49.53 -25.94 11.09
C LEU G 80 50.15 -26.54 9.83
N GLN G 81 49.32 -27.22 9.05
CA GLN G 81 49.79 -27.86 7.84
C GLN G 81 49.79 -26.85 6.69
N ALA G 82 50.33 -27.25 5.54
CA ALA G 82 50.39 -26.35 4.40
C ALA G 82 49.00 -25.95 3.92
N GLU G 83 48.00 -26.80 4.17
CA GLU G 83 46.64 -26.50 3.74
C GLU G 83 45.99 -25.40 4.57
N ASP G 84 46.62 -24.98 5.66
CA ASP G 84 46.08 -23.95 6.53
C ASP G 84 46.51 -22.54 6.15
N GLU G 85 47.25 -22.39 5.06
CA GLU G 85 47.60 -21.07 4.56
C GLU G 85 46.36 -20.40 3.97
N ALA G 86 45.81 -19.40 4.66
CA ALA G 86 44.58 -18.79 4.21
C ALA G 86 44.33 -17.50 4.99
N ASP G 87 43.18 -16.90 4.73
CA ASP G 87 42.75 -15.70 5.44
C ASP G 87 41.61 -16.09 6.39
N TYR G 88 41.72 -15.69 7.66
CA TYR G 88 40.73 -16.03 8.66
C TYR G 88 40.01 -14.77 9.13
N TYR G 89 38.69 -14.77 9.00
CA TYR G 89 37.87 -13.61 9.34
C TYR G 89 36.90 -13.98 10.44
N CYS G 90 36.71 -13.07 11.40
CA CYS G 90 35.68 -13.26 12.41
C CYS G 90 34.34 -12.81 11.87
N GLN G 91 33.33 -12.85 12.73
CA GLN G 91 32.03 -12.28 12.42
C GLN G 91 31.20 -12.30 13.70
N SER G 92 30.40 -11.26 13.91
CA SER G 92 29.51 -11.21 15.05
C SER G 92 28.53 -10.07 14.81
N TYR G 93 27.81 -9.69 15.85
CA TYR G 93 26.76 -8.70 15.75
C TYR G 93 27.05 -7.55 16.71
N ASP G 94 26.98 -6.31 16.21
CA ASP G 94 27.22 -5.12 17.00
C ASP G 94 25.88 -4.47 17.31
N SER G 95 25.43 -4.59 18.56
CA SER G 95 24.09 -4.13 18.89
C SER G 95 23.97 -2.61 18.82
N SER G 96 25.07 -1.89 19.03
CA SER G 96 25.02 -0.43 18.93
C SER G 96 24.93 0.02 17.48
N LEU G 97 25.68 -0.64 16.60
CA LEU G 97 25.50 -0.40 15.16
C LEU G 97 24.25 -1.09 14.64
N SER G 98 23.84 -2.18 15.28
CA SER G 98 22.77 -3.03 14.80
C SER G 98 23.10 -3.56 13.40
N ALA G 99 24.32 -4.08 13.25
CA ALA G 99 24.76 -4.64 11.99
C ALA G 99 25.85 -5.68 12.25
N PHE G 100 25.93 -6.67 11.36
CA PHE G 100 26.94 -7.70 11.47
C PHE G 100 28.31 -7.15 11.09
N VAL G 101 29.31 -7.46 11.90
CA VAL G 101 30.65 -6.90 11.74
C VAL G 101 31.61 -8.05 11.48
N PHE G 102 32.50 -7.85 10.53
CA PHE G 102 33.56 -8.79 10.22
C PHE G 102 34.89 -8.26 10.72
N GLY G 103 35.79 -9.17 11.06
CA GLY G 103 37.12 -8.79 11.46
C GLY G 103 37.95 -8.33 10.29
N THR G 104 39.13 -7.81 10.61
CA THR G 104 40.02 -7.31 9.57
C THR G 104 40.72 -8.43 8.80
N GLY G 105 40.84 -9.61 9.39
CA GLY G 105 41.40 -10.76 8.70
C GLY G 105 42.90 -10.88 8.89
N THR G 106 43.33 -12.11 9.14
CA THR G 106 44.73 -12.42 9.35
C THR G 106 45.16 -13.45 8.32
N LYS G 107 46.45 -13.43 7.98
CA LYS G 107 47.01 -14.33 7.00
C LYS G 107 47.98 -15.27 7.67
N VAL G 108 47.61 -16.55 7.76
CA VAL G 108 48.47 -17.59 8.32
C VAL G 108 49.36 -18.08 7.19
N THR G 109 50.68 -18.03 7.38
CA THR G 109 51.58 -18.22 6.24
C THR G 109 52.43 -19.48 6.33
N VAL G 110 52.54 -20.12 7.49
CA VAL G 110 53.30 -21.36 7.62
C VAL G 110 54.74 -21.23 7.12
N GLN H 1 25.69 -31.44 -1.10
CA GLN H 1 24.45 -31.38 -1.85
C GLN H 1 23.98 -29.94 -2.00
N VAL H 2 24.20 -29.15 -0.96
CA VAL H 2 23.79 -27.75 -0.95
C VAL H 2 24.70 -26.97 -1.89
N GLN H 3 24.09 -26.23 -2.81
CA GLN H 3 24.84 -25.47 -3.80
C GLN H 3 24.28 -24.05 -3.91
N LEU H 4 25.18 -23.09 -4.01
CA LEU H 4 24.82 -21.71 -4.31
C LEU H 4 25.61 -21.29 -5.53
N VAL H 5 24.91 -20.94 -6.61
CA VAL H 5 25.52 -20.59 -7.88
C VAL H 5 25.14 -19.16 -8.24
N GLN H 6 26.12 -18.35 -8.57
CA GLN H 6 25.90 -16.93 -8.82
C GLN H 6 26.18 -16.57 -10.26
N SER H 7 25.72 -15.39 -10.63
CA SER H 7 25.96 -14.83 -11.95
C SER H 7 25.63 -13.35 -11.91
N GLY H 8 25.91 -12.66 -13.01
CA GLY H 8 25.47 -11.29 -13.17
C GLY H 8 26.48 -10.20 -12.91
N GLY H 9 27.76 -10.54 -12.78
CA GLY H 9 28.79 -9.54 -12.58
C GLY H 9 29.33 -9.01 -13.88
N GLY H 10 30.24 -8.06 -13.77
CA GLY H 10 30.88 -7.46 -14.93
C GLY H 10 31.33 -6.06 -14.63
N VAL H 11 31.63 -5.33 -15.70
CA VAL H 11 32.13 -3.96 -15.61
C VAL H 11 30.96 -3.02 -15.82
N VAL H 12 30.78 -2.09 -14.89
CA VAL H 12 29.67 -1.15 -14.90
C VAL H 12 30.22 0.27 -14.80
N GLN H 13 29.77 1.15 -15.67
CA GLN H 13 30.15 2.55 -15.54
C GLN H 13 29.48 3.14 -14.30
N PRO H 14 30.14 4.06 -13.61
CA PRO H 14 29.56 4.63 -12.39
C PRO H 14 28.23 5.34 -12.68
N GLY H 15 27.27 5.15 -11.77
CA GLY H 15 25.95 5.70 -11.95
C GLY H 15 24.95 4.78 -12.59
N ARG H 16 25.39 3.65 -13.15
CA ARG H 16 24.49 2.70 -13.77
C ARG H 16 24.08 1.63 -12.77
N SER H 17 23.07 0.87 -13.13
CA SER H 17 22.52 -0.19 -12.29
C SER H 17 23.03 -1.56 -12.72
N LEU H 18 22.96 -2.51 -11.80
CA LEU H 18 23.38 -3.88 -12.06
C LEU H 18 22.64 -4.78 -11.09
N ARG H 19 22.39 -6.02 -11.50
CA ARG H 19 21.65 -6.98 -10.68
C ARG H 19 22.45 -8.26 -10.56
N LEU H 20 22.64 -8.72 -9.33
CA LEU H 20 23.31 -9.97 -9.05
C LEU H 20 22.28 -11.00 -8.60
N SER H 21 22.40 -12.21 -9.12
CA SER H 21 21.44 -13.27 -8.79
C SER H 21 22.19 -14.49 -8.29
N CYS H 22 21.51 -15.27 -7.47
CA CYS H 22 22.10 -16.41 -6.78
C CYS H 22 21.08 -17.54 -6.74
N VAL H 23 21.24 -18.53 -7.61
CA VAL H 23 20.28 -19.62 -7.74
C VAL H 23 20.74 -20.80 -6.88
N THR H 24 19.86 -21.24 -5.98
CA THR H 24 20.22 -22.21 -4.97
C THR H 24 19.58 -23.56 -5.28
N SER H 25 20.17 -24.62 -4.73
CA SER H 25 19.65 -25.95 -4.95
C SER H 25 20.16 -26.87 -3.86
N GLY H 26 19.40 -27.93 -3.59
CA GLY H 26 19.77 -28.92 -2.61
C GLY H 26 19.13 -28.78 -1.26
N PHE H 27 18.37 -27.71 -1.02
CA PHE H 27 17.78 -27.50 0.30
C PHE H 27 16.49 -26.72 0.15
N THR H 28 15.71 -26.71 1.24
CA THR H 28 14.43 -26.00 1.29
C THR H 28 14.70 -24.51 1.42
N PHE H 29 14.79 -23.86 0.26
CA PHE H 29 15.15 -22.44 0.20
C PHE H 29 14.18 -21.52 0.93
N PRO H 30 12.86 -21.63 0.77
CA PRO H 30 11.96 -20.70 1.46
C PRO H 30 12.05 -20.74 2.97
N ALA H 31 12.79 -21.68 3.52
CA ALA H 31 12.94 -21.80 4.96
C ALA H 31 14.23 -21.18 5.48
N PHE H 32 15.02 -20.51 4.63
CA PHE H 32 16.31 -19.97 5.05
C PHE H 32 16.43 -18.49 4.70
N GLY H 33 17.10 -17.75 5.58
CA GLY H 33 17.41 -16.37 5.32
C GLY H 33 18.83 -16.26 4.80
N MET H 34 19.04 -15.31 3.90
CA MET H 34 20.28 -15.23 3.15
C MET H 34 20.89 -13.84 3.27
N HIS H 35 22.22 -13.79 3.20
CA HIS H 35 22.96 -12.54 3.29
C HIS H 35 23.60 -12.23 1.95
N TRP H 36 24.15 -11.02 1.85
CA TRP H 36 25.10 -10.65 0.81
C TRP H 36 26.34 -10.07 1.46
N VAL H 37 27.50 -10.55 1.05
CA VAL H 37 28.76 -10.12 1.64
C VAL H 37 29.69 -9.68 0.51
N ARG H 38 30.33 -8.53 0.70
CA ARG H 38 31.15 -7.89 -0.31
C ARG H 38 32.59 -7.83 0.16
N GLN H 39 33.53 -8.11 -0.74
CA GLN H 39 34.95 -8.08 -0.38
C GLN H 39 35.70 -7.23 -1.39
N ALA H 40 36.06 -6.01 -1.00
CA ALA H 40 36.84 -5.15 -1.87
C ALA H 40 38.20 -5.79 -2.13
N PRO H 41 38.74 -5.61 -3.34
CA PRO H 41 39.94 -6.36 -3.72
C PRO H 41 41.14 -6.07 -2.85
N GLY H 42 41.59 -7.07 -2.10
CA GLY H 42 42.70 -6.92 -1.18
C GLY H 42 42.32 -6.51 0.22
N LYS H 43 41.03 -6.37 0.51
CA LYS H 43 40.57 -5.99 1.84
C LYS H 43 39.74 -7.11 2.44
N GLY H 44 39.32 -6.90 3.68
CA GLY H 44 38.51 -7.87 4.38
C GLY H 44 37.07 -7.81 3.96
N LEU H 45 36.31 -8.80 4.43
CA LEU H 45 34.91 -8.91 4.07
C LEU H 45 34.10 -7.81 4.73
N GLU H 46 32.94 -7.51 4.15
CA GLU H 46 32.01 -6.60 4.78
C GLU H 46 30.60 -6.96 4.37
N TRP H 47 29.64 -6.55 5.19
CA TRP H 47 28.25 -6.98 5.04
C TRP H 47 27.49 -6.01 4.15
N VAL H 48 26.50 -6.52 3.44
CA VAL H 48 25.72 -5.74 2.48
C VAL H 48 24.23 -5.75 2.80
N ALA H 49 23.65 -6.94 3.00
CA ALA H 49 22.21 -7.00 3.25
C ALA H 49 21.86 -8.33 3.89
N VAL H 50 20.65 -8.40 4.43
CA VAL H 50 20.05 -9.63 4.94
C VAL H 50 18.59 -9.61 4.58
N ILE H 51 18.02 -10.78 4.31
CA ILE H 51 16.60 -10.91 4.00
C ILE H 51 16.04 -12.12 4.74
N TRP H 52 14.87 -11.95 5.35
CA TRP H 52 14.24 -13.03 6.10
C TRP H 52 13.81 -14.14 5.14
N TYR H 53 13.27 -15.22 5.72
CA TYR H 53 12.87 -16.35 4.90
C TYR H 53 11.71 -15.99 3.98
N ASP H 54 10.70 -15.30 4.51
CA ASP H 54 9.56 -14.94 3.67
C ASP H 54 9.89 -13.72 2.80
N GLY H 55 10.91 -12.95 3.18
CA GLY H 55 11.23 -11.72 2.49
C GLY H 55 10.64 -10.48 3.12
N SER H 56 10.06 -10.59 4.30
CA SER H 56 9.41 -9.44 4.92
C SER H 56 10.41 -8.41 5.39
N LYS H 57 11.45 -8.83 6.10
CA LYS H 57 12.36 -7.91 6.78
C LYS H 57 13.71 -7.93 6.10
N LYS H 58 14.14 -6.77 5.62
CA LYS H 58 15.41 -6.62 4.91
C LYS H 58 16.20 -5.49 5.57
N TYR H 59 17.47 -5.75 5.87
CA TYR H 59 18.31 -4.77 6.53
C TYR H 59 19.62 -4.64 5.77
N TYR H 60 20.02 -3.40 5.48
CA TYR H 60 21.20 -3.14 4.67
C TYR H 60 22.28 -2.50 5.53
N ALA H 61 23.53 -2.67 5.11
CA ALA H 61 24.61 -1.91 5.73
C ALA H 61 24.46 -0.45 5.36
N ASP H 62 25.11 0.42 6.14
CA ASP H 62 24.94 1.85 5.94
C ASP H 62 25.43 2.27 4.56
N SER H 63 26.59 1.77 4.15
CA SER H 63 27.21 2.26 2.92
C SER H 63 26.44 1.89 1.67
N VAL H 64 25.44 1.02 1.76
CA VAL H 64 24.67 0.59 0.60
C VAL H 64 23.21 0.94 0.71
N ARG H 65 22.77 1.59 1.78
CA ARG H 65 21.35 1.83 1.96
C ARG H 65 20.86 2.90 0.99
N GLY H 66 19.69 2.66 0.42
CA GLY H 66 19.08 3.59 -0.51
C GLY H 66 19.44 3.38 -1.95
N ARG H 67 20.50 2.64 -2.22
CA ARG H 67 20.90 2.28 -3.58
C ARG H 67 20.71 0.80 -3.86
N PHE H 68 21.18 -0.05 -2.97
CA PHE H 68 21.05 -1.50 -3.11
C PHE H 68 19.67 -1.93 -2.63
N THR H 69 19.12 -2.93 -3.32
CA THR H 69 17.83 -3.49 -2.95
C THR H 69 17.90 -5.00 -3.05
N ILE H 70 17.65 -5.67 -1.93
CA ILE H 70 17.72 -7.12 -1.83
C ILE H 70 16.32 -7.69 -1.97
N SER H 71 16.22 -8.85 -2.59
CA SER H 71 14.94 -9.53 -2.72
C SER H 71 15.19 -11.00 -3.02
N ARG H 72 14.16 -11.81 -2.80
CA ARG H 72 14.21 -13.22 -3.11
C ARG H 72 12.94 -13.58 -3.86
N ASP H 73 13.05 -14.42 -4.87
CA ASP H 73 11.87 -14.96 -5.56
C ASP H 73 11.78 -16.40 -5.10
N ASN H 74 10.81 -16.66 -4.22
CA ASN H 74 10.89 -17.84 -3.36
C ASN H 74 10.46 -19.11 -4.08
N SER H 75 9.77 -18.97 -5.21
CA SER H 75 9.19 -20.13 -5.87
C SER H 75 10.13 -20.81 -6.86
N ARG H 76 11.32 -20.27 -7.08
CA ARG H 76 12.27 -20.92 -7.98
C ARG H 76 13.70 -20.83 -7.47
N ASN H 77 13.86 -20.77 -6.14
CA ASN H 77 15.17 -20.91 -5.50
C ASN H 77 16.16 -19.88 -6.06
N THR H 78 15.83 -18.60 -5.91
CA THR H 78 16.70 -17.55 -6.41
C THR H 78 16.72 -16.38 -5.45
N LEU H 79 17.84 -15.68 -5.41
CA LEU H 79 18.05 -14.53 -4.54
C LEU H 79 18.74 -13.44 -5.35
N TYR H 80 18.28 -12.20 -5.20
CA TYR H 80 18.77 -11.11 -6.02
C TYR H 80 19.31 -9.98 -5.16
N LEU H 81 20.19 -9.18 -5.74
CA LEU H 81 20.65 -7.94 -5.14
C LEU H 81 20.66 -6.88 -6.22
N GLN H 82 19.67 -6.00 -6.21
CA GLN H 82 19.55 -4.96 -7.22
C GLN H 82 20.35 -3.76 -6.77
N MET H 83 21.37 -3.41 -7.54
CA MET H 83 22.28 -2.33 -7.21
C MET H 83 22.03 -1.16 -8.14
N HIS H 84 21.71 0.00 -7.55
CA HIS H 84 21.51 1.23 -8.31
C HIS H 84 22.58 2.23 -7.92
N SER H 85 22.76 3.24 -8.77
CA SER H 85 23.64 4.37 -8.48
C SER H 85 25.01 3.91 -8.03
N LEU H 86 25.56 2.95 -8.78
CA LEU H 86 26.83 2.32 -8.43
C LEU H 86 27.97 3.33 -8.42
N ARG H 87 28.56 3.54 -7.24
CA ARG H 87 29.73 4.39 -7.12
C ARG H 87 30.99 3.59 -7.39
N ALA H 88 32.12 4.28 -7.46
CA ALA H 88 33.40 3.62 -7.63
C ALA H 88 33.81 2.82 -6.40
N GLU H 89 33.17 3.08 -5.26
CA GLU H 89 33.51 2.34 -4.04
C GLU H 89 32.89 0.96 -4.03
N ASP H 90 31.74 0.77 -4.69
CA ASP H 90 31.10 -0.53 -4.74
C ASP H 90 31.70 -1.43 -5.80
N THR H 91 33.02 -1.59 -5.81
CA THR H 91 33.69 -2.56 -6.66
C THR H 91 34.31 -3.60 -5.76
N ALA H 92 33.93 -4.86 -5.96
CA ALA H 92 34.32 -5.91 -5.04
C ALA H 92 33.82 -7.24 -5.56
N VAL H 93 34.13 -8.29 -4.83
CA VAL H 93 33.59 -9.62 -5.09
C VAL H 93 32.39 -9.82 -4.18
N TYR H 94 31.23 -10.09 -4.76
CA TYR H 94 30.00 -10.18 -4.01
C TYR H 94 29.65 -11.65 -3.78
N TYR H 95 29.47 -12.01 -2.52
CA TYR H 95 29.18 -13.38 -2.12
C TYR H 95 27.73 -13.52 -1.70
N CYS H 96 27.16 -14.68 -2.00
CA CYS H 96 25.82 -15.05 -1.61
C CYS H 96 25.91 -16.07 -0.49
N ALA H 97 25.31 -15.79 0.65
CA ALA H 97 25.53 -16.59 1.85
C ALA H 97 24.20 -17.09 2.39
N ARG H 98 24.26 -18.11 3.22
CA ARG H 98 23.08 -18.71 3.82
C ARG H 98 23.22 -18.77 5.33
N VAL H 99 22.16 -18.38 6.02
CA VAL H 99 22.20 -18.33 7.49
C VAL H 99 22.02 -19.73 8.05
N LYS H 100 23.00 -20.20 8.83
CA LYS H 100 22.99 -21.55 9.35
C LYS H 100 21.99 -21.68 10.49
N ASN H 101 21.30 -22.81 10.55
CA ASN H 101 20.26 -23.08 11.54
C ASN H 101 20.93 -23.65 12.79
N TYR H 102 21.03 -22.86 13.83
CA TYR H 102 21.56 -23.32 15.11
C TYR H 102 20.99 -22.46 16.22
N GLU H 103 21.10 -22.95 17.45
CA GLU H 103 20.54 -22.28 18.60
C GLU H 103 21.59 -22.16 19.69
N SER H 104 21.63 -21.00 20.34
CA SER H 104 22.57 -20.78 21.43
C SER H 104 22.07 -19.60 22.25
N SER H 105 22.66 -19.44 23.44
CA SER H 105 22.27 -18.34 24.31
C SER H 105 22.66 -16.99 23.73
N GLY H 106 23.80 -16.93 23.04
CA GLY H 106 24.25 -15.70 22.43
C GLY H 106 24.12 -15.68 20.92
N TYR H 107 22.96 -16.10 20.41
CA TYR H 107 22.76 -16.28 18.98
C TYR H 107 23.16 -15.04 18.19
N SER H 108 24.07 -15.23 17.24
CA SER H 108 24.35 -14.26 16.19
C SER H 108 24.50 -15.00 14.88
N GLN H 109 23.92 -14.45 13.83
CA GLN H 109 23.78 -15.15 12.57
C GLN H 109 25.13 -15.50 11.96
N CYS H 110 25.27 -16.74 11.51
CA CYS H 110 26.48 -17.20 10.84
C CYS H 110 26.12 -17.76 9.47
N LEU H 111 27.03 -17.60 8.52
CA LEU H 111 26.80 -17.97 7.14
C LEU H 111 27.59 -19.23 6.83
N ASP H 112 26.90 -20.36 6.69
CA ASP H 112 27.60 -21.63 6.58
C ASP H 112 27.97 -21.97 5.14
N TYR H 113 27.07 -21.75 4.19
CA TYR H 113 27.33 -22.02 2.79
C TYR H 113 27.36 -20.72 2.00
N TRP H 114 28.41 -20.54 1.22
CA TRP H 114 28.65 -19.30 0.50
C TRP H 114 28.58 -19.53 -1.00
N GLY H 115 28.25 -18.47 -1.72
CA GLY H 115 28.23 -18.51 -3.17
C GLY H 115 29.63 -18.56 -3.73
N GLN H 116 29.70 -18.65 -5.06
CA GLN H 116 30.98 -18.81 -5.73
C GLN H 116 31.80 -17.53 -5.70
N GLY H 117 31.15 -16.38 -5.52
CA GLY H 117 31.85 -15.12 -5.61
C GLY H 117 31.80 -14.55 -7.01
N VAL H 118 31.29 -13.33 -7.16
CA VAL H 118 31.11 -12.69 -8.46
C VAL H 118 31.71 -11.30 -8.38
N LEU H 119 32.48 -10.92 -9.40
CA LEU H 119 33.19 -9.65 -9.40
C LEU H 119 32.35 -8.59 -10.08
N VAL H 120 32.19 -7.44 -9.41
CA VAL H 120 31.56 -6.26 -9.98
C VAL H 120 32.60 -5.15 -9.99
N THR H 121 32.91 -4.64 -11.17
CA THR H 121 33.92 -3.60 -11.33
C THR H 121 33.23 -2.33 -11.82
N VAL H 122 33.40 -1.25 -11.07
CA VAL H 122 32.83 0.05 -11.42
C VAL H 122 33.97 0.95 -11.87
N ALA H 123 34.14 1.10 -13.17
CA ALA H 123 35.25 1.89 -13.70
C ALA H 123 34.85 2.55 -15.01
N SER H 124 35.53 3.66 -15.31
CA SER H 124 35.31 4.44 -16.53
C SER H 124 33.85 4.85 -16.69
N VAL I 3 19.40 -39.69 2.24
CA VAL I 3 20.55 -39.11 2.93
C VAL I 3 20.97 -40.04 4.07
N LEU I 4 20.00 -40.71 4.68
CA LEU I 4 20.25 -41.69 5.72
C LEU I 4 20.60 -43.01 5.07
N THR I 5 21.65 -43.65 5.56
CA THR I 5 22.23 -44.83 4.92
C THR I 5 21.83 -46.08 5.71
N GLN I 6 21.33 -47.08 4.99
CA GLN I 6 20.90 -48.36 5.53
C GLN I 6 21.49 -49.51 4.73
N PRO I 7 21.65 -50.68 5.33
CA PRO I 7 22.11 -51.84 4.57
C PRO I 7 21.13 -52.20 3.48
N PRO I 8 21.60 -52.65 2.32
CA PRO I 8 20.66 -53.06 1.26
C PRO I 8 19.65 -54.10 1.72
N SER I 9 20.06 -55.07 2.53
CA SER I 9 19.15 -56.10 3.00
C SER I 9 19.75 -56.78 4.22
N VAL I 10 18.87 -57.42 5.00
CA VAL I 10 19.29 -58.25 6.13
C VAL I 10 18.54 -59.57 6.03
N SER I 11 19.06 -60.58 6.73
CA SER I 11 18.48 -61.90 6.65
C SER I 11 18.75 -62.65 7.95
N GLY I 12 18.02 -63.75 8.13
CA GLY I 12 18.19 -64.60 9.28
C GLY I 12 17.15 -65.70 9.32
N ALA I 13 17.48 -66.82 9.96
CA ALA I 13 16.51 -67.90 10.07
C ALA I 13 15.34 -67.48 10.96
N PRO I 14 14.14 -67.96 10.68
CA PRO I 14 13.00 -67.60 11.51
C PRO I 14 13.22 -68.03 12.96
N GLY I 15 12.79 -67.16 13.88
CA GLY I 15 12.99 -67.38 15.30
C GLY I 15 14.15 -66.61 15.89
N GLN I 16 15.08 -66.14 15.08
CA GLN I 16 16.26 -65.44 15.57
C GLN I 16 16.06 -63.94 15.48
N ARG I 17 17.07 -63.20 15.94
CA ARG I 17 17.03 -61.75 16.02
C ARG I 17 17.84 -61.13 14.89
N VAL I 18 17.36 -59.99 14.40
CA VAL I 18 18.09 -59.21 13.40
C VAL I 18 18.01 -57.74 13.78
N THR I 19 18.96 -56.97 13.28
CA THR I 19 19.03 -55.54 13.54
C THR I 19 19.30 -54.77 12.26
N ILE I 20 18.52 -53.72 12.06
CA ILE I 20 18.64 -52.83 10.90
C ILE I 20 19.21 -51.52 11.39
N SER I 21 20.26 -51.04 10.73
CA SER I 21 20.94 -49.82 11.12
C SER I 21 20.49 -48.66 10.24
N CYS I 22 20.67 -47.45 10.77
CA CYS I 22 20.36 -46.22 10.05
C CYS I 22 21.37 -45.15 10.46
N THR I 23 22.35 -44.91 9.60
CA THR I 23 23.44 -43.99 9.90
C THR I 23 23.13 -42.62 9.33
N GLY I 24 23.19 -41.60 10.19
CA GLY I 24 22.94 -40.24 9.74
C GLY I 24 24.09 -39.31 10.06
N SER I 25 23.97 -38.05 9.65
CA SER I 25 25.01 -37.07 9.88
C SER I 25 24.78 -36.38 11.21
N SER I 26 25.54 -35.30 11.44
CA SER I 26 25.39 -34.55 12.69
C SER I 26 24.15 -33.67 12.69
N SER I 27 23.48 -33.52 11.56
CA SER I 27 22.29 -32.69 11.50
C SER I 27 20.99 -33.49 11.43
N ASN I 28 21.05 -34.81 11.24
CA ASN I 28 19.84 -35.62 11.17
C ASN I 28 19.58 -36.26 12.53
N ILE I 29 20.50 -37.10 13.00
CA ILE I 29 20.31 -37.81 14.25
C ILE I 29 21.21 -37.27 15.34
N GLY I 30 22.41 -36.83 14.96
CA GLY I 30 23.29 -36.17 15.90
C GLY I 30 22.76 -34.86 16.42
N ALA I 31 21.79 -34.26 15.74
CA ALA I 31 21.18 -33.03 16.22
C ALA I 31 20.10 -33.29 17.26
N GLY I 32 19.80 -34.54 17.56
CA GLY I 32 18.79 -34.87 18.54
C GLY I 32 17.40 -35.09 17.99
N TYR I 33 17.25 -35.25 16.68
CA TYR I 33 15.95 -35.43 16.06
C TYR I 33 15.59 -36.91 16.10
N ASP I 34 14.37 -37.21 16.50
CA ASP I 34 13.91 -38.60 16.55
C ASP I 34 13.87 -39.19 15.15
N VAL I 35 14.09 -40.50 15.06
CA VAL I 35 14.03 -41.22 13.80
C VAL I 35 12.89 -42.23 13.91
N HIS I 36 11.96 -42.17 12.95
CA HIS I 36 10.84 -43.08 12.93
C HIS I 36 11.05 -44.15 11.85
N TRP I 37 10.43 -45.30 12.05
CA TRP I 37 10.58 -46.43 11.15
C TRP I 37 9.22 -46.82 10.59
N TYR I 38 9.17 -47.10 9.30
CA TYR I 38 7.95 -47.51 8.62
C TYR I 38 8.14 -48.90 8.01
N GLN I 39 7.09 -49.70 8.05
CA GLN I 39 7.11 -51.06 7.51
C GLN I 39 6.32 -51.08 6.21
N GLN I 40 6.96 -51.50 5.13
CA GLN I 40 6.36 -51.50 3.80
C GLN I 40 6.33 -52.92 3.25
N LEU I 41 5.13 -53.49 3.21
CA LEU I 41 4.86 -54.72 2.50
C LEU I 41 4.70 -54.42 1.01
N PRO I 42 4.78 -55.43 0.16
CA PRO I 42 4.49 -55.20 -1.27
C PRO I 42 3.08 -54.62 -1.44
N GLY I 43 2.97 -53.64 -2.34
CA GLY I 43 1.78 -52.80 -2.33
C GLY I 43 1.68 -52.14 -0.97
N THR I 44 0.48 -52.14 -0.39
CA THR I 44 0.31 -51.97 1.05
C THR I 44 1.09 -50.81 1.64
N ALA I 45 0.69 -49.58 1.33
CA ALA I 45 1.32 -48.34 1.76
C ALA I 45 1.89 -48.43 3.17
N PRO I 46 3.09 -47.91 3.40
CA PRO I 46 3.78 -48.18 4.66
C PRO I 46 3.02 -47.63 5.86
N LYS I 47 3.15 -48.35 6.97
CA LYS I 47 2.49 -48.02 8.22
C LYS I 47 3.54 -47.71 9.27
N LEU I 48 3.21 -46.83 10.20
CA LEU I 48 4.15 -46.48 11.25
C LEU I 48 4.46 -47.71 12.09
N LEU I 49 5.75 -47.98 12.28
CA LEU I 49 6.21 -49.14 13.01
C LEU I 49 6.73 -48.80 14.40
N ILE I 50 7.73 -47.95 14.50
CA ILE I 50 8.15 -47.37 15.77
C ILE I 50 8.36 -45.88 15.54
N TYR I 51 8.13 -45.08 16.56
CA TYR I 51 8.32 -43.64 16.45
C TYR I 51 9.09 -43.11 17.64
N GLY I 52 9.87 -42.07 17.39
CA GLY I 52 10.61 -41.43 18.46
C GLY I 52 11.64 -42.31 19.14
N ASN I 53 12.47 -43.00 18.36
CA ASN I 53 13.56 -43.82 18.90
C ASN I 53 13.03 -44.99 19.74
N GLY I 54 11.99 -45.66 19.25
CA GLY I 54 11.58 -46.93 19.83
C GLY I 54 10.24 -46.95 20.51
N ASN I 55 9.49 -45.87 20.57
CA ASN I 55 8.14 -45.90 21.16
C ASN I 55 7.23 -46.61 20.18
N ARG I 56 6.58 -47.66 20.65
CA ARG I 56 5.72 -48.47 19.79
C ARG I 56 4.30 -47.91 19.78
N PRO I 57 3.72 -47.65 18.61
CA PRO I 57 2.29 -47.32 18.57
C PRO I 57 1.45 -48.56 18.83
N SER I 58 0.18 -48.33 19.12
CA SER I 58 -0.73 -49.45 19.40
C SER I 58 -0.93 -50.30 18.15
N GLY I 59 -0.90 -51.62 18.33
CA GLY I 59 -1.07 -52.56 17.27
C GLY I 59 0.21 -53.22 16.79
N VAL I 60 1.37 -52.68 17.15
CA VAL I 60 2.66 -53.22 16.75
C VAL I 60 3.07 -54.27 17.77
N PRO I 61 3.43 -55.48 17.35
CA PRO I 61 3.85 -56.50 18.31
C PRO I 61 5.14 -56.12 19.01
N ASP I 62 5.31 -56.64 20.22
CA ASP I 62 6.45 -56.31 21.07
C ASP I 62 7.78 -56.84 20.52
N ARG I 63 7.76 -57.55 19.39
CA ARG I 63 9.01 -58.01 18.81
C ARG I 63 9.81 -56.88 18.18
N PHE I 64 9.22 -55.70 18.04
CA PHE I 64 9.88 -54.55 17.43
C PHE I 64 10.33 -53.58 18.51
N SER I 65 11.57 -53.12 18.42
CA SER I 65 12.13 -52.19 19.37
C SER I 65 13.24 -51.40 18.69
N GLY I 66 13.63 -50.29 19.31
CA GLY I 66 14.67 -49.46 18.75
C GLY I 66 15.40 -48.70 19.84
N SER I 67 16.54 -48.15 19.46
CA SER I 67 17.38 -47.40 20.40
C SER I 67 18.23 -46.44 19.59
N LYS I 68 18.78 -45.44 20.28
CA LYS I 68 19.59 -44.41 19.65
C LYS I 68 20.98 -44.42 20.27
N SER I 69 22.01 -44.36 19.42
CA SER I 69 23.38 -44.41 19.88
C SER I 69 24.25 -43.56 18.95
N GLY I 70 24.64 -42.39 19.42
CA GLY I 70 25.45 -41.50 18.61
C GLY I 70 24.68 -40.97 17.43
N THR I 71 25.26 -41.10 16.24
CA THR I 71 24.66 -40.58 15.02
C THR I 71 23.95 -41.66 14.21
N SER I 72 23.79 -42.84 14.78
CA SER I 72 23.07 -43.93 14.10
C SER I 72 22.13 -44.58 15.09
N VAL I 73 21.11 -45.24 14.56
CA VAL I 73 20.14 -45.93 15.41
C VAL I 73 20.03 -47.37 14.93
N SER I 74 19.09 -48.11 15.51
CA SER I 74 18.91 -49.50 15.10
C SER I 74 17.46 -49.90 15.33
N LEU I 75 17.02 -50.91 14.58
CA LEU I 75 15.70 -51.49 14.71
C LEU I 75 15.86 -52.98 14.99
N ALA I 76 15.65 -53.37 16.25
CA ALA I 76 15.80 -54.76 16.65
C ALA I 76 14.48 -55.50 16.46
N ILE I 77 14.50 -56.56 15.65
CA ILE I 77 13.33 -57.40 15.43
C ILE I 77 13.64 -58.78 16.01
N THR I 78 12.79 -59.23 16.93
CA THR I 78 12.87 -60.57 17.46
C THR I 78 11.78 -61.44 16.84
N GLY I 79 11.98 -62.75 16.88
CA GLY I 79 11.04 -63.64 16.25
C GLY I 79 11.32 -63.83 14.78
N LEU I 80 11.38 -62.72 14.04
CA LEU I 80 11.68 -62.73 12.61
C LEU I 80 10.79 -63.74 11.88
N GLN I 81 9.49 -63.50 11.95
CA GLN I 81 8.51 -64.39 11.37
C GLN I 81 8.34 -64.09 9.87
N ALA I 82 7.58 -64.95 9.19
CA ALA I 82 7.32 -64.71 7.77
C ALA I 82 6.51 -63.44 7.56
N GLU I 83 5.76 -63.00 8.58
CA GLU I 83 4.99 -61.78 8.48
C GLU I 83 5.85 -60.53 8.46
N ASP I 84 7.15 -60.65 8.72
CA ASP I 84 8.05 -59.52 8.75
C ASP I 84 8.75 -59.28 7.42
N GLU I 85 8.40 -60.02 6.37
CA GLU I 85 9.00 -59.80 5.06
C GLU I 85 8.49 -58.47 4.50
N ALA I 86 9.34 -57.45 4.53
CA ALA I 86 8.94 -56.11 4.15
C ALA I 86 10.16 -55.22 4.04
N ASP I 87 9.94 -54.00 3.58
CA ASP I 87 10.98 -52.98 3.51
C ASP I 87 10.79 -51.99 4.65
N TYR I 88 11.86 -51.69 5.38
CA TYR I 88 11.80 -50.82 6.54
C TYR I 88 12.56 -49.54 6.25
N TYR I 89 11.91 -48.40 6.44
CA TYR I 89 12.46 -47.10 6.07
C TYR I 89 12.57 -46.23 7.31
N CYS I 90 13.67 -45.48 7.41
CA CYS I 90 13.82 -44.49 8.46
C CYS I 90 13.13 -43.20 8.05
N GLN I 91 13.08 -42.24 8.97
CA GLN I 91 12.61 -40.91 8.65
C GLN I 91 12.99 -39.98 9.78
N SER I 92 13.61 -38.85 9.43
CA SER I 92 13.99 -37.86 10.41
C SER I 92 14.21 -36.55 9.68
N TYR I 93 14.41 -35.49 10.45
CA TYR I 93 14.49 -34.14 9.91
C TYR I 93 15.94 -33.67 9.90
N ASP I 94 16.37 -33.14 8.75
CA ASP I 94 17.73 -32.68 8.54
C ASP I 94 17.75 -31.18 8.66
N SER I 95 18.43 -30.66 9.68
CA SER I 95 18.43 -29.21 9.90
C SER I 95 19.22 -28.47 8.82
N SER I 96 20.30 -29.07 8.32
CA SER I 96 21.12 -28.40 7.31
C SER I 96 20.36 -28.25 6.00
N LEU I 97 19.57 -29.26 5.63
CA LEU I 97 18.71 -29.13 4.46
C LEU I 97 17.37 -28.52 4.82
N SER I 98 16.97 -28.61 6.09
CA SER I 98 15.66 -28.20 6.56
C SER I 98 14.55 -28.94 5.79
N ALA I 99 14.76 -30.22 5.57
CA ALA I 99 13.80 -31.05 4.87
C ALA I 99 13.82 -32.46 5.44
N PHE I 100 12.63 -33.06 5.52
CA PHE I 100 12.50 -34.40 6.06
C PHE I 100 13.21 -35.42 5.18
N VAL I 101 13.87 -36.38 5.82
CA VAL I 101 14.79 -37.30 5.15
C VAL I 101 14.32 -38.72 5.40
N PHE I 102 14.22 -39.50 4.33
CA PHE I 102 13.90 -40.91 4.40
C PHE I 102 15.12 -41.75 4.03
N GLY I 103 15.28 -42.87 4.69
CA GLY I 103 16.40 -43.75 4.42
C GLY I 103 16.23 -44.53 3.14
N THR I 104 17.32 -45.18 2.73
CA THR I 104 17.29 -45.97 1.51
C THR I 104 16.49 -47.25 1.65
N GLY I 105 16.28 -47.74 2.87
CA GLY I 105 15.40 -48.85 3.11
C GLY I 105 16.09 -50.20 3.00
N THR I 106 15.65 -51.12 3.85
CA THR I 106 16.23 -52.46 3.92
C THR I 106 15.14 -53.49 3.72
N LYS I 107 15.46 -54.54 2.98
CA LYS I 107 14.54 -55.64 2.73
C LYS I 107 14.88 -56.80 3.65
N VAL I 108 13.88 -57.28 4.38
CA VAL I 108 14.04 -58.41 5.29
C VAL I 108 13.51 -59.65 4.58
N THR I 109 14.41 -60.62 4.34
CA THR I 109 14.05 -61.76 3.52
C THR I 109 13.84 -63.05 4.31
N VAL I 110 14.21 -63.08 5.59
CA VAL I 110 14.04 -64.25 6.44
C VAL I 110 14.66 -65.51 5.83
N GLN J 1 -11.12 -46.94 12.21
CA GLN J 1 -11.94 -45.74 12.12
C GLN J 1 -11.32 -44.71 11.19
N VAL J 2 -10.01 -44.51 11.32
CA VAL J 2 -9.29 -43.57 10.47
C VAL J 2 -9.24 -44.13 9.07
N GLN J 3 -9.34 -43.26 8.07
CA GLN J 3 -9.30 -43.66 6.68
C GLN J 3 -8.77 -42.54 5.82
N LEU J 4 -7.91 -42.89 4.86
CA LEU J 4 -7.42 -41.97 3.84
C LEU J 4 -7.58 -42.66 2.50
N VAL J 5 -8.44 -42.13 1.65
CA VAL J 5 -8.68 -42.68 0.33
C VAL J 5 -8.18 -41.69 -0.71
N GLN J 6 -7.51 -42.20 -1.74
CA GLN J 6 -6.89 -41.36 -2.74
C GLN J 6 -7.51 -41.63 -4.10
N SER J 7 -7.27 -40.68 -5.01
CA SER J 7 -7.70 -40.81 -6.39
C SER J 7 -6.88 -39.84 -7.22
N GLY J 8 -6.96 -39.98 -8.54
CA GLY J 8 -6.34 -39.04 -9.45
C GLY J 8 -5.11 -39.54 -10.17
N GLY J 9 -4.84 -40.83 -10.16
CA GLY J 9 -3.67 -41.36 -10.85
C GLY J 9 -3.90 -41.45 -12.34
N GLY J 10 -2.93 -42.02 -13.02
CA GLY J 10 -3.04 -42.26 -14.44
C GLY J 10 -1.76 -41.90 -15.14
N VAL J 11 -1.83 -41.87 -16.47
CA VAL J 11 -0.68 -41.59 -17.31
C VAL J 11 -0.82 -40.17 -17.85
N VAL J 12 0.22 -39.37 -17.67
CA VAL J 12 0.23 -37.97 -18.07
C VAL J 12 1.46 -37.75 -18.96
N GLN J 13 1.25 -37.15 -20.12
CA GLN J 13 2.36 -36.83 -20.99
C GLN J 13 3.21 -35.73 -20.37
N PRO J 14 4.53 -35.74 -20.58
CA PRO J 14 5.39 -34.75 -19.93
C PRO J 14 4.99 -33.32 -20.29
N GLY J 15 5.07 -32.43 -19.30
CA GLY J 15 4.67 -31.06 -19.47
C GLY J 15 3.23 -30.76 -19.12
N ARG J 16 2.42 -31.78 -18.87
CA ARG J 16 1.01 -31.58 -18.55
C ARG J 16 0.81 -31.64 -17.04
N SER J 17 -0.27 -31.00 -16.59
CA SER J 17 -0.58 -30.90 -15.17
C SER J 17 -1.51 -32.04 -14.76
N LEU J 18 -1.53 -32.30 -13.45
CA LEU J 18 -2.34 -33.34 -12.87
C LEU J 18 -2.55 -33.02 -11.40
N ARG J 19 -3.72 -33.36 -10.87
CA ARG J 19 -4.04 -33.08 -9.47
C ARG J 19 -4.42 -34.37 -8.78
N LEU J 20 -3.81 -34.62 -7.63
CA LEU J 20 -4.12 -35.75 -6.78
C LEU J 20 -4.96 -35.28 -5.60
N SER J 21 -5.84 -36.17 -5.13
CA SER J 21 -6.72 -35.81 -4.02
C SER J 21 -6.73 -36.93 -2.99
N CYS J 22 -7.03 -36.57 -1.76
CA CYS J 22 -6.97 -37.47 -0.61
C CYS J 22 -8.10 -37.11 0.35
N VAL J 23 -9.17 -37.90 0.33
CA VAL J 23 -10.35 -37.64 1.14
C VAL J 23 -10.23 -38.42 2.44
N THR J 24 -10.46 -37.73 3.56
CA THR J 24 -10.22 -38.29 4.88
C THR J 24 -11.52 -38.42 5.65
N SER J 25 -11.56 -39.41 6.53
CA SER J 25 -12.72 -39.61 7.40
C SER J 25 -12.26 -40.34 8.65
N GLY J 26 -13.04 -40.20 9.71
CA GLY J 26 -12.73 -40.82 10.97
C GLY J 26 -11.94 -39.99 11.95
N PHE J 27 -11.49 -38.80 11.54
CA PHE J 27 -10.78 -37.92 12.45
C PHE J 27 -11.10 -36.47 12.09
N THR J 28 -10.83 -35.58 13.04
CA THR J 28 -11.04 -34.14 12.85
C THR J 28 -9.97 -33.63 11.89
N PHE J 29 -10.33 -33.55 10.61
CA PHE J 29 -9.37 -33.17 9.58
C PHE J 29 -8.77 -31.79 9.78
N PRO J 30 -9.51 -30.73 10.13
CA PRO J 30 -8.89 -29.40 10.25
C PRO J 30 -7.80 -29.33 11.30
N ALA J 31 -7.75 -30.29 12.21
CA ALA J 31 -6.86 -30.23 13.34
C ALA J 31 -5.53 -30.95 13.12
N PHE J 32 -5.24 -31.41 11.91
CA PHE J 32 -4.03 -32.17 11.66
C PHE J 32 -3.29 -31.67 10.43
N GLY J 33 -1.96 -31.74 10.49
CA GLY J 33 -1.13 -31.42 9.35
C GLY J 33 -0.88 -32.67 8.54
N MET J 34 -0.55 -32.49 7.26
CA MET J 34 -0.51 -33.59 6.33
C MET J 34 0.73 -33.51 5.43
N HIS J 35 1.17 -34.68 4.95
CA HIS J 35 2.32 -34.78 4.08
C HIS J 35 1.93 -35.48 2.78
N TRP J 36 2.77 -35.30 1.77
CA TRP J 36 2.76 -36.13 0.57
C TRP J 36 4.11 -36.80 0.43
N VAL J 37 4.10 -38.11 0.20
CA VAL J 37 5.32 -38.88 0.08
C VAL J 37 5.28 -39.64 -1.24
N ARG J 38 6.38 -39.57 -1.98
CA ARG J 38 6.47 -40.16 -3.32
C ARG J 38 7.46 -41.31 -3.30
N GLN J 39 7.08 -42.43 -3.89
CA GLN J 39 7.95 -43.61 -3.94
C GLN J 39 8.17 -44.01 -5.38
N ALA J 40 9.38 -43.76 -5.89
CA ALA J 40 9.71 -44.17 -7.25
C ALA J 40 9.69 -45.69 -7.34
N PRO J 41 9.39 -46.24 -8.52
CA PRO J 41 9.24 -47.70 -8.62
C PRO J 41 10.55 -48.43 -8.39
N GLY J 42 10.63 -49.12 -7.26
CA GLY J 42 11.84 -49.83 -6.88
C GLY J 42 12.83 -49.03 -6.06
N LYS J 43 12.55 -47.75 -5.80
CA LYS J 43 13.42 -46.92 -5.00
C LYS J 43 12.79 -46.66 -3.65
N GLY J 44 13.50 -45.94 -2.79
CA GLY J 44 13.01 -45.64 -1.46
C GLY J 44 12.03 -44.49 -1.47
N LEU J 45 11.40 -44.29 -0.32
CA LEU J 45 10.46 -43.19 -0.16
C LEU J 45 11.21 -41.87 -0.17
N GLU J 46 10.50 -40.80 -0.52
CA GLU J 46 11.05 -39.46 -0.41
C GLU J 46 9.92 -38.47 -0.17
N TRP J 47 10.26 -37.35 0.42
CA TRP J 47 9.29 -36.37 0.86
C TRP J 47 8.97 -35.39 -0.25
N VAL J 48 7.73 -34.91 -0.28
CA VAL J 48 7.26 -34.00 -1.33
C VAL J 48 6.78 -32.68 -0.76
N ALA J 49 5.80 -32.71 0.15
CA ALA J 49 5.27 -31.47 0.69
C ALA J 49 4.60 -31.71 2.03
N VAL J 50 4.50 -30.64 2.81
CA VAL J 50 3.80 -30.63 4.09
C VAL J 50 2.96 -29.37 4.15
N ILE J 51 1.77 -29.48 4.74
CA ILE J 51 0.89 -28.33 4.92
C ILE J 51 0.41 -28.31 6.37
N TRP J 52 0.37 -27.13 6.96
CA TRP J 52 -0.06 -26.96 8.34
C TRP J 52 -1.55 -27.28 8.46
N TYR J 53 -2.05 -27.25 9.69
CA TYR J 53 -3.45 -27.61 9.93
C TYR J 53 -4.39 -26.63 9.24
N ASP J 54 -4.06 -25.34 9.27
CA ASP J 54 -4.95 -24.35 8.67
C ASP J 54 -4.58 -24.10 7.20
N GLY J 55 -3.39 -24.50 6.79
CA GLY J 55 -2.92 -24.24 5.45
C GLY J 55 -2.08 -22.99 5.31
N SER J 56 -1.71 -22.35 6.41
CA SER J 56 -0.96 -21.10 6.32
C SER J 56 0.47 -21.34 5.82
N LYS J 57 1.14 -22.36 6.34
CA LYS J 57 2.55 -22.61 6.04
C LYS J 57 2.68 -23.91 5.27
N LYS J 58 3.35 -23.85 4.12
CA LYS J 58 3.59 -25.01 3.28
C LYS J 58 5.06 -25.06 2.90
N TYR J 59 5.62 -26.26 2.88
CA TYR J 59 7.02 -26.45 2.52
C TYR J 59 7.13 -27.62 1.56
N TYR J 60 7.93 -27.46 0.51
CA TYR J 60 8.06 -28.45 -0.54
C TYR J 60 9.49 -28.98 -0.60
N ALA J 61 9.67 -30.13 -1.22
CA ALA J 61 11.00 -30.64 -1.48
C ALA J 61 11.67 -29.76 -2.53
N ASP J 62 12.98 -29.94 -2.69
CA ASP J 62 13.71 -29.15 -3.67
C ASP J 62 13.26 -29.51 -5.07
N SER J 63 13.21 -30.80 -5.40
CA SER J 63 12.98 -31.23 -6.77
C SER J 63 11.57 -31.00 -7.25
N VAL J 64 10.65 -30.58 -6.38
CA VAL J 64 9.26 -30.33 -6.76
C VAL J 64 8.84 -28.90 -6.51
N ARG J 65 9.74 -28.04 -6.08
CA ARG J 65 9.35 -26.67 -5.74
C ARG J 65 9.12 -25.86 -7.01
N GLY J 66 8.04 -25.07 -6.99
CA GLY J 66 7.69 -24.25 -8.12
C GLY J 66 6.84 -24.94 -9.14
N ARG J 67 6.79 -26.27 -9.12
CA ARG J 67 5.91 -27.05 -9.98
C ARG J 67 4.75 -27.65 -9.21
N PHE J 68 5.01 -28.19 -8.03
CA PHE J 68 3.99 -28.81 -7.22
C PHE J 68 3.35 -27.79 -6.28
N THR J 69 2.10 -28.03 -5.92
CA THR J 69 1.36 -27.15 -5.04
C THR J 69 0.42 -27.98 -4.18
N ILE J 70 0.59 -27.89 -2.87
CA ILE J 70 -0.22 -28.64 -1.91
C ILE J 70 -1.26 -27.70 -1.31
N SER J 71 -2.49 -28.19 -1.23
CA SER J 71 -3.56 -27.38 -0.66
C SER J 71 -4.59 -28.31 -0.03
N ARG J 72 -5.38 -27.75 0.88
CA ARG J 72 -6.38 -28.50 1.61
C ARG J 72 -7.69 -27.73 1.54
N ASP J 73 -8.79 -28.46 1.35
CA ASP J 73 -10.12 -27.86 1.43
C ASP J 73 -10.67 -28.25 2.79
N ASN J 74 -10.55 -27.34 3.75
CA ASN J 74 -10.67 -27.73 5.14
C ASN J 74 -12.12 -27.99 5.54
N SER J 75 -13.08 -27.55 4.73
CA SER J 75 -14.48 -27.68 5.09
C SER J 75 -15.11 -29.00 4.64
N ARG J 76 -14.40 -29.82 3.88
CA ARG J 76 -14.97 -31.08 3.44
C ARG J 76 -13.95 -32.21 3.49
N ASN J 77 -12.99 -32.14 4.40
CA ASN J 77 -12.12 -33.27 4.74
C ASN J 77 -11.44 -33.83 3.50
N THR J 78 -10.67 -33.01 2.80
CA THR J 78 -9.95 -33.45 1.61
C THR J 78 -8.62 -32.71 1.50
N LEU J 79 -7.66 -33.35 0.85
CA LEU J 79 -6.31 -32.82 0.68
C LEU J 79 -5.89 -32.98 -0.77
N TYR J 80 -5.22 -31.96 -1.32
CA TYR J 80 -4.85 -31.96 -2.72
C TYR J 80 -3.35 -31.76 -2.88
N LEU J 81 -2.82 -32.25 -3.99
CA LEU J 81 -1.47 -31.94 -4.45
C LEU J 81 -1.54 -31.65 -5.94
N GLN J 82 -1.38 -30.38 -6.31
CA GLN J 82 -1.49 -29.96 -7.68
C GLN J 82 -0.12 -29.98 -8.33
N MET J 83 0.06 -30.83 -9.32
CA MET J 83 1.35 -31.02 -9.99
C MET J 83 1.32 -30.32 -11.34
N HIS J 84 2.28 -29.44 -11.57
CA HIS J 84 2.40 -28.73 -12.84
C HIS J 84 3.73 -29.07 -13.49
N SER J 85 3.75 -28.94 -14.82
CA SER J 85 4.97 -29.17 -15.60
C SER J 85 5.61 -30.50 -15.24
N LEU J 86 4.79 -31.55 -15.25
CA LEU J 86 5.23 -32.88 -14.86
C LEU J 86 6.39 -33.34 -15.74
N ARG J 87 7.56 -33.54 -15.14
CA ARG J 87 8.69 -34.06 -15.88
C ARG J 87 8.70 -35.58 -15.85
N ALA J 88 9.68 -36.17 -16.53
CA ALA J 88 9.79 -37.62 -16.59
C ALA J 88 10.25 -38.23 -15.28
N GLU J 89 10.86 -37.46 -14.39
CA GLU J 89 11.32 -38.01 -13.12
C GLU J 89 10.21 -38.04 -12.08
N ASP J 90 9.14 -37.27 -12.28
CA ASP J 90 8.01 -37.29 -11.35
C ASP J 90 7.08 -38.46 -11.60
N THR J 91 7.63 -39.67 -11.74
CA THR J 91 6.84 -40.88 -11.90
C THR J 91 7.08 -41.75 -10.67
N ALA J 92 5.99 -42.06 -9.97
CA ALA J 92 6.10 -42.74 -8.70
C ALA J 92 4.70 -43.02 -8.16
N VAL J 93 4.65 -43.68 -7.02
CA VAL J 93 3.42 -43.86 -6.26
C VAL J 93 3.37 -42.80 -5.18
N TYR J 94 2.29 -42.02 -5.15
CA TYR J 94 2.18 -40.89 -4.23
C TYR J 94 1.30 -41.27 -3.05
N TYR J 95 1.83 -41.12 -1.84
CA TYR J 95 1.11 -41.47 -0.63
C TYR J 95 0.73 -40.23 0.16
N CYS J 96 -0.48 -40.27 0.70
CA CYS J 96 -1.03 -39.20 1.52
C CYS J 96 -0.93 -39.62 2.98
N ALA J 97 -0.22 -38.83 3.78
CA ALA J 97 0.08 -39.24 5.13
C ALA J 97 -0.32 -38.15 6.12
N ARG J 98 -0.61 -38.56 7.34
CA ARG J 98 -1.09 -37.67 8.39
C ARG J 98 -0.05 -37.54 9.49
N VAL J 99 0.14 -36.33 9.99
CA VAL J 99 1.13 -36.08 11.03
C VAL J 99 0.55 -36.46 12.38
N LYS J 100 1.23 -37.34 13.10
CA LYS J 100 0.73 -37.86 14.37
C LYS J 100 0.99 -36.88 15.50
N ASN J 101 0.03 -36.78 16.42
CA ASN J 101 0.16 -35.91 17.59
C ASN J 101 0.94 -36.65 18.67
N TYR J 102 2.18 -36.23 18.89
CA TYR J 102 2.97 -36.73 19.99
C TYR J 102 3.96 -35.66 20.41
N GLU J 103 4.43 -35.76 21.65
CA GLU J 103 5.33 -34.77 22.22
C GLU J 103 6.62 -35.44 22.66
N SER J 104 7.74 -34.83 22.31
CA SER J 104 9.05 -35.33 22.71
C SER J 104 10.04 -34.18 22.63
N SER J 105 11.20 -34.39 23.26
CA SER J 105 12.23 -33.36 23.26
C SER J 105 12.76 -33.10 21.86
N GLY J 106 13.03 -34.16 21.10
CA GLY J 106 13.60 -34.03 19.77
C GLY J 106 12.58 -34.21 18.69
N TYR J 107 11.42 -33.57 18.85
CA TYR J 107 10.27 -33.76 17.99
C TYR J 107 10.64 -33.65 16.52
N SER J 108 10.32 -34.69 15.76
CA SER J 108 10.37 -34.66 14.31
C SER J 108 9.10 -35.32 13.78
N GLN J 109 8.48 -34.66 12.80
CA GLN J 109 7.16 -35.06 12.34
C GLN J 109 7.15 -36.50 11.85
N CYS J 110 6.21 -37.28 12.36
CA CYS J 110 6.04 -38.67 11.95
C CYS J 110 4.66 -38.83 11.34
N LEU J 111 4.54 -39.77 10.42
CA LEU J 111 3.33 -39.97 9.65
C LEU J 111 2.69 -41.29 10.03
N ASP J 112 1.66 -41.24 10.87
CA ASP J 112 1.12 -42.47 11.44
C ASP J 112 0.18 -43.21 10.49
N TYR J 113 -0.72 -42.48 9.82
CA TYR J 113 -1.70 -43.08 8.93
C TYR J 113 -1.45 -42.62 7.50
N TRP J 114 -1.40 -43.58 6.59
CA TRP J 114 -1.03 -43.32 5.21
C TRP J 114 -2.18 -43.64 4.26
N GLY J 115 -2.21 -42.95 3.14
CA GLY J 115 -3.20 -43.21 2.12
C GLY J 115 -2.92 -44.50 1.39
N GLN J 116 -3.83 -44.84 0.49
CA GLN J 116 -3.76 -46.12 -0.20
C GLN J 116 -2.61 -46.19 -1.19
N GLY J 117 -2.29 -45.07 -1.83
CA GLY J 117 -1.24 -45.07 -2.84
C GLY J 117 -1.78 -44.92 -4.24
N VAL J 118 -1.40 -43.84 -4.91
CA VAL J 118 -1.86 -43.52 -6.25
C VAL J 118 -0.65 -43.49 -7.17
N LEU J 119 -0.75 -44.18 -8.31
CA LEU J 119 0.34 -44.26 -9.27
C LEU J 119 0.21 -43.14 -10.27
N VAL J 120 1.30 -42.41 -10.51
CA VAL J 120 1.38 -41.38 -11.54
C VAL J 120 2.51 -41.76 -12.48
N THR J 121 2.20 -41.87 -13.76
CA THR J 121 3.16 -42.29 -14.78
C THR J 121 3.30 -41.17 -15.81
N VAL J 122 4.53 -40.74 -16.06
CA VAL J 122 4.81 -39.73 -17.07
C VAL J 122 5.59 -40.40 -18.19
N ALA J 123 5.01 -40.42 -19.39
CA ALA J 123 5.60 -41.11 -20.52
C ALA J 123 5.17 -40.46 -21.83
N SER J 124 5.93 -40.75 -22.88
CA SER J 124 5.70 -40.24 -24.23
C SER J 124 5.53 -38.73 -24.26
N VAL K 3 -16.04 41.10 -3.24
CA VAL K 3 -15.31 41.30 -4.49
C VAL K 3 -16.21 42.03 -5.48
N LEU K 4 -17.51 41.75 -5.42
CA LEU K 4 -18.50 42.42 -6.24
C LEU K 4 -18.87 43.73 -5.58
N THR K 5 -18.91 44.80 -6.37
CA THR K 5 -19.07 46.16 -5.86
C THR K 5 -20.48 46.65 -6.11
N GLN K 6 -21.10 47.18 -5.06
CA GLN K 6 -22.46 47.70 -5.07
C GLN K 6 -22.49 49.09 -4.44
N PRO K 7 -23.46 49.92 -4.79
CA PRO K 7 -23.61 51.22 -4.13
C PRO K 7 -23.90 51.04 -2.66
N PRO K 8 -23.38 51.91 -1.79
CA PRO K 8 -23.71 51.79 -0.37
C PRO K 8 -25.20 51.77 -0.08
N SER K 9 -25.99 52.60 -0.78
CA SER K 9 -27.42 52.64 -0.55
C SER K 9 -28.10 53.30 -1.75
N VAL K 10 -29.39 53.02 -1.88
CA VAL K 10 -30.23 53.67 -2.88
C VAL K 10 -31.49 54.15 -2.19
N SER K 11 -32.19 55.08 -2.84
CA SER K 11 -33.37 55.67 -2.24
C SER K 11 -34.32 56.13 -3.34
N GLY K 12 -35.55 56.41 -2.94
CA GLY K 12 -36.57 56.91 -3.85
C GLY K 12 -37.91 57.01 -3.17
N ALA K 13 -38.77 57.90 -3.65
CA ALA K 13 -40.09 58.03 -3.08
C ALA K 13 -40.91 56.77 -3.38
N PRO K 14 -41.81 56.38 -2.48
CA PRO K 14 -42.63 55.20 -2.73
C PRO K 14 -43.46 55.37 -3.99
N GLY K 15 -43.58 54.29 -4.76
CA GLY K 15 -44.26 54.30 -6.03
C GLY K 15 -43.35 54.39 -7.24
N GLN K 16 -42.11 54.83 -7.06
CA GLN K 16 -41.20 55.00 -8.18
C GLN K 16 -40.28 53.80 -8.31
N ARG K 17 -39.40 53.85 -9.32
CA ARG K 17 -38.51 52.76 -9.65
C ARG K 17 -37.10 53.06 -9.19
N VAL K 18 -36.39 52.03 -8.76
CA VAL K 18 -34.98 52.14 -8.40
C VAL K 18 -34.23 50.95 -8.97
N THR K 19 -32.93 51.12 -9.14
CA THR K 19 -32.06 50.09 -9.68
C THR K 19 -30.80 49.96 -8.85
N ILE K 20 -30.47 48.72 -8.51
CA ILE K 20 -29.26 48.38 -7.75
C ILE K 20 -28.29 47.72 -8.71
N SER K 21 -27.04 48.21 -8.72
CA SER K 21 -26.02 47.69 -9.61
C SER K 21 -25.10 46.73 -8.87
N CYS K 22 -24.44 45.87 -9.65
CA CYS K 22 -23.47 44.91 -9.13
C CYS K 22 -22.37 44.74 -10.16
N THR K 23 -21.23 45.38 -9.94
CA THR K 23 -20.12 45.37 -10.88
C THR K 23 -19.14 44.29 -10.52
N GLY K 24 -18.82 43.42 -11.47
CA GLY K 24 -17.86 42.37 -11.25
C GLY K 24 -16.72 42.40 -12.24
N SER K 25 -15.76 41.49 -12.08
CA SER K 25 -14.61 41.42 -12.96
C SER K 25 -14.91 40.50 -14.13
N SER K 26 -13.87 40.18 -14.89
CA SER K 26 -14.04 39.30 -16.05
C SER K 26 -14.18 37.85 -15.64
N SER K 27 -13.94 37.51 -14.39
CA SER K 27 -14.05 36.14 -13.94
C SER K 27 -15.31 35.87 -13.11
N ASN K 28 -16.06 36.89 -12.72
CA ASN K 28 -17.28 36.70 -11.93
C ASN K 28 -18.49 36.72 -12.85
N ILE K 29 -18.73 37.84 -13.53
CA ILE K 29 -19.90 37.98 -14.37
C ILE K 29 -19.52 37.97 -15.84
N GLY K 30 -18.35 38.53 -16.15
CA GLY K 30 -17.85 38.45 -17.51
C GLY K 30 -17.53 37.05 -17.97
N ALA K 31 -17.38 36.10 -17.05
CA ALA K 31 -17.15 34.72 -17.41
C ALA K 31 -18.44 33.98 -17.75
N GLY K 32 -19.58 34.63 -17.62
CA GLY K 32 -20.85 34.01 -17.93
C GLY K 32 -21.55 33.35 -16.76
N TYR K 33 -21.13 33.63 -15.53
CA TYR K 33 -21.71 33.02 -14.34
C TYR K 33 -22.93 33.85 -13.93
N ASP K 34 -24.03 33.17 -13.64
CA ASP K 34 -25.23 33.87 -13.19
C ASP K 34 -24.99 34.54 -11.85
N VAL K 35 -25.69 35.64 -11.62
CA VAL K 35 -25.61 36.38 -10.37
C VAL K 35 -27.00 36.32 -9.73
N HIS K 36 -27.05 35.86 -8.48
CA HIS K 36 -28.31 35.78 -7.74
C HIS K 36 -28.38 36.90 -6.71
N TRP K 37 -29.60 37.28 -6.36
CA TRP K 37 -29.83 38.38 -5.44
C TRP K 37 -30.62 37.86 -4.25
N TYR K 38 -30.23 38.28 -3.05
CA TYR K 38 -30.91 37.91 -1.83
C TYR K 38 -31.42 39.15 -1.11
N GLN K 39 -32.59 39.03 -0.49
CA GLN K 39 -33.22 40.13 0.23
C GLN K 39 -33.08 39.88 1.72
N GLN K 40 -32.48 40.83 2.43
CA GLN K 40 -32.20 40.69 3.86
C GLN K 40 -32.91 41.79 4.63
N LEU K 41 -33.97 41.43 5.33
CA LEU K 41 -34.60 42.27 6.32
C LEU K 41 -33.80 42.25 7.61
N PRO K 42 -34.02 43.20 8.51
CA PRO K 42 -33.37 43.11 9.83
C PRO K 42 -33.73 41.80 10.52
N GLY K 43 -32.72 41.19 11.16
CA GLY K 43 -32.88 39.79 11.54
C GLY K 43 -33.12 38.98 10.29
N THR K 44 -34.09 38.07 10.35
CA THR K 44 -34.76 37.56 9.16
C THR K 44 -33.80 37.12 8.06
N ALA K 45 -33.08 36.03 8.27
CA ALA K 45 -32.09 35.46 7.36
C ALA K 45 -32.48 35.63 5.90
N PRO K 46 -31.54 36.00 5.03
CA PRO K 46 -31.91 36.40 3.68
C PRO K 46 -32.56 35.27 2.89
N LYS K 47 -33.48 35.66 2.02
CA LYS K 47 -34.23 34.73 1.19
C LYS K 47 -33.90 35.00 -0.27
N LEU K 48 -33.96 33.96 -1.09
CA LEU K 48 -33.67 34.12 -2.50
C LEU K 48 -34.69 35.05 -3.13
N LEU K 49 -34.21 36.07 -3.85
CA LEU K 49 -35.06 37.07 -4.46
C LEU K 49 -35.19 36.89 -5.97
N ILE K 50 -34.07 36.92 -6.69
CA ILE K 50 -34.04 36.53 -8.09
C ILE K 50 -32.83 35.65 -8.28
N TYR K 51 -32.90 34.72 -9.23
CA TYR K 51 -31.78 33.83 -9.49
C TYR K 51 -31.54 33.73 -10.99
N GLY K 52 -30.28 33.52 -11.35
CA GLY K 52 -29.94 33.34 -12.74
C GLY K 52 -30.24 34.53 -13.63
N ASN K 53 -29.83 35.73 -13.21
CA ASN K 53 -29.98 36.94 -14.02
C ASN K 53 -31.45 37.29 -14.26
N GLY K 54 -32.28 37.14 -13.22
CA GLY K 54 -33.63 37.68 -13.27
C GLY K 54 -34.76 36.66 -13.24
N ASN K 55 -34.50 35.36 -13.16
CA ASN K 55 -35.57 34.38 -13.04
C ASN K 55 -36.14 34.48 -11.63
N ARG K 56 -37.45 34.67 -11.54
CA ARG K 56 -38.10 34.87 -10.25
C ARG K 56 -38.52 33.53 -9.66
N PRO K 57 -38.14 33.22 -8.43
CA PRO K 57 -38.73 32.06 -7.74
C PRO K 57 -40.16 32.35 -7.34
N SER K 58 -40.90 31.29 -7.05
CA SER K 58 -42.30 31.45 -6.65
C SER K 58 -42.40 32.18 -5.31
N GLY K 59 -43.35 33.11 -5.24
CA GLY K 59 -43.57 33.90 -4.05
C GLY K 59 -43.03 35.31 -4.10
N VAL K 60 -42.16 35.61 -5.07
CA VAL K 60 -41.59 36.94 -5.22
C VAL K 60 -42.52 37.77 -6.08
N PRO K 61 -42.92 38.97 -5.65
CA PRO K 61 -43.80 39.81 -6.47
C PRO K 61 -43.12 40.25 -7.76
N ASP K 62 -43.94 40.51 -8.77
CA ASP K 62 -43.45 40.86 -10.10
C ASP K 62 -42.76 42.23 -10.14
N ARG K 63 -42.71 42.95 -9.02
CA ARG K 63 -42.01 44.22 -9.00
C ARG K 63 -40.50 44.06 -9.06
N PHE K 64 -40.00 42.84 -8.92
CA PHE K 64 -38.57 42.56 -8.93
C PHE K 64 -38.18 41.94 -10.26
N SER K 65 -37.10 42.44 -10.85
CA SER K 65 -36.61 41.96 -12.12
C SER K 65 -35.11 42.24 -12.21
N GLY K 66 -34.45 41.58 -13.14
CA GLY K 66 -33.02 41.79 -13.31
C GLY K 66 -32.61 41.51 -14.73
N SER K 67 -31.40 41.93 -15.05
CA SER K 67 -30.85 41.76 -16.40
C SER K 67 -29.34 41.79 -16.30
N LYS K 68 -28.68 41.29 -17.34
CA LYS K 68 -27.22 41.21 -17.39
C LYS K 68 -26.71 42.01 -18.57
N SER K 69 -25.68 42.82 -18.33
CA SER K 69 -25.12 43.68 -19.36
C SER K 69 -23.62 43.82 -19.14
N GLY K 70 -22.84 43.14 -19.96
CA GLY K 70 -21.40 43.21 -19.83
C GLY K 70 -20.94 42.53 -18.54
N THR K 71 -20.13 43.25 -17.76
CA THR K 71 -19.55 42.72 -16.53
C THR K 71 -20.30 43.18 -15.29
N SER K 72 -21.45 43.82 -15.47
CA SER K 72 -22.27 44.25 -14.34
C SER K 72 -23.72 43.92 -14.63
N VAL K 73 -24.50 43.81 -13.56
CA VAL K 73 -25.92 43.51 -13.69
C VAL K 73 -26.72 44.57 -12.94
N SER K 74 -28.03 44.38 -12.86
CA SER K 74 -28.86 45.34 -12.15
C SER K 74 -30.08 44.62 -11.59
N LEU K 75 -30.65 45.20 -10.54
CA LEU K 75 -31.87 44.72 -9.92
C LEU K 75 -32.89 45.85 -9.95
N ALA K 76 -33.88 45.74 -10.84
CA ALA K 76 -34.89 46.77 -10.99
C ALA K 76 -36.06 46.46 -10.06
N ILE K 77 -36.37 47.41 -9.17
CA ILE K 77 -37.51 47.29 -8.27
C ILE K 77 -38.51 48.37 -8.64
N THR K 78 -39.74 47.96 -8.94
CA THR K 78 -40.83 48.88 -9.17
C THR K 78 -41.74 48.91 -7.95
N GLY K 79 -42.52 49.97 -7.83
CA GLY K 79 -43.38 50.13 -6.68
C GLY K 79 -42.65 50.72 -5.50
N LEU K 80 -41.52 50.11 -5.11
CA LEU K 80 -40.69 50.59 -4.02
C LEU K 80 -41.53 50.87 -2.78
N GLN K 81 -42.15 49.82 -2.26
CA GLN K 81 -43.04 49.93 -1.12
C GLN K 81 -42.25 49.90 0.18
N ALA K 82 -42.94 50.15 1.29
CA ALA K 82 -42.28 50.08 2.59
C ALA K 82 -41.81 48.68 2.91
N GLU K 83 -42.42 47.67 2.29
CA GLU K 83 -42.01 46.29 2.51
C GLU K 83 -40.67 45.96 1.87
N ASP K 84 -40.13 46.86 1.07
CA ASP K 84 -38.86 46.63 0.39
C ASP K 84 -37.67 47.18 1.16
N GLU K 85 -37.87 47.70 2.37
CA GLU K 85 -36.76 48.18 3.17
C GLU K 85 -35.91 46.99 3.63
N ALA K 86 -34.76 46.81 2.98
CA ALA K 86 -33.93 45.65 3.26
C ALA K 86 -32.57 45.85 2.60
N ASP K 87 -31.67 44.90 2.87
CA ASP K 87 -30.36 44.87 2.23
C ASP K 87 -30.34 43.80 1.15
N TYR K 88 -29.87 44.16 -0.04
CA TYR K 88 -29.86 43.26 -1.18
C TYR K 88 -28.43 42.90 -1.55
N TYR K 89 -28.15 41.60 -1.62
CA TYR K 89 -26.80 41.09 -1.82
C TYR K 89 -26.74 40.30 -3.11
N CYS K 90 -25.65 40.47 -3.86
CA CYS K 90 -25.39 39.65 -5.03
C CYS K 90 -24.74 38.34 -4.60
N GLN K 91 -24.58 37.43 -5.56
CA GLN K 91 -23.82 36.22 -5.33
C GLN K 91 -23.50 35.57 -6.66
N SER K 92 -22.24 35.24 -6.87
CA SER K 92 -21.82 34.58 -8.09
C SER K 92 -20.47 33.93 -7.83
N TYR K 93 -20.02 33.14 -8.79
CA TYR K 93 -18.82 32.32 -8.64
C TYR K 93 -17.66 32.95 -9.39
N ASP K 94 -16.53 33.08 -8.71
CA ASP K 94 -15.33 33.69 -9.25
C ASP K 94 -14.36 32.59 -9.67
N SER K 95 -14.10 32.46 -10.97
CA SER K 95 -13.25 31.38 -11.44
C SER K 95 -11.80 31.58 -11.02
N SER K 96 -11.33 32.83 -10.99
CA SER K 96 -9.93 33.08 -10.63
C SER K 96 -9.66 32.72 -9.18
N LEU K 97 -10.61 32.99 -8.29
CA LEU K 97 -10.48 32.57 -6.90
C LEU K 97 -11.03 31.16 -6.71
N SER K 98 -11.92 30.73 -7.59
CA SER K 98 -12.64 29.46 -7.44
C SER K 98 -13.40 29.41 -6.12
N ALA K 99 -14.04 30.53 -5.79
CA ALA K 99 -14.82 30.62 -4.56
C ALA K 99 -16.02 31.54 -4.79
N PHE K 100 -17.14 31.18 -4.20
CA PHE K 100 -18.37 31.96 -4.33
C PHE K 100 -18.20 33.34 -3.71
N VAL K 101 -18.75 34.34 -4.38
CA VAL K 101 -18.51 35.73 -4.06
C VAL K 101 -19.84 36.41 -3.76
N PHE K 102 -19.92 37.11 -2.65
CA PHE K 102 -21.07 37.91 -2.28
C PHE K 102 -20.74 39.39 -2.36
N GLY K 103 -21.70 40.19 -2.79
CA GLY K 103 -21.50 41.61 -2.91
C GLY K 103 -21.52 42.32 -1.58
N THR K 104 -21.12 43.59 -1.60
CA THR K 104 -21.08 44.38 -0.39
C THR K 104 -22.47 44.75 0.12
N GLY K 105 -23.48 44.72 -0.73
CA GLY K 105 -24.85 44.89 -0.31
C GLY K 105 -25.29 46.35 -0.27
N THR K 106 -26.56 46.56 -0.61
CA THR K 106 -27.14 47.89 -0.69
C THR K 106 -28.36 47.95 0.20
N LYS K 107 -28.52 49.08 0.89
CA LYS K 107 -29.67 49.31 1.76
C LYS K 107 -30.68 50.19 1.03
N VAL K 108 -31.92 49.73 0.97
CA VAL K 108 -33.00 50.47 0.34
C VAL K 108 -33.80 51.16 1.43
N THR K 109 -33.80 52.50 1.41
CA THR K 109 -34.40 53.26 2.51
C THR K 109 -35.73 53.89 2.17
N VAL K 110 -36.13 53.91 0.91
CA VAL K 110 -37.42 54.47 0.49
C VAL K 110 -37.60 55.92 0.98
N GLN L 1 -43.34 24.14 3.93
CA GLN L 1 -42.97 22.75 4.16
C GLN L 1 -41.49 22.61 4.46
N VAL L 2 -40.67 23.31 3.70
CA VAL L 2 -39.22 23.27 3.91
C VAL L 2 -38.90 23.98 5.21
N GLN L 3 -37.91 23.48 5.93
CA GLN L 3 -37.50 24.08 7.20
C GLN L 3 -36.04 23.78 7.46
N LEU L 4 -35.33 24.80 7.95
CA LEU L 4 -33.96 24.66 8.41
C LEU L 4 -33.87 25.32 9.78
N VAL L 5 -33.62 24.52 10.82
CA VAL L 5 -33.51 25.03 12.17
C VAL L 5 -32.07 24.85 12.63
N GLN L 6 -31.55 25.86 13.30
CA GLN L 6 -30.15 25.86 13.72
C GLN L 6 -30.04 25.91 15.23
N SER L 7 -28.86 25.58 15.71
CA SER L 7 -28.53 25.66 17.13
C SER L 7 -27.02 25.65 17.27
N GLY L 8 -26.54 25.97 18.47
CA GLY L 8 -25.14 25.88 18.77
C GLY L 8 -24.40 27.19 18.92
N GLY L 9 -25.10 28.30 19.03
CA GLY L 9 -24.45 29.59 19.19
C GLY L 9 -23.95 29.80 20.60
N GLY L 10 -23.44 30.99 20.83
CA GLY L 10 -23.00 31.37 22.15
C GLY L 10 -21.68 32.09 22.09
N VAL L 11 -21.09 32.29 23.26
CA VAL L 11 -19.84 33.02 23.40
C VAL L 11 -18.72 32.00 23.64
N VAL L 12 -17.67 32.08 22.83
CA VAL L 12 -16.54 31.16 22.90
C VAL L 12 -15.27 31.97 23.04
N GLN L 13 -14.45 31.63 24.04
CA GLN L 13 -13.18 32.30 24.20
C GLN L 13 -12.25 31.95 23.05
N PRO L 14 -11.39 32.86 22.61
CA PRO L 14 -10.54 32.59 21.45
C PRO L 14 -9.65 31.37 21.67
N GLY L 15 -9.48 30.59 20.61
CA GLY L 15 -8.72 29.36 20.67
C GLY L 15 -9.54 28.12 20.99
N ARG L 16 -10.80 28.28 21.36
CA ARG L 16 -11.64 27.15 21.70
C ARG L 16 -12.50 26.75 20.50
N SER L 17 -12.92 25.49 20.50
CA SER L 17 -13.70 24.92 19.41
C SER L 17 -15.19 25.04 19.70
N LEU L 18 -15.98 24.98 18.64
CA LEU L 18 -17.43 25.08 18.73
C LEU L 18 -18.02 24.41 17.50
N ARG L 19 -19.18 23.78 17.66
CA ARG L 19 -19.84 23.09 16.56
C ARG L 19 -21.25 23.64 16.38
N LEU L 20 -21.59 23.99 15.15
CA LEU L 20 -22.92 24.44 14.80
C LEU L 20 -23.65 23.32 14.09
N SER L 21 -24.97 23.27 14.25
CA SER L 21 -25.77 22.21 13.65
C SER L 21 -27.00 22.82 12.99
N CYS L 22 -27.51 22.10 11.99
CA CYS L 22 -28.60 22.57 11.16
C CYS L 22 -29.48 21.39 10.79
N VAL L 23 -30.62 21.23 11.46
CA VAL L 23 -31.52 20.11 11.26
C VAL L 23 -32.56 20.50 10.23
N THR L 24 -32.78 19.64 9.25
CA THR L 24 -33.63 19.95 8.11
C THR L 24 -34.83 19.02 8.07
N SER L 25 -35.93 19.54 7.54
CA SER L 25 -37.15 18.75 7.38
C SER L 25 -37.96 19.33 6.24
N GLY L 26 -38.81 18.49 5.67
CA GLY L 26 -39.64 18.90 4.56
C GLY L 26 -39.07 18.62 3.18
N PHE L 27 -37.83 18.15 3.09
CA PHE L 27 -37.26 17.81 1.79
C PHE L 27 -36.32 16.62 1.96
N THR L 28 -36.02 15.96 0.85
CA THR L 28 -35.10 14.83 0.83
C THR L 28 -33.69 15.37 1.04
N PHE L 29 -33.25 15.31 2.30
CA PHE L 29 -31.95 15.88 2.66
C PHE L 29 -30.77 15.25 1.92
N PRO L 30 -30.67 13.92 1.76
CA PRO L 30 -29.48 13.37 1.10
C PRO L 30 -29.30 13.82 -0.33
N ALA L 31 -30.34 14.38 -0.94
CA ALA L 31 -30.30 14.70 -2.35
C ALA L 31 -29.90 16.14 -2.64
N PHE L 32 -29.47 16.91 -1.64
CA PHE L 32 -29.14 18.32 -1.85
C PHE L 32 -27.80 18.67 -1.23
N GLY L 33 -27.10 19.59 -1.88
CA GLY L 33 -25.87 20.14 -1.35
C GLY L 33 -26.18 21.36 -0.51
N MET L 34 -25.26 21.70 0.40
CA MET L 34 -25.53 22.71 1.40
C MET L 34 -24.34 23.64 1.57
N HIS L 35 -24.63 24.86 1.99
CA HIS L 35 -23.61 25.88 2.23
C HIS L 35 -23.69 26.38 3.66
N TRP L 36 -22.60 27.00 4.10
CA TRP L 36 -22.60 27.83 5.30
C TRP L 36 -22.19 29.24 4.93
N VAL L 37 -22.95 30.21 5.40
CA VAL L 37 -22.70 31.61 5.09
C VAL L 37 -22.60 32.38 6.40
N ARG L 38 -21.57 33.22 6.50
CA ARG L 38 -21.28 33.97 7.72
C ARG L 38 -21.48 35.45 7.47
N GLN L 39 -22.17 36.12 8.37
CA GLN L 39 -22.42 37.56 8.23
C GLN L 39 -21.88 38.29 9.45
N ALA L 40 -20.77 39.01 9.27
CA ALA L 40 -20.21 39.79 10.35
C ALA L 40 -21.19 40.89 10.75
N PRO L 41 -21.17 41.32 12.02
CA PRO L 41 -22.17 42.29 12.46
C PRO L 41 -22.01 43.64 11.79
N GLY L 42 -22.95 43.97 10.91
CA GLY L 42 -22.89 45.21 10.15
C GLY L 42 -22.17 45.12 8.82
N LYS L 43 -21.61 43.97 8.48
CA LYS L 43 -20.92 43.78 7.22
C LYS L 43 -21.75 42.91 6.31
N GLY L 44 -21.26 42.69 5.09
CA GLY L 44 -21.96 41.89 4.12
C GLY L 44 -21.77 40.40 4.37
N LEU L 45 -22.55 39.61 3.64
CA LEU L 45 -22.45 38.17 3.71
C LEU L 45 -21.13 37.72 3.11
N GLU L 46 -20.67 36.54 3.54
CA GLU L 46 -19.52 35.92 2.92
C GLU L 46 -19.63 34.41 3.05
N TRP L 47 -18.96 33.71 2.15
CA TRP L 47 -19.09 32.26 2.04
C TRP L 47 -18.10 31.57 2.96
N VAL L 48 -18.50 30.40 3.47
CA VAL L 48 -17.68 29.65 4.41
C VAL L 48 -17.35 28.25 3.89
N ALA L 49 -18.37 27.45 3.57
CA ALA L 49 -18.10 26.10 3.12
C ALA L 49 -19.28 25.57 2.32
N VAL L 50 -18.99 24.58 1.48
CA VAL L 50 -20.00 23.86 0.71
C VAL L 50 -19.69 22.38 0.80
N ILE L 51 -20.73 21.55 0.87
CA ILE L 51 -20.56 20.10 0.90
C ILE L 51 -21.51 19.49 -0.12
N TRP L 52 -21.02 18.48 -0.85
CA TRP L 52 -21.83 17.79 -1.85
C TRP L 52 -22.95 17.02 -1.18
N TYR L 53 -23.82 16.42 -2.01
CA TYR L 53 -24.97 15.72 -1.47
C TYR L 53 -24.55 14.50 -0.65
N ASP L 54 -23.52 13.79 -1.10
CA ASP L 54 -23.09 12.61 -0.37
C ASP L 54 -22.01 12.93 0.65
N GLY L 55 -21.40 14.11 0.54
CA GLY L 55 -20.33 14.50 1.43
C GLY L 55 -18.95 14.19 0.93
N SER L 56 -18.82 13.76 -0.33
CA SER L 56 -17.51 13.37 -0.84
C SER L 56 -16.61 14.57 -1.04
N LYS L 57 -17.13 15.67 -1.59
CA LYS L 57 -16.34 16.83 -1.95
C LYS L 57 -16.76 18.02 -1.10
N LYS L 58 -15.79 18.64 -0.44
CA LYS L 58 -16.02 19.80 0.41
C LYS L 58 -15.02 20.88 0.05
N TYR L 59 -15.47 22.13 0.06
CA TYR L 59 -14.61 23.26 -0.26
C TYR L 59 -14.87 24.38 0.74
N TYR L 60 -13.81 25.01 1.23
CA TYR L 60 -13.91 26.02 2.26
C TYR L 60 -13.39 27.35 1.75
N ALA L 61 -13.76 28.42 2.43
CA ALA L 61 -13.19 29.72 2.13
C ALA L 61 -11.73 29.75 2.55
N ASP L 62 -11.01 30.78 2.10
CA ASP L 62 -9.60 30.88 2.45
C ASP L 62 -9.44 31.11 3.94
N SER L 63 -10.17 32.08 4.49
CA SER L 63 -9.94 32.51 5.87
C SER L 63 -10.39 31.49 6.91
N VAL L 64 -11.06 30.41 6.50
CA VAL L 64 -11.52 29.39 7.43
C VAL L 64 -10.94 28.03 7.13
N ARG L 65 -10.04 27.91 6.17
CA ARG L 65 -9.53 26.61 5.79
C ARG L 65 -8.53 26.10 6.83
N GLY L 66 -8.65 24.83 7.17
CA GLY L 66 -7.78 24.21 8.14
C GLY L 66 -8.25 24.35 9.56
N ARG L 67 -9.17 25.28 9.83
CA ARG L 67 -9.79 25.43 11.13
C ARG L 67 -11.23 24.94 11.13
N PHE L 68 -11.99 25.27 10.09
CA PHE L 68 -13.38 24.88 10.01
C PHE L 68 -13.51 23.54 9.29
N THR L 69 -14.57 22.81 9.62
CA THR L 69 -14.83 21.51 9.03
C THR L 69 -16.33 21.32 8.90
N ILE L 70 -16.80 21.11 7.67
CA ILE L 70 -18.21 20.93 7.38
C ILE L 70 -18.48 19.45 7.17
N SER L 71 -19.55 18.95 7.77
CA SER L 71 -19.91 17.56 7.62
C SER L 71 -21.43 17.42 7.74
N ARG L 72 -21.94 16.31 7.22
CA ARG L 72 -23.37 16.05 7.21
C ARG L 72 -23.59 14.64 7.73
N ASP L 73 -24.62 14.47 8.56
CA ASP L 73 -25.03 13.15 8.99
C ASP L 73 -26.26 12.80 8.16
N ASN L 74 -26.04 12.03 7.09
CA ASN L 74 -27.03 11.95 6.02
C ASN L 74 -28.23 11.11 6.43
N SER L 75 -28.11 10.31 7.48
CA SER L 75 -29.19 9.40 7.86
C SER L 75 -30.21 10.03 8.79
N ARG L 76 -29.98 11.24 9.28
CA ARG L 76 -30.94 11.87 10.19
C ARG L 76 -31.13 13.36 9.88
N ASN L 77 -30.94 13.75 8.62
CA ASN L 77 -31.34 15.07 8.15
C ASN L 77 -30.74 16.18 9.01
N THR L 78 -29.41 16.23 9.08
CA THR L 78 -28.73 17.25 9.85
C THR L 78 -27.42 17.64 9.18
N LEU L 79 -26.97 18.86 9.42
CA LEU L 79 -25.75 19.40 8.83
C LEU L 79 -24.92 20.08 9.91
N TYR L 80 -23.61 19.89 9.86
CA TYR L 80 -22.72 20.41 10.90
C TYR L 80 -21.65 21.29 10.29
N LEU L 81 -21.15 22.22 11.10
CA LEU L 81 -19.94 22.98 10.79
C LEU L 81 -19.09 23.02 12.05
N GLN L 82 -17.99 22.28 12.04
CA GLN L 82 -17.12 22.17 13.20
C GLN L 82 -16.02 23.22 13.12
N MET L 83 -16.02 24.15 14.05
CA MET L 83 -15.08 25.28 14.07
C MET L 83 -14.00 25.01 15.10
N HIS L 84 -12.75 25.06 14.67
CA HIS L 84 -11.62 24.88 15.56
C HIS L 84 -10.76 26.12 15.57
N SER L 85 -10.04 26.31 16.68
CA SER L 85 -9.12 27.43 16.83
C SER L 85 -9.80 28.75 16.49
N LEU L 86 -10.96 28.97 17.08
CA LEU L 86 -11.76 30.15 16.79
C LEU L 86 -10.98 31.42 17.10
N ARG L 87 -10.71 32.23 16.08
CA ARG L 87 -10.04 33.49 16.28
C ARG L 87 -11.07 34.59 16.55
N ALA L 88 -10.55 35.80 16.81
CA ALA L 88 -11.41 36.94 17.09
C ALA L 88 -12.17 37.44 15.88
N GLU L 89 -11.75 37.09 14.66
CA GLU L 89 -12.45 37.54 13.47
C GLU L 89 -13.61 36.63 13.12
N ASP L 90 -13.66 35.43 13.68
CA ASP L 90 -14.75 34.50 13.39
C ASP L 90 -15.96 34.71 14.29
N THR L 91 -16.39 35.96 14.45
CA THR L 91 -17.58 36.28 15.24
C THR L 91 -18.62 36.89 14.31
N ALA L 92 -19.71 36.16 14.09
CA ALA L 92 -20.69 36.57 13.11
C ALA L 92 -21.92 35.68 13.24
N VAL L 93 -22.92 35.98 12.44
CA VAL L 93 -24.14 35.18 12.38
C VAL L 93 -23.98 34.17 11.26
N TYR L 94 -24.09 32.88 11.59
CA TYR L 94 -23.84 31.81 10.63
C TYR L 94 -25.16 31.27 10.11
N TYR L 95 -25.32 31.28 8.79
CA TYR L 95 -26.55 30.83 8.16
C TYR L 95 -26.33 29.52 7.42
N CYS L 96 -27.30 28.64 7.54
CA CYS L 96 -27.31 27.34 6.88
C CYS L 96 -28.20 27.42 5.65
N ALA L 97 -27.64 27.16 4.48
CA ALA L 97 -28.37 27.39 3.25
C ALA L 97 -28.34 26.14 2.38
N ARG L 98 -29.36 26.00 1.54
CA ARG L 98 -29.55 24.84 0.69
C ARG L 98 -29.38 25.23 -0.77
N VAL L 99 -28.68 24.38 -1.53
CA VAL L 99 -28.44 24.66 -2.94
C VAL L 99 -29.67 24.27 -3.75
N LYS L 100 -30.18 25.22 -4.53
CA LYS L 100 -31.41 25.03 -5.27
C LYS L 100 -31.15 24.26 -6.57
N ASN L 101 -32.09 23.40 -6.94
CA ASN L 101 -32.00 22.63 -8.18
C ASN L 101 -32.53 23.48 -9.33
N TYR L 102 -31.61 23.94 -10.18
CA TYR L 102 -32.01 24.63 -11.40
C TYR L 102 -30.91 24.40 -12.43
N GLU L 103 -31.29 24.54 -13.70
CA GLU L 103 -30.37 24.29 -14.81
C GLU L 103 -30.27 25.55 -15.66
N SER L 104 -29.04 25.93 -16.01
CA SER L 104 -28.79 27.08 -16.86
C SER L 104 -27.42 26.92 -17.49
N SER L 105 -27.17 27.71 -18.52
CA SER L 105 -25.88 27.65 -19.21
C SER L 105 -24.75 28.09 -18.31
N GLY L 106 -24.93 29.18 -17.58
CA GLY L 106 -23.89 29.72 -16.72
C GLY L 106 -24.10 29.38 -15.26
N TYR L 107 -24.43 28.12 -15.00
CA TYR L 107 -24.83 27.67 -13.67
C TYR L 107 -23.85 28.12 -12.60
N SER L 108 -24.37 28.81 -11.59
CA SER L 108 -23.63 29.11 -10.38
C SER L 108 -24.55 28.84 -9.20
N GLN L 109 -24.02 28.15 -8.19
CA GLN L 109 -24.85 27.65 -7.11
C GLN L 109 -25.57 28.78 -6.39
N CYS L 110 -26.89 28.63 -6.23
CA CYS L 110 -27.71 29.60 -5.52
C CYS L 110 -28.33 28.92 -4.32
N LEU L 111 -28.59 29.71 -3.28
CA LEU L 111 -29.08 29.19 -2.01
C LEU L 111 -30.51 29.65 -1.79
N ASP L 112 -31.46 28.77 -2.03
CA ASP L 112 -32.87 29.19 -2.02
C ASP L 112 -33.45 29.28 -0.62
N TYR L 113 -33.18 28.29 0.23
CA TYR L 113 -33.73 28.24 1.58
C TYR L 113 -32.62 28.36 2.60
N TRP L 114 -32.78 29.26 3.56
CA TRP L 114 -31.76 29.60 4.52
C TRP L 114 -32.21 29.25 5.93
N GLY L 115 -31.23 28.95 6.79
CA GLY L 115 -31.50 28.69 8.17
C GLY L 115 -31.85 29.96 8.92
N GLN L 116 -32.20 29.78 10.20
CA GLN L 116 -32.67 30.90 11.00
C GLN L 116 -31.57 31.89 11.32
N GLY L 117 -30.34 31.42 11.50
CA GLY L 117 -29.26 32.31 11.88
C GLY L 117 -28.82 32.13 13.31
N VAL L 118 -27.57 31.71 13.50
CA VAL L 118 -26.99 31.44 14.80
C VAL L 118 -25.83 32.40 15.03
N LEU L 119 -25.81 33.04 16.19
CA LEU L 119 -24.79 34.03 16.51
C LEU L 119 -23.63 33.34 17.23
N VAL L 120 -22.42 33.57 16.77
CA VAL L 120 -21.20 33.10 17.43
C VAL L 120 -20.35 34.32 17.75
N THR L 121 -19.98 34.47 19.01
CA THR L 121 -19.20 35.62 19.46
C THR L 121 -17.92 35.11 20.10
N VAL L 122 -16.77 35.63 19.65
CA VAL L 122 -15.48 35.27 20.21
C VAL L 122 -14.94 36.47 20.96
N ALA L 123 -14.75 36.34 22.27
CA ALA L 123 -14.33 37.46 23.10
C ALA L 123 -13.55 36.95 24.30
N SER L 124 -12.81 37.88 24.91
CA SER L 124 -11.96 37.62 26.09
C SER L 124 -11.06 36.41 25.89
N VAL M 3 12.35 23.61 -26.62
CA VAL M 3 11.83 22.79 -27.70
C VAL M 3 11.05 23.68 -28.67
N LEU M 4 10.66 24.85 -28.18
CA LEU M 4 10.03 25.88 -28.99
C LEU M 4 11.08 26.95 -29.30
N THR M 5 11.22 27.30 -30.57
CA THR M 5 12.28 28.16 -31.02
C THR M 5 11.79 29.60 -31.11
N GLN M 6 12.58 30.53 -30.59
CA GLN M 6 12.30 31.95 -30.61
C GLN M 6 13.54 32.71 -31.05
N PRO M 7 13.38 33.90 -31.64
CA PRO M 7 14.54 34.71 -32.00
C PRO M 7 15.30 35.11 -30.75
N PRO M 8 16.63 35.20 -30.82
CA PRO M 8 17.39 35.59 -29.63
C PRO M 8 17.00 36.95 -29.09
N SER M 9 16.68 37.91 -29.96
CA SER M 9 16.23 39.22 -29.50
C SER M 9 15.53 39.92 -30.66
N VAL M 10 14.61 40.82 -30.29
CA VAL M 10 13.97 41.72 -31.24
C VAL M 10 14.04 43.13 -30.66
N SER M 11 13.88 44.11 -31.52
CA SER M 11 14.05 45.49 -31.12
C SER M 11 13.19 46.39 -31.98
N GLY M 12 13.13 47.66 -31.60
CA GLY M 12 12.44 48.65 -32.40
C GLY M 12 12.37 49.98 -31.68
N ALA M 13 12.31 51.05 -32.46
CA ALA M 13 12.18 52.37 -31.85
C ALA M 13 10.83 52.47 -31.14
N PRO M 14 10.77 53.21 -30.04
CA PRO M 14 9.49 53.35 -29.33
C PRO M 14 8.42 53.95 -30.23
N GLY M 15 7.22 53.41 -30.12
CA GLY M 15 6.11 53.80 -30.95
C GLY M 15 5.79 52.83 -32.08
N GLN M 16 6.72 51.97 -32.46
CA GLN M 16 6.52 51.08 -33.58
C GLN M 16 6.22 49.66 -33.10
N ARG M 17 5.77 48.83 -34.03
CA ARG M 17 5.26 47.50 -33.75
C ARG M 17 6.34 46.45 -34.01
N VAL M 18 6.42 45.45 -33.12
CA VAL M 18 7.34 44.33 -33.28
C VAL M 18 6.56 43.03 -33.18
N THR M 19 7.17 41.96 -33.67
CA THR M 19 6.56 40.64 -33.66
C THR M 19 7.56 39.60 -33.18
N ILE M 20 7.14 38.79 -32.22
CA ILE M 20 7.94 37.71 -31.66
C ILE M 20 7.29 36.40 -32.05
N SER M 21 8.06 35.52 -32.69
CA SER M 21 7.53 34.26 -33.19
C SER M 21 7.89 33.12 -32.26
N CYS M 22 7.16 32.01 -32.42
CA CYS M 22 7.38 30.78 -31.65
C CYS M 22 7.08 29.60 -32.54
N THR M 23 8.12 28.96 -33.06
CA THR M 23 7.96 27.87 -34.02
C THR M 23 8.10 26.53 -33.31
N GLY M 24 7.07 25.70 -33.42
CA GLY M 24 7.09 24.36 -32.85
C GLY M 24 6.77 23.29 -33.86
N SER M 25 6.91 22.03 -33.47
CA SER M 25 6.79 20.91 -34.39
C SER M 25 5.34 20.51 -34.55
N SER M 26 5.12 19.32 -35.10
CA SER M 26 3.77 18.82 -35.32
C SER M 26 3.15 18.27 -34.03
N SER M 27 3.93 18.08 -32.97
CA SER M 27 3.38 17.65 -31.70
C SER M 27 3.28 18.78 -30.68
N ASN M 28 3.82 19.96 -30.98
CA ASN M 28 3.76 21.11 -30.08
C ASN M 28 2.57 21.99 -30.43
N ILE M 29 2.55 22.57 -31.63
CA ILE M 29 1.50 23.50 -32.02
C ILE M 29 0.69 22.93 -33.18
N GLY M 30 1.30 22.05 -33.97
CA GLY M 30 0.58 21.36 -35.01
C GLY M 30 -0.46 20.40 -34.51
N ALA M 31 -0.34 19.94 -33.26
CA ALA M 31 -1.35 19.07 -32.67
C ALA M 31 -2.50 19.86 -32.08
N GLY M 32 -2.48 21.18 -32.17
CA GLY M 32 -3.58 22.00 -31.71
C GLY M 32 -3.47 22.50 -30.29
N TYR M 33 -2.29 22.44 -29.69
CA TYR M 33 -2.10 22.81 -28.29
C TYR M 33 -1.85 24.31 -28.20
N ASP M 34 -2.61 24.98 -27.34
CA ASP M 34 -2.51 26.42 -27.21
C ASP M 34 -1.14 26.82 -26.74
N VAL M 35 -0.71 28.01 -27.13
CA VAL M 35 0.59 28.56 -26.75
C VAL M 35 0.34 29.78 -25.88
N HIS M 36 0.94 29.80 -24.71
CA HIS M 36 0.82 30.91 -23.78
C HIS M 36 2.11 31.71 -23.73
N TRP M 37 2.01 32.97 -23.33
CA TRP M 37 3.14 33.88 -23.34
C TRP M 37 3.34 34.48 -21.96
N TYR M 38 4.59 34.55 -21.52
CA TYR M 38 4.91 35.13 -20.23
C TYR M 38 5.92 36.25 -20.40
N GLN M 39 5.81 37.28 -19.56
CA GLN M 39 6.67 38.45 -19.62
C GLN M 39 7.55 38.46 -18.39
N GLN M 40 8.86 38.51 -18.61
CA GLN M 40 9.84 38.43 -17.54
C GLN M 40 10.66 39.72 -17.53
N LEU M 41 10.40 40.56 -16.55
CA LEU M 41 11.27 41.70 -16.25
C LEU M 41 12.47 41.20 -15.45
N PRO M 42 13.54 41.99 -15.37
CA PRO M 42 14.67 41.59 -14.53
C PRO M 42 14.22 41.36 -13.09
N GLY M 43 14.74 40.29 -12.47
CA GLY M 43 14.12 39.79 -11.26
C GLY M 43 12.70 39.38 -11.59
N THR M 44 11.74 39.84 -10.76
CA THR M 44 10.35 39.96 -11.19
C THR M 44 9.80 38.72 -11.90
N ALA M 45 9.57 37.64 -11.15
CA ALA M 45 9.03 36.37 -11.64
C ALA M 45 7.98 36.58 -12.74
N PRO M 46 7.97 35.72 -13.75
CA PRO M 46 7.17 36.01 -14.94
C PRO M 46 5.69 36.08 -14.64
N LYS M 47 4.99 36.85 -15.47
CA LYS M 47 3.55 37.02 -15.37
C LYS M 47 2.92 36.59 -16.67
N LEU M 48 1.73 36.00 -16.60
CA LEU M 48 0.97 35.68 -17.80
C LEU M 48 0.73 36.96 -18.60
N LEU M 49 0.95 36.86 -19.90
CA LEU M 49 0.71 37.98 -20.80
C LEU M 49 -0.43 37.68 -21.78
N ILE M 50 -0.43 36.49 -22.36
CA ILE M 50 -1.47 36.06 -23.30
C ILE M 50 -1.64 34.56 -23.15
N TYR M 51 -2.87 34.10 -23.02
CA TYR M 51 -3.13 32.69 -22.84
C TYR M 51 -4.06 32.18 -23.94
N GLY M 52 -3.82 30.94 -24.35
CA GLY M 52 -4.68 30.32 -25.33
C GLY M 52 -4.69 30.97 -26.70
N ASN M 53 -3.53 31.33 -27.23
CA ASN M 53 -3.41 31.81 -28.61
C ASN M 53 -4.17 33.12 -28.83
N GLY M 54 -3.89 34.12 -28.01
CA GLY M 54 -4.42 35.46 -28.25
C GLY M 54 -5.46 35.95 -27.25
N ASN M 55 -5.92 35.14 -26.30
CA ASN M 55 -6.83 35.61 -25.27
C ASN M 55 -6.01 36.37 -24.24
N ARG M 56 -6.30 37.65 -24.06
CA ARG M 56 -5.50 38.52 -23.22
C ARG M 56 -6.11 38.64 -21.84
N PRO M 57 -5.41 38.28 -20.77
CA PRO M 57 -6.01 38.33 -19.44
C PRO M 57 -6.20 39.76 -18.96
N SER M 58 -7.03 39.89 -17.92
CA SER M 58 -7.28 41.20 -17.34
C SER M 58 -6.02 41.76 -16.70
N GLY M 59 -5.76 43.04 -16.96
CA GLY M 59 -4.56 43.70 -16.47
C GLY M 59 -3.47 43.87 -17.50
N VAL M 60 -3.59 43.22 -18.66
CA VAL M 60 -2.64 43.37 -19.76
C VAL M 60 -3.21 44.37 -20.75
N PRO M 61 -2.47 45.42 -21.10
CA PRO M 61 -3.01 46.43 -22.01
C PRO M 61 -3.24 45.87 -23.40
N ASP M 62 -4.11 46.55 -24.14
CA ASP M 62 -4.57 46.10 -25.45
C ASP M 62 -3.45 45.97 -26.47
N ARG M 63 -2.30 46.59 -26.23
CA ARG M 63 -1.23 46.58 -27.22
C ARG M 63 -0.73 45.17 -27.52
N PHE M 64 -0.89 44.22 -26.59
CA PHE M 64 -0.40 42.86 -26.76
C PHE M 64 -1.50 41.99 -27.36
N SER M 65 -1.23 41.39 -28.52
CA SER M 65 -2.16 40.45 -29.12
C SER M 65 -1.36 39.36 -29.80
N GLY M 66 -1.97 38.19 -29.96
CA GLY M 66 -1.26 37.06 -30.51
C GLY M 66 -2.08 36.39 -31.58
N SER M 67 -1.43 35.53 -32.34
CA SER M 67 -2.08 34.86 -33.45
C SER M 67 -1.34 33.56 -33.73
N LYS M 68 -2.08 32.59 -34.28
CA LYS M 68 -1.53 31.27 -34.58
C LYS M 68 -1.67 31.00 -36.07
N SER M 69 -0.61 30.46 -36.66
CA SER M 69 -0.62 30.17 -38.08
C SER M 69 0.28 28.97 -38.35
N GLY M 70 -0.33 27.87 -38.77
CA GLY M 70 0.44 26.67 -39.08
C GLY M 70 1.01 26.06 -37.82
N THR M 71 2.33 25.89 -37.81
CA THR M 71 3.04 25.31 -36.68
C THR M 71 3.77 26.34 -35.85
N SER M 72 3.44 27.62 -36.01
CA SER M 72 4.05 28.67 -35.23
C SER M 72 3.00 29.70 -34.85
N VAL M 73 3.24 30.39 -33.74
CA VAL M 73 2.38 31.49 -33.32
C VAL M 73 3.21 32.76 -33.34
N SER M 74 2.62 33.86 -32.89
CA SER M 74 3.38 35.09 -32.80
C SER M 74 2.70 36.01 -31.80
N LEU M 75 3.47 36.97 -31.30
CA LEU M 75 2.99 37.95 -30.32
C LEU M 75 3.26 39.33 -30.88
N ALA M 76 2.21 40.02 -31.31
CA ALA M 76 2.36 41.37 -31.83
C ALA M 76 2.30 42.37 -30.68
N ILE M 77 3.34 43.17 -30.56
CA ILE M 77 3.38 44.26 -29.59
C ILE M 77 3.33 45.57 -30.37
N THR M 78 2.33 46.39 -30.08
CA THR M 78 2.23 47.72 -30.65
C THR M 78 2.57 48.76 -29.60
N GLY M 79 2.96 49.93 -30.07
CA GLY M 79 3.35 50.98 -29.14
C GLY M 79 4.78 50.83 -28.67
N LEU M 80 5.13 49.68 -28.11
CA LEU M 80 6.50 49.38 -27.69
C LEU M 80 7.05 50.48 -26.80
N GLN M 81 6.49 50.58 -25.60
CA GLN M 81 6.91 51.59 -24.65
C GLN M 81 8.12 51.09 -23.86
N ALA M 82 8.70 51.96 -23.04
CA ALA M 82 9.87 51.57 -22.26
C ALA M 82 9.55 50.45 -21.28
N GLU M 83 8.29 50.36 -20.85
CA GLU M 83 7.89 49.33 -19.91
C GLU M 83 7.85 47.94 -20.54
N ASP M 84 7.99 47.84 -21.86
CA ASP M 84 7.94 46.57 -22.56
C ASP M 84 9.30 45.91 -22.70
N GLU M 85 10.35 46.50 -22.13
CA GLU M 85 11.66 45.87 -22.14
C GLU M 85 11.67 44.69 -21.18
N ALA M 86 11.68 43.48 -21.72
CA ALA M 86 11.58 42.29 -20.87
C ALA M 86 11.93 41.05 -21.68
N ASP M 87 11.78 39.90 -21.02
CA ASP M 87 11.98 38.61 -21.67
C ASP M 87 10.61 37.96 -21.88
N TYR M 88 10.36 37.49 -23.09
CA TYR M 88 9.08 36.88 -23.43
C TYR M 88 9.27 35.40 -23.74
N TYR M 89 8.56 34.55 -23.01
CA TYR M 89 8.68 33.11 -23.15
C TYR M 89 7.35 32.50 -23.56
N CYS M 90 7.40 31.54 -24.48
CA CYS M 90 6.21 30.79 -24.83
C CYS M 90 5.97 29.69 -23.81
N GLN M 91 4.97 28.86 -24.08
CA GLN M 91 4.72 27.65 -23.32
C GLN M 91 3.63 26.87 -24.02
N SER M 92 3.75 25.56 -24.02
CA SER M 92 2.72 24.69 -24.59
C SER M 92 3.03 23.27 -24.15
N TYR M 93 2.34 22.32 -24.76
CA TYR M 93 2.45 20.92 -24.39
C TYR M 93 2.93 20.10 -25.58
N ASP M 94 3.94 19.27 -25.36
CA ASP M 94 4.50 18.40 -26.39
C ASP M 94 4.00 16.99 -26.17
N SER M 95 3.08 16.52 -27.02
CA SER M 95 2.44 15.24 -26.77
C SER M 95 3.41 14.08 -26.95
N SER M 96 4.45 14.25 -27.79
CA SER M 96 5.43 13.18 -27.96
C SER M 96 6.34 13.08 -26.75
N LEU M 97 6.77 14.22 -26.20
CA LEU M 97 7.50 14.20 -24.94
C LEU M 97 6.55 13.97 -23.77
N SER M 98 5.29 14.36 -23.93
CA SER M 98 4.32 14.37 -22.83
C SER M 98 4.82 15.25 -21.68
N ALA M 99 5.26 16.46 -22.02
CA ALA M 99 5.74 17.41 -21.03
C ALA M 99 5.57 18.82 -21.56
N PHE M 100 5.38 19.76 -20.65
CA PHE M 100 5.23 21.16 -21.01
C PHE M 100 6.57 21.74 -21.43
N VAL M 101 6.57 22.47 -22.55
CA VAL M 101 7.80 22.99 -23.13
C VAL M 101 7.72 24.51 -23.14
N PHE M 102 8.82 25.14 -22.78
CA PHE M 102 8.95 26.59 -22.83
C PHE M 102 9.85 26.99 -23.99
N GLY M 103 9.61 28.17 -24.52
CA GLY M 103 10.45 28.70 -25.57
C GLY M 103 11.79 29.15 -25.03
N THR M 104 12.68 29.49 -25.97
CA THR M 104 14.01 29.92 -25.58
C THR M 104 14.04 31.35 -25.03
N GLY M 105 13.05 32.16 -25.37
CA GLY M 105 12.93 33.50 -24.81
C GLY M 105 13.64 34.56 -25.64
N THR M 106 12.96 35.67 -25.83
CA THR M 106 13.49 36.79 -26.61
C THR M 106 13.54 38.02 -25.72
N LYS M 107 14.47 38.91 -26.03
CA LYS M 107 14.64 40.13 -25.26
C LYS M 107 14.27 41.33 -26.13
N VAL M 108 13.17 41.98 -25.77
CA VAL M 108 12.72 43.19 -26.45
C VAL M 108 13.44 44.37 -25.81
N THR M 109 14.16 45.15 -26.61
CA THR M 109 15.09 46.11 -26.01
C THR M 109 14.71 47.57 -26.24
N VAL M 110 13.81 47.89 -27.16
CA VAL M 110 13.35 49.26 -27.38
C VAL M 110 14.52 50.22 -27.65
N GLN N 1 -5.33 39.96 -4.94
CA GLN N 1 -5.66 39.25 -3.72
C GLN N 1 -4.92 37.92 -3.65
N VAL N 2 -4.75 37.29 -4.81
CA VAL N 2 -4.07 36.00 -4.90
C VAL N 2 -2.58 36.23 -4.66
N GLN N 3 -2.01 35.48 -3.74
CA GLN N 3 -0.60 35.62 -3.39
C GLN N 3 0.05 34.24 -3.32
N LEU N 4 1.27 34.15 -3.85
CA LEU N 4 2.11 32.98 -3.68
C LEU N 4 3.43 33.44 -3.08
N VAL N 5 3.76 32.91 -1.91
CA VAL N 5 4.94 33.33 -1.16
C VAL N 5 5.83 32.11 -0.94
N GLN N 6 7.11 32.24 -1.29
CA GLN N 6 8.03 31.13 -1.26
C GLN N 6 9.10 31.35 -0.21
N SER N 7 9.80 30.26 0.10
CA SER N 7 10.93 30.27 1.02
C SER N 7 11.69 28.97 0.85
N GLY N 8 12.83 28.88 1.51
CA GLY N 8 13.56 27.63 1.60
C GLY N 8 14.75 27.46 0.69
N GLY N 9 15.21 28.53 0.03
CA GLY N 9 16.38 28.44 -0.81
C GLY N 9 17.66 28.67 -0.05
N GLY N 10 18.77 28.57 -0.76
CA GLY N 10 20.07 28.80 -0.18
C GLY N 10 21.12 28.01 -0.92
N VAL N 11 22.29 27.90 -0.29
CA VAL N 11 23.45 27.23 -0.87
C VAL N 11 23.49 25.81 -0.33
N VAL N 12 23.57 24.84 -1.23
CA VAL N 12 23.55 23.42 -0.87
C VAL N 12 24.75 22.74 -1.50
N GLN N 13 25.49 21.98 -0.70
CA GLN N 13 26.57 21.20 -1.27
C GLN N 13 25.99 20.08 -2.15
N PRO N 14 26.67 19.71 -3.23
CA PRO N 14 26.13 18.67 -4.11
C PRO N 14 25.96 17.35 -3.38
N GLY N 15 24.85 16.66 -3.68
CA GLY N 15 24.52 15.42 -3.03
C GLY N 15 23.64 15.55 -1.80
N ARG N 16 23.39 16.77 -1.32
CA ARG N 16 22.53 16.98 -0.17
C ARG N 16 21.12 17.30 -0.64
N SER N 17 20.19 17.24 0.31
CA SER N 17 18.79 17.47 0.05
C SER N 17 18.38 18.89 0.45
N LEU N 18 17.28 19.35 -0.12
CA LEU N 18 16.74 20.67 0.18
C LEU N 18 15.24 20.64 -0.13
N ARG N 19 14.47 21.43 0.61
CA ARG N 19 13.03 21.49 0.42
C ARG N 19 12.60 22.92 0.18
N LEU N 20 11.83 23.14 -0.88
CA LEU N 20 11.26 24.43 -1.18
C LEU N 20 9.77 24.40 -0.88
N SER N 21 9.27 25.45 -0.26
CA SER N 21 7.86 25.52 0.11
C SER N 21 7.25 26.80 -0.44
N CYS N 22 5.95 26.76 -0.65
CA CYS N 22 5.21 27.83 -1.30
C CYS N 22 3.84 27.97 -0.64
N VAL N 23 3.68 28.96 0.22
CA VAL N 23 2.46 29.14 1.00
C VAL N 23 1.55 30.12 0.28
N THR N 24 0.32 29.69 0.00
CA THR N 24 -0.59 30.43 -0.85
C THR N 24 -1.70 31.05 -0.02
N SER N 25 -2.32 32.09 -0.56
CA SER N 25 -3.41 32.75 0.14
C SER N 25 -4.23 33.54 -0.87
N GLY N 26 -5.50 33.75 -0.53
CA GLY N 26 -6.41 34.52 -1.35
C GLY N 26 -7.33 33.72 -2.24
N PHE N 27 -7.17 32.40 -2.30
CA PHE N 27 -7.99 31.60 -3.20
C PHE N 27 -8.16 30.20 -2.62
N THR N 28 -9.12 29.46 -3.20
CA THR N 28 -9.41 28.10 -2.78
C THR N 28 -8.32 27.18 -3.31
N PHE N 29 -7.30 26.99 -2.48
CA PHE N 29 -6.13 26.22 -2.87
C PHE N 29 -6.42 24.77 -3.23
N PRO N 30 -7.21 24.00 -2.44
CA PRO N 30 -7.43 22.59 -2.81
C PRO N 30 -8.12 22.38 -4.13
N ALA N 31 -8.58 23.45 -4.76
CA ALA N 31 -9.23 23.36 -6.05
C ALA N 31 -8.31 23.66 -7.23
N PHE N 32 -7.02 23.87 -7.00
CA PHE N 32 -6.10 24.25 -8.06
C PHE N 32 -4.89 23.34 -8.11
N GLY N 33 -4.42 23.08 -9.33
CA GLY N 33 -3.20 22.33 -9.53
C GLY N 33 -2.05 23.28 -9.77
N MET N 34 -0.87 22.92 -9.30
CA MET N 34 0.26 23.83 -9.25
C MET N 34 1.46 23.21 -9.91
N HIS N 35 2.33 24.05 -10.47
CA HIS N 35 3.53 23.63 -11.14
C HIS N 35 4.75 24.09 -10.35
N TRP N 36 5.92 23.61 -10.77
CA TRP N 36 7.20 24.17 -10.39
C TRP N 36 8.01 24.44 -11.65
N VAL N 37 8.56 25.64 -11.74
CA VAL N 37 9.31 26.05 -12.92
C VAL N 37 10.67 26.57 -12.48
N ARG N 38 11.71 26.13 -13.16
CA ARG N 38 13.09 26.41 -12.80
C ARG N 38 13.75 27.22 -13.90
N GLN N 39 14.53 28.23 -13.51
CA GLN N 39 15.22 29.08 -14.49
C GLN N 39 16.69 29.15 -14.14
N ALA N 40 17.52 28.44 -14.88
CA ALA N 40 18.95 28.50 -14.67
C ALA N 40 19.46 29.92 -14.96
N PRO N 41 20.45 30.39 -14.21
CA PRO N 41 20.83 31.80 -14.30
C PRO N 41 21.32 32.20 -15.67
N GLY N 42 20.57 33.09 -16.33
CA GLY N 42 20.89 33.52 -17.66
C GLY N 42 20.27 32.70 -18.78
N LYS N 43 19.48 31.69 -18.45
CA LYS N 43 18.85 30.86 -19.45
C LYS N 43 17.33 31.00 -19.37
N GLY N 44 16.65 30.32 -20.27
CA GLY N 44 15.20 30.36 -20.31
C GLY N 44 14.59 29.44 -19.28
N LEU N 45 13.28 29.55 -19.14
CA LEU N 45 12.55 28.77 -18.14
C LEU N 45 12.50 27.32 -18.55
N GLU N 46 12.30 26.44 -17.56
CA GLU N 46 12.07 25.04 -17.84
C GLU N 46 11.19 24.45 -16.76
N TRP N 47 10.52 23.36 -17.09
CA TRP N 47 9.50 22.78 -16.24
C TRP N 47 10.11 21.75 -15.30
N VAL N 48 9.52 21.60 -14.11
CA VAL N 48 10.04 20.71 -13.08
C VAL N 48 9.01 19.67 -12.66
N ALA N 49 7.79 20.10 -12.32
CA ALA N 49 6.80 19.15 -11.87
C ALA N 49 5.41 19.75 -11.98
N VAL N 50 4.40 18.89 -11.86
CA VAL N 50 3.00 19.28 -11.79
C VAL N 50 2.32 18.36 -10.78
N ILE N 51 1.35 18.89 -10.05
CA ILE N 51 0.58 18.10 -9.10
C ILE N 51 -0.89 18.46 -9.24
N TRP N 52 -1.75 17.45 -9.25
CA TRP N 52 -3.18 17.66 -9.38
C TRP N 52 -3.73 18.36 -8.13
N TYR N 53 -5.02 18.67 -8.16
CA TYR N 53 -5.62 19.39 -7.04
C TYR N 53 -5.63 18.54 -5.77
N ASP N 54 -6.01 17.27 -5.89
CA ASP N 54 -6.02 16.42 -4.71
C ASP N 54 -4.63 15.92 -4.35
N GLY N 55 -3.70 15.97 -5.30
CA GLY N 55 -2.38 15.44 -5.11
C GLY N 55 -2.19 14.02 -5.61
N SER N 56 -3.16 13.48 -6.35
CA SER N 56 -3.07 12.09 -6.79
C SER N 56 -2.02 11.92 -7.88
N LYS N 57 -2.02 12.78 -8.88
CA LYS N 57 -1.21 12.59 -10.06
C LYS N 57 -0.11 13.65 -10.12
N LYS N 58 1.14 13.20 -10.13
CA LYS N 58 2.30 14.07 -10.18
C LYS N 58 3.19 13.65 -11.32
N TYR N 59 3.62 14.60 -12.15
CA TYR N 59 4.46 14.30 -13.29
C TYR N 59 5.67 15.23 -13.27
N TYR N 60 6.85 14.66 -13.44
CA TYR N 60 8.10 15.41 -13.37
C TYR N 60 8.75 15.49 -14.74
N ALA N 61 9.57 16.52 -14.92
CA ALA N 61 10.41 16.57 -16.11
C ALA N 61 11.47 15.48 -16.01
N ASP N 62 12.05 15.12 -17.16
CA ASP N 62 13.00 14.02 -17.19
C ASP N 62 14.20 14.32 -16.31
N SER N 63 14.74 15.53 -16.40
CA SER N 63 16.00 15.83 -15.74
C SER N 63 15.90 15.83 -14.22
N VAL N 64 14.69 15.77 -13.66
CA VAL N 64 14.50 15.81 -12.21
C VAL N 64 13.83 14.56 -11.69
N ARG N 65 13.50 13.59 -12.53
CA ARG N 65 12.75 12.44 -12.07
C ARG N 65 13.63 11.54 -11.22
N GLY N 66 13.06 11.04 -10.12
CA GLY N 66 13.75 10.15 -9.23
C GLY N 66 14.50 10.83 -8.11
N ARG N 67 14.75 12.13 -8.22
CA ARG N 67 15.38 12.91 -7.18
C ARG N 67 14.42 13.90 -6.55
N PHE N 68 13.70 14.66 -7.38
CA PHE N 68 12.74 15.63 -6.92
C PHE N 68 11.43 14.95 -6.59
N THR N 69 10.76 15.44 -5.54
CA THR N 69 9.47 14.91 -5.14
C THR N 69 8.54 16.06 -4.80
N ILE N 70 7.44 16.16 -5.52
CA ILE N 70 6.47 17.25 -5.35
C ILE N 70 5.34 16.77 -4.47
N SER N 71 4.81 17.65 -3.64
CA SER N 71 3.68 17.32 -2.80
C SER N 71 3.00 18.61 -2.36
N ARG N 72 1.75 18.47 -1.92
CA ARG N 72 0.99 19.58 -1.39
C ARG N 72 0.36 19.15 -0.08
N ASP N 73 0.35 20.04 0.91
CA ASP N 73 -0.37 19.77 2.15
C ASP N 73 -1.60 20.67 2.09
N ASN N 74 -2.74 20.04 1.83
CA ASN N 74 -3.88 20.76 1.28
C ASN N 74 -4.63 21.55 2.35
N SER N 75 -4.43 21.21 3.61
CA SER N 75 -5.23 21.80 4.69
C SER N 75 -4.66 23.09 5.24
N ARG N 76 -3.51 23.54 4.76
CA ARG N 76 -2.96 24.81 5.22
C ARG N 76 -2.31 25.60 4.09
N ASN N 77 -2.79 25.40 2.86
CA ASN N 77 -2.42 26.24 1.73
C ASN N 77 -0.90 26.26 1.53
N THR N 78 -0.32 25.10 1.31
CA THR N 78 1.13 25.02 1.14
C THR N 78 1.46 24.00 0.06
N LEU N 79 2.56 24.23 -0.65
CA LEU N 79 3.05 23.36 -1.70
C LEU N 79 4.54 23.19 -1.54
N TYR N 80 5.03 21.96 -1.70
CA TYR N 80 6.42 21.65 -1.45
C TYR N 80 7.07 21.01 -2.66
N LEU N 81 8.39 21.14 -2.74
CA LEU N 81 9.21 20.43 -3.72
C LEU N 81 10.42 19.87 -3.00
N GLN N 82 10.41 18.59 -2.71
CA GLN N 82 11.51 17.96 -1.98
C GLN N 82 12.56 17.53 -2.99
N MET N 83 13.75 18.11 -2.87
CA MET N 83 14.85 17.87 -3.80
C MET N 83 15.91 17.04 -3.11
N HIS N 84 16.22 15.87 -3.68
CA HIS N 84 17.27 15.00 -3.19
C HIS N 84 18.37 14.91 -4.22
N SER N 85 19.54 14.47 -3.77
CA SER N 85 20.67 14.17 -4.66
C SER N 85 20.95 15.34 -5.59
N LEU N 86 20.99 16.54 -5.02
CA LEU N 86 21.15 17.76 -5.79
C LEU N 86 22.48 17.79 -6.54
N ARG N 87 22.41 17.79 -7.87
CA ARG N 87 23.60 17.93 -8.69
C ARG N 87 23.93 19.40 -8.89
N ALA N 88 25.08 19.66 -9.50
CA ALA N 88 25.46 21.03 -9.82
C ALA N 88 24.60 21.62 -10.92
N GLU N 89 23.86 20.80 -11.66
CA GLU N 89 22.99 21.31 -12.72
C GLU N 89 21.71 21.90 -12.15
N ASP N 90 21.24 21.40 -11.02
CA ASP N 90 20.02 21.92 -10.42
C ASP N 90 20.27 23.19 -9.60
N THR N 91 20.94 24.17 -10.18
CA THR N 91 21.09 25.48 -9.58
C THR N 91 20.34 26.48 -10.44
N ALA N 92 19.37 27.17 -9.84
CA ALA N 92 18.47 28.00 -10.61
C ALA N 92 17.54 28.74 -9.66
N VAL N 93 16.68 29.56 -10.23
CA VAL N 93 15.61 30.22 -9.50
C VAL N 93 14.35 29.39 -9.68
N TYR N 94 13.77 28.93 -8.58
CA TYR N 94 12.63 28.03 -8.63
C TYR N 94 11.35 28.81 -8.38
N TYR N 95 10.42 28.70 -9.31
CA TYR N 95 9.16 29.43 -9.25
C TYR N 95 8.02 28.49 -8.89
N CYS N 96 7.07 29.01 -8.15
CA CYS N 96 5.84 28.30 -7.78
C CYS N 96 4.70 28.89 -8.59
N ALA N 97 4.00 28.05 -9.35
CA ALA N 97 3.03 28.54 -10.32
C ALA N 97 1.67 27.92 -10.06
N ARG N 98 0.64 28.54 -10.61
CA ARG N 98 -0.73 28.08 -10.44
C ARG N 98 -1.40 27.90 -11.80
N VAL N 99 -2.08 26.79 -11.98
CA VAL N 99 -2.71 26.49 -13.27
C VAL N 99 -4.01 27.28 -13.39
N LYS N 100 -4.11 28.10 -14.43
CA LYS N 100 -5.27 28.96 -14.61
C LYS N 100 -6.47 28.17 -15.10
N ASN N 101 -7.65 28.53 -14.60
CA ASN N 101 -8.89 27.84 -14.92
C ASN N 101 -9.47 28.45 -16.19
N TYR N 102 -9.37 27.73 -17.29
CA TYR N 102 -9.97 28.17 -18.54
C TYR N 102 -10.26 26.95 -19.40
N GLU N 103 -11.09 27.14 -20.41
CA GLU N 103 -11.52 26.05 -21.29
C GLU N 103 -11.34 26.45 -22.73
N SER N 104 -10.85 25.52 -23.55
CA SER N 104 -10.66 25.76 -24.97
C SER N 104 -10.56 24.42 -25.67
N SER N 105 -10.66 24.46 -27.00
CA SER N 105 -10.58 23.23 -27.77
C SER N 105 -9.18 22.63 -27.72
N GLY N 106 -8.16 23.47 -27.68
CA GLY N 106 -6.79 23.00 -27.62
C GLY N 106 -6.14 23.19 -26.25
N TYR N 107 -6.85 22.83 -25.19
CA TYR N 107 -6.43 23.11 -23.82
C TYR N 107 -5.00 22.64 -23.58
N SER N 108 -4.15 23.57 -23.12
CA SER N 108 -2.86 23.24 -22.55
C SER N 108 -2.64 24.15 -21.35
N GLN N 109 -2.12 23.57 -20.28
CA GLN N 109 -2.07 24.23 -18.99
C GLN N 109 -1.22 25.50 -19.04
N CYS N 110 -1.76 26.58 -18.48
CA CYS N 110 -1.04 27.84 -18.38
C CYS N 110 -0.98 28.28 -16.93
N LEU N 111 0.10 28.95 -16.57
CA LEU N 111 0.38 29.34 -15.20
C LEU N 111 0.15 30.85 -15.05
N ASP N 112 -0.95 31.22 -14.39
CA ASP N 112 -1.32 32.63 -14.37
C ASP N 112 -0.67 33.41 -13.23
N TYR N 113 -0.58 32.82 -12.05
CA TYR N 113 0.05 33.48 -10.91
C TYR N 113 1.29 32.71 -10.51
N TRP N 114 2.40 33.43 -10.35
CA TRP N 114 3.70 32.83 -10.09
C TRP N 114 4.21 33.25 -8.73
N GLY N 115 5.06 32.41 -8.16
CA GLY N 115 5.69 32.71 -6.89
C GLY N 115 6.74 33.78 -7.04
N GLN N 116 7.34 34.15 -5.92
CA GLN N 116 8.30 35.25 -5.92
C GLN N 116 9.61 34.87 -6.57
N GLY N 117 9.91 33.57 -6.66
CA GLY N 117 11.21 33.14 -7.15
C GLY N 117 12.21 32.98 -6.03
N VAL N 118 12.77 31.78 -5.90
CA VAL N 118 13.71 31.45 -4.83
C VAL N 118 14.95 30.83 -5.45
N LEU N 119 16.12 31.25 -5.01
CA LEU N 119 17.38 30.83 -5.59
C LEU N 119 17.91 29.62 -4.82
N VAL N 120 18.25 28.56 -5.54
CA VAL N 120 18.95 27.40 -5.00
C VAL N 120 20.29 27.30 -5.69
N THR N 121 21.37 27.34 -4.92
CA THR N 121 22.72 27.30 -5.46
C THR N 121 23.40 26.02 -4.97
N VAL N 122 23.86 25.20 -5.90
CA VAL N 122 24.55 23.97 -5.59
C VAL N 122 26.02 24.15 -5.92
N ALA N 123 26.84 24.43 -4.90
CA ALA N 123 28.25 24.69 -5.12
C ALA N 123 29.07 24.21 -3.94
N SER N 124 30.34 23.91 -4.22
CA SER N 124 31.30 23.44 -3.22
C SER N 124 30.80 22.21 -2.48
N VAL O 3 -0.79 -13.02 -38.65
CA VAL O 3 -2.16 -13.22 -39.10
C VAL O 3 -2.43 -12.33 -40.31
N LEU O 4 -1.93 -11.10 -40.26
CA LEU O 4 -1.97 -10.20 -41.41
C LEU O 4 -0.99 -10.69 -42.45
N THR O 5 -1.43 -10.75 -43.70
CA THR O 5 -0.68 -11.39 -44.77
C THR O 5 -0.13 -10.34 -45.72
N GLN O 6 1.13 -10.50 -46.11
CA GLN O 6 1.82 -9.61 -47.01
C GLN O 6 2.48 -10.40 -48.14
N PRO O 7 2.64 -9.80 -49.31
CA PRO O 7 3.42 -10.46 -50.36
C PRO O 7 4.86 -10.66 -49.92
N PRO O 8 5.48 -11.77 -50.30
CA PRO O 8 6.85 -12.03 -49.85
C PRO O 8 7.85 -10.96 -50.27
N SER O 9 7.67 -10.34 -51.44
CA SER O 9 8.55 -9.27 -51.88
C SER O 9 7.88 -8.50 -53.01
N VAL O 10 8.24 -7.22 -53.11
CA VAL O 10 7.89 -6.38 -54.24
C VAL O 10 9.15 -5.67 -54.69
N SER O 11 9.16 -5.25 -55.95
CA SER O 11 10.32 -4.60 -56.52
C SER O 11 9.88 -3.71 -57.67
N GLY O 12 10.78 -2.81 -58.06
CA GLY O 12 10.53 -1.93 -59.18
C GLY O 12 11.73 -1.09 -59.53
N ALA O 13 11.80 -0.63 -60.78
CA ALA O 13 12.90 0.22 -61.19
C ALA O 13 12.83 1.55 -60.45
N PRO O 14 13.97 2.16 -60.15
CA PRO O 14 13.95 3.44 -59.43
C PRO O 14 13.17 4.48 -60.21
N GLY O 15 12.40 5.28 -59.48
CA GLY O 15 11.49 6.23 -60.08
C GLY O 15 10.08 5.72 -60.25
N GLN O 16 9.85 4.42 -60.07
CA GLN O 16 8.55 3.82 -60.31
C GLN O 16 7.86 3.54 -58.97
N ARG O 17 6.54 3.58 -58.99
CA ARG O 17 5.71 3.44 -57.80
C ARG O 17 5.40 1.98 -57.54
N VAL O 18 5.56 1.56 -56.27
CA VAL O 18 5.24 0.21 -55.85
C VAL O 18 4.29 0.28 -54.67
N THR O 19 3.47 -0.76 -54.53
CA THR O 19 2.49 -0.86 -53.46
C THR O 19 2.68 -2.16 -52.71
N ILE O 20 2.44 -2.12 -51.41
CA ILE O 20 2.53 -3.29 -50.54
C ILE O 20 1.20 -3.48 -49.85
N SER O 21 0.62 -4.67 -49.99
CA SER O 21 -0.72 -4.95 -49.48
C SER O 21 -0.65 -5.69 -48.16
N CYS O 22 -1.71 -5.53 -47.37
CA CYS O 22 -1.83 -6.18 -46.07
C CYS O 22 -3.28 -6.61 -45.87
N THR O 23 -3.56 -7.88 -46.13
CA THR O 23 -4.92 -8.41 -46.08
C THR O 23 -5.18 -9.05 -44.72
N GLY O 24 -6.20 -8.57 -44.03
CA GLY O 24 -6.55 -9.11 -42.73
C GLY O 24 -7.95 -9.68 -42.70
N SER O 25 -8.37 -10.16 -41.53
CA SER O 25 -9.66 -10.82 -41.37
C SER O 25 -10.73 -9.81 -40.98
N SER O 26 -11.86 -10.33 -40.50
CA SER O 26 -12.95 -9.48 -40.04
C SER O 26 -12.71 -8.95 -38.64
N SER O 27 -11.71 -9.45 -37.92
CA SER O 27 -11.37 -8.91 -36.62
C SER O 27 -10.10 -8.08 -36.63
N ASN O 28 -9.37 -8.03 -37.76
CA ASN O 28 -8.14 -7.26 -37.87
C ASN O 28 -8.44 -5.88 -38.43
N ILE O 29 -8.94 -5.82 -39.65
CA ILE O 29 -9.16 -4.57 -40.36
C ILE O 29 -10.65 -4.35 -40.59
N GLY O 30 -11.38 -5.42 -40.86
CA GLY O 30 -12.83 -5.32 -40.96
C GLY O 30 -13.51 -4.90 -39.68
N ALA O 31 -12.81 -4.97 -38.55
CA ALA O 31 -13.34 -4.43 -37.30
C ALA O 31 -13.05 -2.94 -37.14
N GLY O 32 -12.38 -2.33 -38.10
CA GLY O 32 -12.12 -0.90 -38.05
C GLY O 32 -10.87 -0.49 -37.32
N TYR O 33 -9.91 -1.38 -37.14
CA TYR O 33 -8.69 -1.10 -36.40
C TYR O 33 -7.64 -0.59 -37.37
N ASP O 34 -6.97 0.50 -36.98
CA ASP O 34 -5.97 1.12 -37.84
C ASP O 34 -4.78 0.19 -38.04
N VAL O 35 -4.17 0.28 -39.21
CA VAL O 35 -3.00 -0.52 -39.55
C VAL O 35 -1.80 0.42 -39.62
N HIS O 36 -0.80 0.14 -38.80
CA HIS O 36 0.43 0.91 -38.81
C HIS O 36 1.50 0.18 -39.61
N TRP O 37 2.40 0.94 -40.21
CA TRP O 37 3.41 0.38 -41.09
C TRP O 37 4.79 0.75 -40.57
N TYR O 38 5.69 -0.22 -40.55
CA TYR O 38 7.05 0.00 -40.06
C TYR O 38 8.05 -0.27 -41.17
N GLN O 39 9.26 0.26 -41.00
CA GLN O 39 10.33 0.08 -41.96
C GLN O 39 11.54 -0.50 -41.26
N GLN O 40 12.04 -1.61 -41.75
CA GLN O 40 13.18 -2.30 -41.15
C GLN O 40 14.32 -2.36 -42.15
N LEU O 41 15.40 -1.68 -41.85
CA LEU O 41 16.66 -1.82 -42.55
C LEU O 41 17.45 -2.96 -41.94
N PRO O 42 18.51 -3.42 -42.60
CA PRO O 42 19.40 -4.39 -41.96
C PRO O 42 19.94 -3.84 -40.64
N GLY O 43 19.91 -4.70 -39.61
CA GLY O 43 20.07 -4.20 -38.25
C GLY O 43 18.95 -3.23 -37.95
N THR O 44 19.30 -2.09 -37.36
CA THR O 44 18.50 -0.87 -37.42
C THR O 44 17.03 -1.15 -37.10
N ALA O 45 16.74 -1.34 -35.81
CA ALA O 45 15.40 -1.61 -35.29
C ALA O 45 14.31 -0.84 -36.04
N PRO O 46 13.15 -1.44 -36.27
CA PRO O 46 12.17 -0.82 -37.15
C PRO O 46 11.72 0.54 -36.65
N LYS O 47 11.44 1.42 -37.61
CA LYS O 47 10.97 2.76 -37.31
C LYS O 47 9.57 2.93 -37.86
N LEU O 48 8.73 3.67 -37.13
CA LEU O 48 7.37 3.89 -37.59
C LEU O 48 7.39 4.67 -38.88
N LEU O 49 6.60 4.21 -39.84
CA LEU O 49 6.54 4.81 -41.17
C LEU O 49 5.22 5.51 -41.44
N ILE O 50 4.11 4.84 -41.14
CA ILE O 50 2.77 5.37 -41.38
C ILE O 50 1.85 4.80 -40.31
N TYR O 51 1.16 5.66 -39.59
CA TYR O 51 0.27 5.23 -38.53
C TYR O 51 -1.16 5.61 -38.84
N GLY O 52 -2.10 4.79 -38.39
CA GLY O 52 -3.50 5.10 -38.57
C GLY O 52 -3.97 5.12 -40.01
N ASN O 53 -3.60 4.12 -40.81
CA ASN O 53 -4.09 3.97 -42.18
C ASN O 53 -3.71 5.17 -43.06
N GLY O 54 -2.50 5.70 -42.89
CA GLY O 54 -2.00 6.71 -43.80
C GLY O 54 -1.51 8.00 -43.19
N ASN O 55 -1.73 8.28 -41.91
CA ASN O 55 -1.21 9.49 -41.29
C ASN O 55 0.31 9.34 -41.20
N ARG O 56 1.03 10.27 -41.80
CA ARG O 56 2.47 10.15 -41.93
C ARG O 56 3.17 10.97 -40.85
N PRO O 57 3.97 10.35 -39.98
CA PRO O 57 4.58 11.10 -38.88
C PRO O 57 5.65 12.05 -39.40
N SER O 58 6.14 12.89 -38.50
CA SER O 58 7.17 13.86 -38.86
C SER O 58 8.48 13.16 -39.18
N GLY O 59 9.12 13.58 -40.27
CA GLY O 59 10.38 13.04 -40.70
C GLY O 59 10.30 12.03 -41.83
N VAL O 60 9.14 11.44 -42.06
CA VAL O 60 8.93 10.48 -43.14
C VAL O 60 8.60 11.27 -44.40
N PRO O 61 9.33 11.09 -45.50
CA PRO O 61 9.11 11.90 -46.69
C PRO O 61 7.75 11.62 -47.31
N ASP O 62 7.29 12.59 -48.11
CA ASP O 62 5.98 12.59 -48.73
C ASP O 62 5.75 11.37 -49.62
N ARG O 63 6.81 10.75 -50.14
CA ARG O 63 6.64 9.66 -51.09
C ARG O 63 5.89 8.48 -50.50
N PHE O 64 5.81 8.37 -49.18
CA PHE O 64 5.11 7.28 -48.51
C PHE O 64 3.67 7.69 -48.22
N SER O 65 2.72 6.85 -48.63
CA SER O 65 1.31 7.12 -48.38
C SER O 65 0.61 5.79 -48.17
N GLY O 66 -0.61 5.86 -47.67
CA GLY O 66 -1.35 4.64 -47.42
C GLY O 66 -2.84 4.89 -47.48
N SER O 67 -3.58 3.81 -47.71
CA SER O 67 -5.03 3.89 -47.80
C SER O 67 -5.61 2.55 -47.38
N LYS O 68 -6.86 2.57 -46.95
CA LYS O 68 -7.54 1.39 -46.46
C LYS O 68 -8.72 1.08 -47.38
N SER O 69 -8.91 -0.20 -47.68
CA SER O 69 -10.00 -0.63 -48.56
C SER O 69 -10.52 -1.98 -48.10
N GLY O 70 -11.78 -2.01 -47.69
CA GLY O 70 -12.39 -3.27 -47.28
C GLY O 70 -11.71 -3.83 -46.04
N THR O 71 -11.18 -5.05 -46.18
CA THR O 71 -10.46 -5.71 -45.09
C THR O 71 -8.96 -5.69 -45.31
N SER O 72 -8.47 -4.85 -46.21
CA SER O 72 -7.04 -4.81 -46.52
C SER O 72 -6.57 -3.37 -46.60
N VAL O 73 -5.28 -3.18 -46.36
CA VAL O 73 -4.64 -1.87 -46.39
C VAL O 73 -3.53 -1.93 -47.43
N SER O 74 -2.93 -0.78 -47.74
CA SER O 74 -1.83 -0.77 -48.69
C SER O 74 -0.86 0.34 -48.33
N LEU O 75 0.37 0.21 -48.83
CA LEU O 75 1.42 1.21 -48.63
C LEU O 75 1.98 1.56 -50.00
N ALA O 76 1.64 2.75 -50.49
CA ALA O 76 2.10 3.18 -51.80
C ALA O 76 3.40 3.97 -51.66
N ILE O 77 4.47 3.49 -52.26
CA ILE O 77 5.76 4.16 -52.26
C ILE O 77 6.03 4.66 -53.67
N THR O 78 6.17 5.98 -53.80
CA THR O 78 6.58 6.58 -55.05
C THR O 78 8.06 6.96 -54.98
N GLY O 79 8.65 7.19 -56.14
CA GLY O 79 10.07 7.50 -56.19
C GLY O 79 10.91 6.25 -56.11
N LEU O 80 10.77 5.49 -55.03
CA LEU O 80 11.45 4.20 -54.87
C LEU O 80 12.95 4.35 -55.08
N GLN O 81 13.59 5.06 -54.17
CA GLN O 81 15.02 5.31 -54.26
C GLN O 81 15.80 4.17 -53.62
N ALA O 82 17.13 4.27 -53.66
CA ALA O 82 17.97 3.20 -53.13
C ALA O 82 17.84 3.06 -51.63
N GLU O 83 17.56 4.16 -50.92
CA GLU O 83 17.40 4.09 -49.47
C GLU O 83 16.07 3.46 -49.07
N ASP O 84 15.18 3.18 -50.03
CA ASP O 84 13.89 2.57 -49.74
C ASP O 84 13.93 1.06 -49.73
N GLU O 85 15.11 0.46 -49.86
CA GLU O 85 15.23 -0.99 -49.75
C GLU O 85 15.21 -1.39 -48.28
N ALA O 86 14.17 -2.10 -47.87
CA ALA O 86 13.98 -2.40 -46.46
C ALA O 86 12.87 -3.43 -46.31
N ASP O 87 12.57 -3.76 -45.06
CA ASP O 87 11.50 -4.69 -44.72
C ASP O 87 10.33 -3.90 -44.12
N TYR O 88 9.15 -4.06 -44.70
CA TYR O 88 8.00 -3.27 -44.29
C TYR O 88 6.96 -4.16 -43.63
N TYR O 89 6.61 -3.83 -42.38
CA TYR O 89 5.74 -4.67 -41.58
C TYR O 89 4.46 -3.91 -41.24
N CYS O 90 3.33 -4.62 -41.26
CA CYS O 90 2.09 -4.05 -40.80
C CYS O 90 2.02 -4.15 -39.28
N GLN O 91 0.88 -3.75 -38.73
CA GLN O 91 0.55 -3.98 -37.33
C GLN O 91 -0.87 -3.53 -37.11
N SER O 92 -1.60 -4.22 -36.25
CA SER O 92 -2.93 -3.79 -35.84
C SER O 92 -3.35 -4.65 -34.66
N TYR O 93 -4.64 -4.64 -34.37
CA TYR O 93 -5.19 -5.36 -33.24
C TYR O 93 -6.20 -6.39 -33.73
N ASP O 94 -6.19 -7.57 -33.13
CA ASP O 94 -7.12 -8.64 -33.48
C ASP O 94 -8.03 -8.89 -32.29
N SER O 95 -9.30 -8.50 -32.42
CA SER O 95 -10.21 -8.55 -31.27
C SER O 95 -10.51 -9.99 -30.86
N SER O 96 -10.55 -10.92 -31.82
CA SER O 96 -10.80 -12.32 -31.48
C SER O 96 -9.61 -12.93 -30.76
N LEU O 97 -8.40 -12.69 -31.28
CA LEU O 97 -7.20 -13.14 -30.57
C LEU O 97 -6.93 -12.25 -29.36
N SER O 98 -7.39 -11.01 -29.40
CA SER O 98 -7.12 -10.01 -28.38
C SER O 98 -5.61 -9.82 -28.19
N ALA O 99 -4.89 -9.79 -29.31
CA ALA O 99 -3.45 -9.59 -29.30
C ALA O 99 -3.05 -8.78 -30.52
N PHE O 100 -2.05 -7.93 -30.35
CA PHE O 100 -1.52 -7.15 -31.47
C PHE O 100 -0.81 -8.06 -32.45
N VAL O 101 -1.12 -7.89 -33.73
CA VAL O 101 -0.67 -8.80 -34.76
C VAL O 101 0.18 -8.03 -35.76
N PHE O 102 1.39 -8.50 -35.99
CA PHE O 102 2.26 -7.94 -37.02
C PHE O 102 2.09 -8.69 -38.32
N GLY O 103 2.40 -8.01 -39.42
CA GLY O 103 2.37 -8.64 -40.71
C GLY O 103 3.54 -9.58 -40.90
N THR O 104 3.45 -10.38 -41.97
CA THR O 104 4.50 -11.32 -42.30
C THR O 104 5.78 -10.62 -42.74
N GLY O 105 5.68 -9.47 -43.39
CA GLY O 105 6.84 -8.70 -43.78
C GLY O 105 7.20 -8.89 -45.24
N THR O 106 7.57 -7.78 -45.87
CA THR O 106 7.90 -7.76 -47.29
C THR O 106 9.24 -7.07 -47.46
N LYS O 107 9.93 -7.42 -48.55
CA LYS O 107 11.22 -6.83 -48.86
C LYS O 107 11.12 -6.07 -50.17
N VAL O 108 11.54 -4.81 -50.16
CA VAL O 108 11.58 -3.97 -51.34
C VAL O 108 13.02 -3.94 -51.83
N THR O 109 13.25 -4.35 -53.08
CA THR O 109 14.60 -4.59 -53.56
C THR O 109 15.14 -3.50 -54.47
N VAL O 110 14.29 -2.83 -55.24
CA VAL O 110 14.68 -1.81 -56.22
C VAL O 110 15.57 -2.40 -57.32
N GLN P 1 15.90 13.44 -29.23
CA GLN P 1 16.06 13.54 -27.79
C GLN P 1 15.50 12.31 -27.09
N VAL P 2 14.47 11.70 -27.67
CA VAL P 2 13.87 10.50 -27.10
C VAL P 2 14.79 9.32 -27.39
N GLN P 3 15.26 8.66 -26.33
CA GLN P 3 16.23 7.58 -26.47
C GLN P 3 15.80 6.38 -25.64
N LEU P 4 15.87 5.21 -26.26
CA LEU P 4 15.67 3.94 -25.56
C LEU P 4 16.89 3.09 -25.81
N VAL P 5 17.61 2.73 -24.74
CA VAL P 5 18.81 1.93 -24.84
C VAL P 5 18.58 0.63 -24.08
N GLN P 6 19.05 -0.48 -24.65
CA GLN P 6 18.77 -1.79 -24.09
C GLN P 6 20.07 -2.48 -23.70
N SER P 7 19.92 -3.46 -22.80
CA SER P 7 21.03 -4.24 -22.32
C SER P 7 20.49 -5.54 -21.74
N GLY P 8 21.38 -6.49 -21.52
CA GLY P 8 21.03 -7.70 -20.80
C GLY P 8 20.88 -8.96 -21.63
N GLY P 9 21.25 -8.94 -22.90
CA GLY P 9 21.15 -10.11 -23.74
C GLY P 9 22.35 -11.03 -23.59
N GLY P 10 22.36 -12.05 -24.43
CA GLY P 10 23.47 -12.97 -24.47
C GLY P 10 23.01 -14.39 -24.70
N VAL P 11 23.91 -15.32 -24.46
CA VAL P 11 23.65 -16.74 -24.68
C VAL P 11 23.21 -17.35 -23.36
N VAL P 12 22.05 -18.01 -23.37
CA VAL P 12 21.47 -18.61 -22.18
C VAL P 12 21.15 -20.07 -22.47
N GLN P 13 21.58 -20.96 -21.59
CA GLN P 13 21.25 -22.37 -21.75
C GLN P 13 19.75 -22.58 -21.56
N PRO P 14 19.13 -23.49 -22.29
CA PRO P 14 17.68 -23.70 -22.15
C PRO P 14 17.33 -24.11 -20.73
N GLY P 15 16.22 -23.60 -20.24
CA GLY P 15 15.81 -23.82 -18.88
C GLY P 15 16.33 -22.80 -17.89
N ARG P 16 17.25 -21.93 -18.31
CA ARG P 16 17.73 -20.85 -17.45
C ARG P 16 16.93 -19.59 -17.72
N SER P 17 17.04 -18.64 -16.81
CA SER P 17 16.30 -17.38 -16.92
C SER P 17 17.22 -16.24 -17.35
N LEU P 18 16.61 -15.20 -17.90
CA LEU P 18 17.34 -14.03 -18.37
C LEU P 18 16.44 -12.82 -18.27
N ARG P 19 17.01 -11.66 -17.96
CA ARG P 19 16.25 -10.43 -17.78
C ARG P 19 16.76 -9.38 -18.75
N LEU P 20 15.84 -8.77 -19.49
CA LEU P 20 16.17 -7.68 -20.40
C LEU P 20 15.66 -6.37 -19.83
N SER P 21 16.45 -5.31 -19.97
CA SER P 21 16.07 -4.02 -19.45
C SER P 21 16.24 -2.97 -20.53
N CYS P 22 15.48 -1.88 -20.40
CA CYS P 22 15.38 -0.84 -21.41
C CYS P 22 15.28 0.51 -20.72
N VAL P 23 16.41 1.22 -20.62
CA VAL P 23 16.48 2.48 -19.89
C VAL P 23 16.21 3.63 -20.86
N THR P 24 15.28 4.49 -20.51
CA THR P 24 14.78 5.52 -21.40
C THR P 24 15.22 6.89 -20.92
N SER P 25 15.20 7.86 -21.84
CA SER P 25 15.46 9.23 -21.47
C SER P 25 14.89 10.15 -22.54
N GLY P 26 14.63 11.40 -22.15
CA GLY P 26 14.13 12.41 -23.05
C GLY P 26 12.64 12.63 -23.02
N PHE P 27 11.87 11.86 -22.26
CA PHE P 27 10.43 12.02 -22.22
C PHE P 27 9.92 11.62 -20.84
N THR P 28 8.62 11.85 -20.63
CA THR P 28 7.95 11.56 -19.37
C THR P 28 7.57 10.07 -19.36
N PHE P 29 8.51 9.25 -18.91
CA PHE P 29 8.35 7.80 -18.95
C PHE P 29 7.14 7.29 -18.18
N PRO P 30 6.81 7.80 -16.98
CA PRO P 30 5.61 7.30 -16.28
C PRO P 30 4.32 7.51 -17.04
N ALA P 31 4.34 8.33 -18.08
CA ALA P 31 3.13 8.64 -18.83
C ALA P 31 2.97 7.78 -20.07
N PHE P 32 3.84 6.81 -20.31
CA PHE P 32 3.80 6.01 -21.53
C PHE P 32 3.82 4.52 -21.22
N GLY P 33 2.97 3.78 -21.92
CA GLY P 33 2.99 2.33 -21.85
C GLY P 33 3.87 1.80 -22.96
N MET P 34 4.60 0.73 -22.67
CA MET P 34 5.64 0.23 -23.54
C MET P 34 5.36 -1.21 -23.93
N HIS P 35 5.95 -1.64 -25.04
CA HIS P 35 5.82 -3.00 -25.52
C HIS P 35 7.19 -3.66 -25.58
N TRP P 36 7.18 -4.98 -25.68
CA TRP P 36 8.35 -5.74 -26.10
C TRP P 36 8.00 -6.49 -27.37
N VAL P 37 8.89 -6.44 -28.35
CA VAL P 37 8.67 -7.08 -29.63
C VAL P 37 9.88 -7.93 -29.96
N ARG P 38 9.64 -9.14 -30.47
CA ARG P 38 10.66 -10.14 -30.69
C ARG P 38 10.72 -10.48 -32.17
N GLN P 39 11.93 -10.64 -32.70
CA GLN P 39 12.11 -10.97 -34.12
C GLN P 39 13.09 -12.12 -34.24
N ALA P 40 12.58 -13.31 -34.53
CA ALA P 40 13.43 -14.47 -34.68
C ALA P 40 14.36 -14.29 -35.87
N PRO P 41 15.59 -14.82 -35.79
CA PRO P 41 16.60 -14.50 -36.81
C PRO P 41 16.19 -14.96 -38.19
N GLY P 42 15.88 -14.01 -39.07
CA GLY P 42 15.39 -14.34 -40.39
C GLY P 42 13.89 -14.43 -40.51
N LYS P 43 13.14 -13.96 -39.53
CA LYS P 43 11.68 -13.99 -39.56
C LYS P 43 11.13 -12.60 -39.28
N GLY P 44 9.81 -12.47 -39.40
CA GLY P 44 9.15 -11.20 -39.15
C GLY P 44 8.91 -10.97 -37.67
N LEU P 45 8.53 -9.74 -37.37
CA LEU P 45 8.30 -9.33 -35.99
C LEU P 45 7.10 -10.04 -35.41
N GLU P 46 7.11 -10.20 -34.09
CA GLU P 46 5.97 -10.72 -33.37
C GLU P 46 5.92 -10.10 -31.98
N TRP P 47 4.73 -10.03 -31.43
CA TRP P 47 4.49 -9.29 -30.20
C TRP P 47 4.77 -10.18 -28.98
N VAL P 48 5.23 -9.56 -27.89
CA VAL P 48 5.59 -10.27 -26.68
C VAL P 48 4.75 -9.84 -25.49
N ALA P 49 4.79 -8.55 -25.15
CA ALA P 49 4.10 -8.09 -23.95
C ALA P 49 3.76 -6.61 -24.09
N VAL P 50 2.84 -6.15 -23.25
CA VAL P 50 2.48 -4.74 -23.14
C VAL P 50 2.24 -4.43 -21.67
N ILE P 51 2.60 -3.22 -21.25
CA ILE P 51 2.41 -2.78 -19.88
C ILE P 51 1.80 -1.38 -19.88
N TRP P 52 0.82 -1.16 -19.01
CA TRP P 52 0.20 0.14 -18.89
C TRP P 52 1.17 1.14 -18.28
N TYR P 53 0.80 2.42 -18.31
CA TYR P 53 1.72 3.46 -17.87
C TYR P 53 2.05 3.31 -16.38
N ASP P 54 1.04 3.07 -15.56
CA ASP P 54 1.29 2.91 -14.13
C ASP P 54 1.86 1.53 -13.81
N GLY P 55 1.66 0.57 -14.71
CA GLY P 55 2.10 -0.78 -14.51
C GLY P 55 1.04 -1.71 -13.96
N SER P 56 -0.21 -1.27 -13.88
CA SER P 56 -1.25 -2.11 -13.29
C SER P 56 -1.66 -3.23 -14.23
N LYS P 57 -1.83 -2.93 -15.52
CA LYS P 57 -2.39 -3.87 -16.48
C LYS P 57 -1.31 -4.33 -17.44
N LYS P 58 -1.07 -5.62 -17.49
CA LYS P 58 -0.07 -6.22 -18.39
C LYS P 58 -0.73 -7.32 -19.18
N TYR P 59 -0.31 -7.49 -20.43
CA TYR P 59 -0.86 -8.52 -21.30
C TYR P 59 0.25 -9.13 -22.12
N TYR P 60 0.27 -10.46 -22.19
CA TYR P 60 1.35 -11.20 -22.81
C TYR P 60 0.84 -11.96 -24.02
N ALA P 61 1.74 -12.20 -24.97
CA ALA P 61 1.40 -13.09 -26.07
C ALA P 61 1.21 -14.49 -25.55
N ASP P 62 0.49 -15.32 -26.30
CA ASP P 62 0.24 -16.67 -25.83
C ASP P 62 1.54 -17.46 -25.71
N SER P 63 2.43 -17.34 -26.69
CA SER P 63 3.60 -18.19 -26.75
C SER P 63 4.60 -17.94 -25.63
N VAL P 64 4.47 -16.84 -24.89
CA VAL P 64 5.40 -16.49 -23.83
C VAL P 64 4.73 -16.29 -22.50
N ARG P 65 3.49 -16.72 -22.33
CA ARG P 65 2.76 -16.37 -21.11
C ARG P 65 2.96 -17.44 -20.05
N GLY P 66 3.19 -16.99 -18.82
CA GLY P 66 3.51 -17.87 -17.72
C GLY P 66 4.98 -18.07 -17.50
N ARG P 67 5.81 -17.74 -18.49
CA ARG P 67 7.25 -17.80 -18.36
C ARG P 67 7.87 -16.41 -18.30
N PHE P 68 7.39 -15.48 -19.12
CA PHE P 68 7.87 -14.12 -19.13
C PHE P 68 7.10 -13.27 -18.13
N THR P 69 7.71 -12.16 -17.74
CA THR P 69 7.05 -11.18 -16.89
C THR P 69 7.59 -9.80 -17.22
N ILE P 70 6.69 -8.90 -17.60
CA ILE P 70 7.05 -7.53 -17.94
C ILE P 70 6.75 -6.65 -16.75
N SER P 71 7.60 -5.65 -16.53
CA SER P 71 7.40 -4.72 -15.44
C SER P 71 8.16 -3.44 -15.75
N ARG P 72 7.98 -2.45 -14.90
CA ARG P 72 8.65 -1.16 -15.05
C ARG P 72 9.00 -0.64 -13.68
N ASP P 73 10.20 -0.08 -13.54
CA ASP P 73 10.59 0.60 -12.31
C ASP P 73 10.48 2.09 -12.61
N ASN P 74 9.36 2.68 -12.18
CA ASN P 74 8.90 3.91 -12.81
C ASN P 74 9.71 5.12 -12.39
N SER P 75 10.39 5.06 -11.26
CA SER P 75 11.05 6.26 -10.73
C SER P 75 12.44 6.48 -11.31
N ARG P 76 12.91 5.60 -12.19
CA ARG P 76 14.23 5.79 -12.80
C ARG P 76 14.23 5.39 -14.28
N ASN P 77 13.07 5.44 -14.92
CA ASN P 77 12.96 5.25 -16.36
C ASN P 77 13.54 3.91 -16.81
N THR P 78 13.01 2.81 -16.29
CA THR P 78 13.50 1.49 -16.67
C THR P 78 12.33 0.55 -16.92
N LEU P 79 12.40 -0.16 -18.04
CA LEU P 79 11.42 -1.17 -18.41
C LEU P 79 12.11 -2.52 -18.49
N TYR P 80 11.54 -3.53 -17.83
CA TYR P 80 12.17 -4.83 -17.73
C TYR P 80 11.33 -5.89 -18.40
N LEU P 81 11.97 -6.99 -18.79
CA LEU P 81 11.29 -8.20 -19.22
C LEU P 81 12.03 -9.38 -18.63
N GLN P 82 11.45 -10.02 -17.62
CA GLN P 82 12.03 -11.18 -16.97
C GLN P 82 11.53 -12.43 -17.70
N MET P 83 12.46 -13.19 -18.27
CA MET P 83 12.11 -14.40 -18.99
C MET P 83 12.62 -15.61 -18.25
N HIS P 84 11.71 -16.50 -17.86
CA HIS P 84 12.03 -17.74 -17.18
C HIS P 84 11.75 -18.92 -18.11
N SER P 85 12.32 -20.06 -17.75
CA SER P 85 12.11 -21.30 -18.50
C SER P 85 12.37 -21.09 -19.99
N LEU P 86 13.51 -20.46 -20.28
CA LEU P 86 13.83 -20.06 -21.64
C LEU P 86 14.00 -21.27 -22.54
N ARG P 87 13.05 -21.49 -23.45
CA ARG P 87 13.15 -22.58 -24.40
C ARG P 87 13.99 -22.14 -25.59
N ALA P 88 14.25 -23.09 -26.49
CA ALA P 88 14.99 -22.78 -27.70
C ALA P 88 14.15 -22.01 -28.71
N GLU P 89 12.83 -21.99 -28.55
CA GLU P 89 11.99 -21.17 -29.42
C GLU P 89 12.19 -19.69 -29.15
N ASP P 90 12.48 -19.32 -27.91
CA ASP P 90 12.65 -17.93 -27.53
C ASP P 90 14.05 -17.40 -27.83
N THR P 91 14.53 -17.60 -29.05
CA THR P 91 15.78 -16.99 -29.50
C THR P 91 15.46 -15.98 -30.58
N ALA P 92 15.83 -14.73 -30.35
CA ALA P 92 15.44 -13.64 -31.24
C ALA P 92 16.08 -12.36 -30.74
N VAL P 93 15.87 -11.30 -31.50
CA VAL P 93 16.24 -9.95 -31.10
C VAL P 93 15.02 -9.31 -30.47
N TYR P 94 15.18 -8.79 -29.26
CA TYR P 94 14.06 -8.24 -28.50
C TYR P 94 14.11 -6.73 -28.54
N TYR P 95 13.02 -6.11 -28.97
CA TYR P 95 12.94 -4.66 -29.11
C TYR P 95 12.05 -4.07 -28.04
N CYS P 96 12.44 -2.90 -27.56
CA CYS P 96 11.69 -2.13 -26.57
C CYS P 96 10.98 -1.00 -27.29
N ALA P 97 9.67 -0.92 -27.14
CA ALA P 97 8.89 0.00 -27.95
C ALA P 97 8.10 0.93 -27.05
N ARG P 98 7.68 2.05 -27.61
CA ARG P 98 6.91 3.07 -26.90
C ARG P 98 5.63 3.35 -27.63
N VAL P 99 4.52 3.40 -26.90
CA VAL P 99 3.21 3.61 -27.51
C VAL P 99 3.03 5.09 -27.81
N LYS P 100 2.74 5.42 -29.06
CA LYS P 100 2.59 6.80 -29.48
C LYS P 100 1.25 7.36 -29.04
N ASN P 101 1.25 8.64 -28.65
CA ASN P 101 0.05 9.35 -28.24
C ASN P 101 -0.66 9.88 -29.48
N TYR P 102 -1.76 9.22 -29.86
CA TYR P 102 -2.58 9.72 -30.96
C TYR P 102 -4.02 9.29 -30.73
N GLU P 103 -4.94 10.05 -31.32
CA GLU P 103 -6.36 9.82 -31.15
C GLU P 103 -6.99 9.53 -32.51
N SER P 104 -7.82 8.49 -32.57
CA SER P 104 -8.49 8.12 -33.80
C SER P 104 -9.75 7.35 -33.46
N SER P 105 -10.64 7.23 -34.44
CA SER P 105 -11.85 6.44 -34.24
C SER P 105 -11.50 4.96 -34.08
N GLY P 106 -10.56 4.47 -34.87
CA GLY P 106 -10.18 3.07 -34.85
C GLY P 106 -8.85 2.84 -34.16
N TYR P 107 -8.68 3.43 -32.97
CA TYR P 107 -7.41 3.40 -32.26
C TYR P 107 -6.91 1.98 -32.08
N SER P 108 -5.69 1.72 -32.56
CA SER P 108 -4.95 0.50 -32.27
C SER P 108 -3.50 0.88 -32.03
N GLN P 109 -2.96 0.43 -30.91
CA GLN P 109 -1.71 0.97 -30.38
C GLN P 109 -0.56 0.85 -31.38
N CYS P 110 0.20 1.94 -31.52
CA CYS P 110 1.33 1.97 -32.44
C CYS P 110 2.59 2.32 -31.67
N LEU P 111 3.70 1.79 -32.14
CA LEU P 111 4.98 1.89 -31.45
C LEU P 111 5.90 2.82 -32.23
N ASP P 112 6.07 4.05 -31.73
CA ASP P 112 6.74 5.06 -32.54
C ASP P 112 8.25 5.10 -32.33
N TYR P 113 8.72 4.92 -31.09
CA TYR P 113 10.15 4.87 -30.81
C TYR P 113 10.52 3.49 -30.32
N TRP P 114 11.55 2.91 -30.92
CA TRP P 114 11.98 1.55 -30.65
C TRP P 114 13.39 1.54 -30.08
N GLY P 115 13.70 0.49 -29.33
CA GLY P 115 15.03 0.33 -28.78
C GLY P 115 16.03 -0.10 -29.83
N GLN P 116 17.27 -0.27 -29.40
CA GLN P 116 18.34 -0.61 -30.32
C GLN P 116 18.24 -2.04 -30.83
N GLY P 117 17.82 -2.96 -29.98
CA GLY P 117 17.77 -4.36 -30.34
C GLY P 117 18.81 -5.19 -29.60
N VAL P 118 18.35 -6.16 -28.82
CA VAL P 118 19.21 -6.99 -27.99
C VAL P 118 18.97 -8.45 -28.35
N LEU P 119 20.05 -9.19 -28.58
CA LEU P 119 19.96 -10.56 -29.07
C LEU P 119 20.01 -11.53 -27.91
N VAL P 120 19.00 -12.38 -27.81
CA VAL P 120 18.95 -13.46 -26.82
C VAL P 120 19.05 -14.77 -27.56
N THR P 121 20.09 -15.54 -27.27
CA THR P 121 20.34 -16.82 -27.92
C THR P 121 20.22 -17.92 -26.88
N VAL P 122 19.30 -18.84 -27.09
CA VAL P 122 19.10 -19.97 -26.20
C VAL P 122 19.69 -21.19 -26.89
N ALA P 123 20.89 -21.60 -26.45
CA ALA P 123 21.62 -22.66 -27.12
C ALA P 123 22.31 -23.55 -26.10
N SER P 124 22.49 -24.82 -26.50
CA SER P 124 23.19 -25.83 -25.69
C SER P 124 22.62 -25.93 -24.28
N VAL Q 3 -36.57 -21.22 -20.75
CA VAL Q 3 -37.44 -20.06 -20.58
C VAL Q 3 -37.86 -19.52 -21.94
N LEU Q 4 -36.97 -19.68 -22.92
CA LEU Q 4 -37.28 -19.32 -24.31
C LEU Q 4 -37.93 -20.51 -25.00
N THR Q 5 -38.97 -20.24 -25.78
CA THR Q 5 -39.77 -21.27 -26.40
C THR Q 5 -39.46 -21.34 -27.89
N GLN Q 6 -39.22 -22.54 -28.39
CA GLN Q 6 -38.94 -22.83 -29.78
C GLN Q 6 -39.85 -23.96 -30.27
N PRO Q 7 -40.11 -24.05 -31.56
CA PRO Q 7 -40.83 -25.22 -32.08
C PRO Q 7 -40.04 -26.49 -31.85
N PRO Q 8 -40.70 -27.63 -31.71
CA PRO Q 8 -39.95 -28.86 -31.45
C PRO Q 8 -39.09 -29.30 -32.62
N SER Q 9 -39.56 -29.12 -33.85
CA SER Q 9 -38.78 -29.46 -35.02
C SER Q 9 -39.37 -28.76 -36.24
N VAL Q 10 -38.53 -28.58 -37.26
CA VAL Q 10 -38.95 -28.04 -38.54
C VAL Q 10 -38.33 -28.90 -39.63
N SER Q 11 -38.90 -28.79 -40.83
CA SER Q 11 -38.44 -29.56 -41.97
C SER Q 11 -38.72 -28.77 -43.24
N GLY Q 12 -38.16 -29.25 -44.34
CA GLY Q 12 -38.38 -28.64 -45.62
C GLY Q 12 -37.57 -29.28 -46.72
N ALA Q 13 -38.11 -29.32 -47.93
CA ALA Q 13 -37.38 -29.90 -49.05
C ALA Q 13 -36.15 -29.06 -49.35
N PRO Q 14 -35.06 -29.68 -49.78
CA PRO Q 14 -33.85 -28.92 -50.09
C PRO Q 14 -34.11 -27.88 -51.17
N GLY Q 15 -33.55 -26.70 -50.98
CA GLY Q 15 -33.78 -25.57 -51.83
C GLY Q 15 -34.81 -24.58 -51.32
N GLN Q 16 -35.63 -24.97 -50.36
CA GLN Q 16 -36.67 -24.10 -49.84
C GLN Q 16 -36.23 -23.45 -48.53
N ARG Q 17 -36.94 -22.39 -48.16
CA ARG Q 17 -36.61 -21.58 -46.99
C ARG Q 17 -37.44 -22.04 -45.80
N VAL Q 18 -36.78 -22.13 -44.65
CA VAL Q 18 -37.42 -22.54 -43.40
C VAL Q 18 -37.10 -21.50 -42.34
N THR Q 19 -38.06 -21.25 -41.47
CA THR Q 19 -37.90 -20.28 -40.39
C THR Q 19 -38.07 -20.97 -39.05
N ILE Q 20 -37.17 -20.64 -38.13
CA ILE Q 20 -37.18 -21.17 -36.77
C ILE Q 20 -37.45 -20.01 -35.83
N SER Q 21 -38.50 -20.10 -35.03
CA SER Q 21 -38.92 -19.02 -34.17
C SER Q 21 -38.33 -19.20 -32.78
N CYS Q 22 -38.32 -18.10 -32.02
CA CYS Q 22 -37.89 -18.09 -30.63
C CYS Q 22 -38.67 -16.99 -29.92
N THR Q 23 -39.59 -17.38 -29.05
CA THR Q 23 -40.43 -16.45 -28.32
C THR Q 23 -39.97 -16.34 -26.88
N GLY Q 24 -39.77 -15.12 -26.41
CA GLY Q 24 -39.36 -14.89 -25.05
C GLY Q 24 -40.32 -14.01 -24.28
N SER Q 25 -39.96 -13.66 -23.05
CA SER Q 25 -40.80 -12.84 -22.20
C SER Q 25 -40.41 -11.37 -22.34
N SER Q 26 -40.94 -10.54 -21.45
CA SER Q 26 -40.60 -9.13 -21.44
C SER Q 26 -39.18 -8.88 -20.94
N SER Q 27 -38.69 -9.73 -20.04
CA SER Q 27 -37.35 -9.57 -19.49
C SER Q 27 -36.28 -10.30 -20.29
N ASN Q 28 -36.65 -11.06 -21.31
CA ASN Q 28 -35.70 -11.78 -22.15
C ASN Q 28 -35.54 -11.10 -23.50
N ILE Q 29 -36.65 -10.65 -24.10
CA ILE Q 29 -36.58 -9.99 -25.40
C ILE Q 29 -37.02 -8.54 -25.28
N GLY Q 30 -38.12 -8.29 -24.58
CA GLY Q 30 -38.65 -6.95 -24.42
C GLY Q 30 -37.74 -6.01 -23.66
N ALA Q 31 -36.76 -6.53 -22.94
CA ALA Q 31 -35.73 -5.69 -22.35
C ALA Q 31 -34.65 -5.30 -23.34
N GLY Q 32 -34.71 -5.81 -24.57
CA GLY Q 32 -33.81 -5.41 -25.62
C GLY Q 32 -32.50 -6.17 -25.71
N TYR Q 33 -32.43 -7.35 -25.11
CA TYR Q 33 -31.22 -8.16 -25.11
C TYR Q 33 -31.17 -8.97 -26.39
N ASP Q 34 -30.05 -8.88 -27.12
CA ASP Q 34 -29.89 -9.64 -28.34
C ASP Q 34 -29.94 -11.13 -28.06
N VAL Q 35 -30.30 -11.91 -29.07
CA VAL Q 35 -30.33 -13.36 -28.97
C VAL Q 35 -29.26 -13.90 -29.90
N HIS Q 36 -28.61 -14.98 -29.48
CA HIS Q 36 -27.61 -15.63 -30.30
C HIS Q 36 -28.07 -17.05 -30.61
N TRP Q 37 -27.64 -17.55 -31.77
CA TRP Q 37 -28.10 -18.83 -32.27
C TRP Q 37 -26.91 -19.74 -32.50
N TYR Q 38 -27.01 -20.99 -32.04
CA TYR Q 38 -25.92 -21.94 -32.14
C TYR Q 38 -26.38 -23.17 -32.91
N GLN Q 39 -25.46 -23.76 -33.67
CA GLN Q 39 -25.74 -24.92 -34.50
C GLN Q 39 -25.09 -26.14 -33.88
N GLN Q 40 -25.89 -27.11 -33.46
CA GLN Q 40 -25.43 -28.30 -32.77
C GLN Q 40 -25.60 -29.51 -33.68
N LEU Q 41 -24.52 -30.09 -34.13
CA LEU Q 41 -24.51 -31.36 -34.84
C LEU Q 41 -24.51 -32.50 -33.84
N PRO Q 42 -24.71 -33.73 -34.30
CA PRO Q 42 -24.48 -34.88 -33.41
C PRO Q 42 -23.07 -34.87 -32.87
N GLY Q 43 -22.94 -35.09 -31.56
CA GLY Q 43 -21.67 -34.80 -30.92
C GLY Q 43 -21.33 -33.34 -31.14
N THR Q 44 -20.09 -33.09 -31.56
CA THR Q 44 -19.76 -31.86 -32.28
C THR Q 44 -20.27 -30.60 -31.60
N ALA Q 45 -19.71 -30.24 -30.44
CA ALA Q 45 -20.12 -29.13 -29.59
C ALA Q 45 -20.61 -27.92 -30.39
N PRO Q 46 -21.65 -27.25 -29.93
CA PRO Q 46 -22.30 -26.23 -30.77
C PRO Q 46 -21.35 -25.09 -31.11
N LYS Q 47 -21.56 -24.54 -32.30
CA LYS Q 47 -20.76 -23.41 -32.76
C LYS Q 47 -21.67 -22.23 -32.99
N LEU Q 48 -21.14 -21.02 -32.78
CA LEU Q 48 -21.92 -19.81 -32.97
C LEU Q 48 -22.35 -19.69 -34.41
N LEU Q 49 -23.61 -19.31 -34.62
CA LEU Q 49 -24.18 -19.14 -35.95
C LEU Q 49 -24.55 -17.69 -36.23
N ILE Q 50 -25.27 -17.05 -35.31
CA ILE Q 50 -25.75 -15.69 -35.47
C ILE Q 50 -25.74 -15.02 -34.11
N TYR Q 51 -25.17 -13.82 -34.03
CA TYR Q 51 -25.09 -13.09 -32.78
C TYR Q 51 -25.68 -11.69 -32.95
N GLY Q 52 -26.15 -11.14 -31.84
CA GLY Q 52 -26.65 -9.78 -31.84
C GLY Q 52 -27.81 -9.52 -32.78
N ASN Q 53 -28.77 -10.44 -32.87
CA ASN Q 53 -29.95 -10.28 -33.73
C ASN Q 53 -29.56 -10.13 -35.20
N GLY Q 54 -28.82 -11.11 -35.73
CA GLY Q 54 -28.61 -11.20 -37.16
C GLY Q 54 -27.20 -10.92 -37.63
N ASN Q 55 -26.29 -10.46 -36.79
CA ASN Q 55 -24.91 -10.23 -37.20
C ASN Q 55 -24.27 -11.58 -37.47
N ARG Q 56 -23.82 -11.80 -38.68
CA ARG Q 56 -23.31 -13.11 -39.07
C ARG Q 56 -21.80 -13.15 -38.90
N PRO Q 57 -21.26 -14.02 -38.05
CA PRO Q 57 -19.80 -14.12 -37.92
C PRO Q 57 -19.16 -14.76 -39.14
N SER Q 58 -17.89 -14.45 -39.34
CA SER Q 58 -17.17 -14.95 -40.50
C SER Q 58 -17.06 -16.47 -40.46
N GLY Q 59 -17.10 -17.08 -41.65
CA GLY Q 59 -17.08 -18.52 -41.79
C GLY Q 59 -18.45 -19.16 -41.83
N VAL Q 60 -19.50 -18.39 -41.55
CA VAL Q 60 -20.87 -18.89 -41.61
C VAL Q 60 -21.48 -18.44 -42.93
N PRO Q 61 -22.09 -19.34 -43.70
CA PRO Q 61 -22.63 -18.95 -45.01
C PRO Q 61 -23.76 -17.96 -44.88
N ASP Q 62 -23.93 -17.17 -45.94
CA ASP Q 62 -24.94 -16.11 -45.97
C ASP Q 62 -26.37 -16.65 -45.99
N ARG Q 63 -26.56 -17.95 -46.20
CA ARG Q 63 -27.90 -18.50 -46.23
C ARG Q 63 -28.61 -18.42 -44.89
N PHE Q 64 -27.87 -18.12 -43.81
CA PHE Q 64 -28.45 -17.95 -42.49
C PHE Q 64 -28.66 -16.46 -42.23
N SER Q 65 -29.82 -16.11 -41.69
CA SER Q 65 -30.12 -14.73 -41.36
C SER Q 65 -31.11 -14.72 -40.20
N GLY Q 66 -31.29 -13.55 -39.60
CA GLY Q 66 -32.20 -13.43 -38.49
C GLY Q 66 -32.75 -12.02 -38.39
N SER Q 67 -33.86 -11.90 -37.68
CA SER Q 67 -34.51 -10.61 -37.49
C SER Q 67 -35.31 -10.66 -36.20
N LYS Q 68 -35.39 -9.51 -35.54
CA LYS Q 68 -36.12 -9.39 -34.28
C LYS Q 68 -37.38 -8.58 -34.49
N SER Q 69 -38.48 -9.06 -33.92
CA SER Q 69 -39.77 -8.41 -34.07
C SER Q 69 -40.59 -8.61 -32.81
N GLY Q 70 -40.84 -7.53 -32.09
CA GLY Q 70 -41.61 -7.62 -30.86
C GLY Q 70 -40.85 -8.41 -29.82
N THR Q 71 -41.51 -9.45 -29.29
CA THR Q 71 -40.93 -10.30 -28.26
C THR Q 71 -40.49 -11.65 -28.80
N SER Q 72 -40.40 -11.79 -30.12
CA SER Q 72 -39.99 -13.04 -30.73
C SER Q 72 -38.91 -12.75 -31.77
N VAL Q 73 -37.96 -13.68 -31.88
CA VAL Q 73 -36.88 -13.56 -32.85
C VAL Q 73 -36.87 -14.82 -33.69
N SER Q 74 -36.36 -14.73 -34.91
CA SER Q 74 -36.38 -15.88 -35.80
C SER Q 74 -35.06 -15.97 -36.54
N LEU Q 75 -34.72 -17.18 -36.96
CA LEU Q 75 -33.52 -17.44 -37.76
C LEU Q 75 -33.95 -18.08 -39.05
N ALA Q 76 -33.93 -17.32 -40.13
CA ALA Q 76 -34.36 -17.81 -41.42
C ALA Q 76 -33.20 -18.49 -42.13
N ILE Q 77 -33.42 -19.70 -42.62
CA ILE Q 77 -32.43 -20.45 -43.39
C ILE Q 77 -32.95 -20.53 -44.82
N THR Q 78 -32.07 -20.24 -45.78
CA THR Q 78 -32.36 -20.46 -47.18
C THR Q 78 -31.47 -21.59 -47.71
N GLY Q 79 -31.89 -22.17 -48.83
CA GLY Q 79 -31.15 -23.28 -49.40
C GLY Q 79 -31.47 -24.58 -48.71
N LEU Q 80 -31.14 -24.68 -47.42
CA LEU Q 80 -31.52 -25.82 -46.58
C LEU Q 80 -31.01 -27.13 -47.19
N GLN Q 81 -29.69 -27.26 -47.25
CA GLN Q 81 -29.07 -28.47 -47.77
C GLN Q 81 -28.95 -29.52 -46.66
N ALA Q 82 -28.27 -30.61 -46.98
CA ALA Q 82 -28.08 -31.68 -45.99
C ALA Q 82 -27.15 -31.25 -44.86
N GLU Q 83 -26.19 -30.36 -45.15
CA GLU Q 83 -25.24 -29.95 -44.12
C GLU Q 83 -25.88 -29.13 -43.02
N ASP Q 84 -27.12 -28.71 -43.19
CA ASP Q 84 -27.81 -27.90 -42.18
C ASP Q 84 -28.63 -28.75 -41.20
N GLU Q 85 -28.57 -30.07 -41.30
CA GLU Q 85 -29.24 -30.92 -40.33
C GLU Q 85 -28.55 -30.81 -38.98
N ALA Q 86 -29.18 -30.10 -38.05
CA ALA Q 86 -28.59 -29.86 -36.74
C ALA Q 86 -29.63 -29.26 -35.82
N ASP Q 87 -29.25 -29.10 -34.56
CA ASP Q 87 -30.13 -28.52 -33.55
C ASP Q 87 -29.73 -27.07 -33.33
N TYR Q 88 -30.70 -26.17 -33.39
CA TYR Q 88 -30.44 -24.73 -33.31
C TYR Q 88 -31.02 -24.19 -32.02
N TYR Q 89 -30.16 -23.54 -31.22
CA TYR Q 89 -30.52 -23.11 -29.88
C TYR Q 89 -30.47 -21.59 -29.80
N CYS Q 90 -31.38 -21.01 -29.04
CA CYS Q 90 -31.31 -19.59 -28.75
C CYS Q 90 -30.42 -19.35 -27.54
N GLN Q 91 -30.19 -18.08 -27.24
CA GLN Q 91 -29.49 -17.71 -26.01
C GLN Q 91 -29.67 -16.22 -25.80
N SER Q 92 -29.86 -15.83 -24.54
CA SER Q 92 -30.04 -14.43 -24.19
C SER Q 92 -29.77 -14.27 -22.71
N TYR Q 93 -30.16 -13.13 -22.17
CA TYR Q 93 -30.03 -12.87 -20.74
C TYR Q 93 -31.38 -12.50 -20.15
N ASP Q 94 -31.68 -13.09 -18.99
CA ASP Q 94 -32.93 -12.86 -18.27
C ASP Q 94 -32.65 -11.91 -17.11
N SER Q 95 -33.29 -10.75 -17.12
CA SER Q 95 -33.11 -9.81 -16.02
C SER Q 95 -33.72 -10.36 -14.73
N SER Q 96 -34.88 -10.99 -14.83
CA SER Q 96 -35.59 -11.45 -13.63
C SER Q 96 -34.82 -12.56 -12.92
N LEU Q 97 -34.42 -13.60 -13.66
CA LEU Q 97 -33.68 -14.69 -13.03
C LEU Q 97 -32.22 -14.30 -12.81
N SER Q 98 -31.78 -13.22 -13.44
CA SER Q 98 -30.36 -12.81 -13.42
C SER Q 98 -29.47 -13.97 -13.88
N ALA Q 99 -29.86 -14.61 -14.98
CA ALA Q 99 -29.14 -15.75 -15.52
C ALA Q 99 -29.39 -15.85 -17.02
N PHE Q 100 -28.41 -16.41 -17.72
CA PHE Q 100 -28.56 -16.65 -19.15
C PHE Q 100 -29.48 -17.82 -19.41
N VAL Q 101 -30.31 -17.69 -20.45
CA VAL Q 101 -31.33 -18.67 -20.78
C VAL Q 101 -31.08 -19.19 -22.19
N PHE Q 102 -31.24 -20.50 -22.35
CA PHE Q 102 -31.13 -21.16 -23.65
C PHE Q 102 -32.49 -21.68 -24.06
N GLY Q 103 -32.70 -21.80 -25.37
CA GLY Q 103 -33.93 -22.33 -25.89
C GLY Q 103 -33.96 -23.84 -25.88
N THR Q 104 -35.15 -24.39 -26.09
CA THR Q 104 -35.32 -25.84 -26.11
C THR Q 104 -34.72 -26.48 -27.35
N GLY Q 105 -34.38 -25.70 -28.36
CA GLY Q 105 -33.69 -26.21 -29.53
C GLY Q 105 -34.61 -26.96 -30.48
N THR Q 106 -34.39 -26.73 -31.77
CA THR Q 106 -35.20 -27.34 -32.80
C THR Q 106 -34.30 -28.19 -33.70
N LYS Q 107 -34.84 -29.30 -34.20
CA LYS Q 107 -34.11 -30.19 -35.08
C LYS Q 107 -34.55 -29.95 -36.52
N VAL Q 108 -33.57 -29.73 -37.40
CA VAL Q 108 -33.81 -29.52 -38.83
C VAL Q 108 -33.52 -30.83 -39.55
N THR Q 109 -34.51 -31.35 -40.27
CA THR Q 109 -34.45 -32.70 -40.81
C THR Q 109 -34.48 -32.78 -42.33
N VAL Q 110 -34.51 -31.64 -43.03
CA VAL Q 110 -34.69 -31.55 -44.49
C VAL Q 110 -35.65 -32.60 -45.06
N GLN R 1 -6.66 -21.68 -35.10
CA GLN R 1 -5.60 -21.25 -34.21
C GLN R 1 -6.08 -21.25 -32.77
N VAL R 2 -7.33 -20.86 -32.55
CA VAL R 2 -7.93 -20.87 -31.22
C VAL R 2 -8.38 -22.28 -30.90
N GLN R 3 -7.91 -22.82 -29.78
CA GLN R 3 -8.22 -24.17 -29.38
C GLN R 3 -8.62 -24.19 -27.91
N LEU R 4 -9.67 -24.95 -27.60
CA LEU R 4 -10.08 -25.18 -26.22
C LEU R 4 -10.25 -26.68 -26.03
N VAL R 5 -9.37 -27.30 -25.27
CA VAL R 5 -9.41 -28.73 -25.01
C VAL R 5 -9.83 -28.94 -23.57
N GLN R 6 -10.51 -30.06 -23.31
CA GLN R 6 -11.02 -30.36 -21.99
C GLN R 6 -10.59 -31.75 -21.56
N SER R 7 -10.57 -31.95 -20.25
CA SER R 7 -10.28 -33.24 -19.66
C SER R 7 -10.90 -33.29 -18.28
N GLY R 8 -11.21 -34.50 -17.83
CA GLY R 8 -11.77 -34.70 -16.51
C GLY R 8 -13.12 -35.38 -16.45
N GLY R 9 -13.52 -36.10 -17.49
CA GLY R 9 -14.78 -36.81 -17.48
C GLY R 9 -14.69 -38.13 -16.75
N GLY R 10 -15.77 -38.87 -16.82
CA GLY R 10 -15.80 -40.21 -16.27
C GLY R 10 -17.08 -40.44 -15.49
N VAL R 11 -17.06 -41.49 -14.69
CA VAL R 11 -18.21 -41.88 -13.88
C VAL R 11 -17.90 -41.55 -12.43
N VAL R 12 -18.80 -40.81 -11.79
CA VAL R 12 -18.64 -40.38 -10.40
C VAL R 12 -19.85 -40.86 -9.62
N GLN R 13 -19.60 -41.54 -8.50
CA GLN R 13 -20.69 -41.94 -7.64
C GLN R 13 -21.39 -40.71 -7.05
N PRO R 14 -22.70 -40.73 -6.89
CA PRO R 14 -23.40 -39.56 -6.34
C PRO R 14 -22.86 -39.20 -4.96
N GLY R 15 -22.75 -37.89 -4.71
CA GLY R 15 -22.18 -37.39 -3.49
C GLY R 15 -20.69 -37.12 -3.54
N ARG R 16 -19.99 -37.66 -4.53
CA ARG R 16 -18.57 -37.41 -4.68
C ARG R 16 -18.33 -36.14 -5.48
N SER R 17 -17.09 -35.67 -5.46
CA SER R 17 -16.70 -34.46 -6.16
C SER R 17 -15.91 -34.80 -7.42
N LEU R 18 -15.83 -33.83 -8.32
CA LEU R 18 -15.11 -33.96 -9.58
C LEU R 18 -14.72 -32.58 -10.06
N ARG R 19 -13.57 -32.46 -10.70
CA ARG R 19 -13.05 -31.18 -11.15
C ARG R 19 -12.79 -31.23 -12.65
N LEU R 20 -13.37 -30.29 -13.38
CA LEU R 20 -13.23 -30.22 -14.82
C LEU R 20 -12.33 -29.05 -15.21
N SER R 21 -11.45 -29.29 -16.17
CA SER R 21 -10.48 -28.29 -16.58
C SER R 21 -10.59 -28.07 -18.08
N CYS R 22 -10.17 -26.88 -18.50
CA CYS R 22 -10.27 -26.44 -19.89
C CYS R 22 -9.01 -25.70 -20.26
N VAL R 23 -8.11 -26.37 -20.98
CA VAL R 23 -6.82 -25.80 -21.36
C VAL R 23 -6.96 -25.14 -22.73
N THR R 24 -6.60 -23.86 -22.80
CA THR R 24 -6.81 -23.07 -24.00
C THR R 24 -5.47 -22.68 -24.61
N SER R 25 -5.49 -22.38 -25.89
CA SER R 25 -4.28 -21.98 -26.59
C SER R 25 -4.65 -21.15 -27.81
N GLY R 26 -3.72 -20.30 -28.22
CA GLY R 26 -3.89 -19.51 -29.42
C GLY R 26 -4.46 -18.12 -29.22
N PHE R 27 -4.78 -17.72 -27.99
CA PHE R 27 -5.33 -16.39 -27.77
C PHE R 27 -4.92 -15.89 -26.38
N THR R 28 -5.07 -14.58 -26.19
CA THR R 28 -4.77 -13.95 -24.90
C THR R 28 -5.87 -14.32 -23.92
N PHE R 29 -5.64 -15.42 -23.21
CA PHE R 29 -6.61 -15.95 -22.26
C PHE R 29 -6.99 -14.98 -21.15
N PRO R 30 -6.06 -14.25 -20.50
CA PRO R 30 -6.46 -13.35 -19.41
C PRO R 30 -7.39 -12.23 -19.80
N ALA R 31 -7.63 -12.07 -21.10
CA ALA R 31 -8.48 -11.00 -21.58
C ALA R 31 -9.90 -11.43 -21.87
N PHE R 32 -10.29 -12.67 -21.56
CA PHE R 32 -11.61 -13.18 -21.88
C PHE R 32 -12.26 -13.83 -20.67
N GLY R 33 -13.57 -13.59 -20.52
CA GLY R 33 -14.37 -14.28 -19.53
C GLY R 33 -14.93 -15.53 -20.16
N MET R 34 -15.16 -16.54 -19.33
CA MET R 34 -15.46 -17.87 -19.81
C MET R 34 -16.75 -18.38 -19.20
N HIS R 35 -17.41 -19.29 -19.91
CA HIS R 35 -18.66 -19.90 -19.49
C HIS R 35 -18.51 -21.41 -19.46
N TRP R 36 -19.30 -22.04 -18.59
CA TRP R 36 -19.52 -23.48 -18.64
C TRP R 36 -20.97 -23.75 -19.01
N VAL R 37 -21.17 -24.63 -19.98
CA VAL R 37 -22.50 -24.96 -20.46
C VAL R 37 -22.68 -26.47 -20.38
N ARG R 38 -23.80 -26.90 -19.80
CA ARG R 38 -24.09 -28.29 -19.56
C ARG R 38 -25.21 -28.75 -20.49
N GLN R 39 -25.05 -29.92 -21.10
CA GLN R 39 -26.06 -30.45 -22.01
C GLN R 39 -26.44 -31.85 -21.55
N ALA R 40 -27.60 -31.99 -20.94
CA ALA R 40 -28.06 -33.29 -20.50
C ALA R 40 -28.29 -34.19 -21.71
N PRO R 41 -28.08 -35.50 -21.57
CA PRO R 41 -28.17 -36.39 -22.73
C PRO R 41 -29.56 -36.41 -23.34
N GLY R 42 -29.68 -35.87 -24.56
CA GLY R 42 -30.96 -35.75 -25.22
C GLY R 42 -31.73 -34.50 -24.89
N LYS R 43 -31.23 -33.66 -23.99
CA LYS R 43 -31.90 -32.44 -23.60
C LYS R 43 -31.14 -31.24 -24.15
N GLY R 44 -31.71 -30.06 -23.94
CA GLY R 44 -31.11 -28.84 -24.44
C GLY R 44 -29.97 -28.36 -23.57
N LEU R 45 -29.31 -27.31 -24.05
CA LEU R 45 -28.23 -26.69 -23.30
C LEU R 45 -28.79 -25.94 -22.11
N GLU R 46 -27.95 -25.77 -21.08
CA GLU R 46 -28.31 -24.97 -19.93
C GLU R 46 -27.05 -24.37 -19.33
N TRP R 47 -27.16 -23.13 -18.88
CA TRP R 47 -26.02 -22.39 -18.41
C TRP R 47 -25.66 -22.80 -16.99
N VAL R 48 -24.36 -22.75 -16.67
CA VAL R 48 -23.85 -23.20 -15.39
C VAL R 48 -23.15 -22.08 -14.63
N ALA R 49 -22.14 -21.46 -15.24
CA ALA R 49 -21.37 -20.45 -14.52
C ALA R 49 -20.67 -19.52 -15.51
N VAL R 50 -20.26 -18.36 -15.01
CA VAL R 50 -19.47 -17.39 -15.74
C VAL R 50 -18.41 -16.82 -14.81
N ILE R 51 -17.21 -16.61 -15.34
CA ILE R 51 -16.12 -16.01 -14.59
C ILE R 51 -15.59 -14.81 -15.36
N TRP R 52 -15.37 -13.70 -14.67
CA TRP R 52 -14.77 -12.53 -15.29
C TRP R 52 -13.34 -12.84 -15.72
N TYR R 53 -12.77 -11.92 -16.49
CA TYR R 53 -11.43 -12.15 -17.03
C TYR R 53 -10.39 -12.31 -15.92
N ASP R 54 -10.42 -11.44 -14.90
CA ASP R 54 -9.49 -11.60 -13.81
C ASP R 54 -9.97 -12.65 -12.81
N GLY R 55 -11.27 -12.88 -12.78
CA GLY R 55 -11.86 -13.87 -11.88
C GLY R 55 -12.49 -13.30 -10.63
N SER R 56 -12.59 -11.98 -10.52
CA SER R 56 -13.17 -11.40 -9.31
C SER R 56 -14.65 -11.74 -9.18
N LYS R 57 -15.41 -11.65 -10.26
CA LYS R 57 -16.85 -11.79 -10.22
C LYS R 57 -17.25 -13.12 -10.86
N LYS R 58 -17.89 -13.97 -10.06
CA LYS R 58 -18.32 -15.29 -10.50
C LYS R 58 -19.81 -15.45 -10.24
N TYR R 59 -20.56 -15.74 -11.29
CA TYR R 59 -22.01 -15.88 -11.20
C TYR R 59 -22.41 -17.27 -11.67
N TYR R 60 -23.28 -17.92 -10.91
CA TYR R 60 -23.65 -19.31 -11.14
C TYR R 60 -25.14 -19.43 -11.49
N ALA R 61 -25.53 -20.60 -11.95
CA ALA R 61 -26.94 -20.89 -12.14
C ALA R 61 -27.60 -21.15 -10.81
N ASP R 62 -28.94 -21.12 -10.80
CA ASP R 62 -29.67 -21.39 -9.57
C ASP R 62 -29.53 -22.85 -9.14
N SER R 63 -29.53 -23.76 -10.11
CA SER R 63 -29.52 -25.19 -9.80
C SER R 63 -28.16 -25.69 -9.31
N VAL R 64 -27.10 -24.90 -9.43
CA VAL R 64 -25.77 -25.32 -9.02
C VAL R 64 -25.11 -24.35 -8.05
N ARG R 65 -25.78 -23.27 -7.68
CA ARG R 65 -25.17 -22.30 -6.78
C ARG R 65 -24.91 -22.93 -5.42
N GLY R 66 -23.68 -22.77 -4.93
CA GLY R 66 -23.28 -23.34 -3.66
C GLY R 66 -22.70 -24.73 -3.75
N ARG R 67 -22.93 -25.45 -4.85
CA ARG R 67 -22.32 -26.76 -5.08
C ARG R 67 -21.17 -26.69 -6.07
N PHE R 68 -21.32 -25.88 -7.11
CA PHE R 68 -20.29 -25.71 -8.12
C PHE R 68 -19.54 -24.41 -7.90
N THR R 69 -18.24 -24.44 -8.19
CA THR R 69 -17.41 -23.25 -8.20
C THR R 69 -16.65 -23.21 -9.52
N ILE R 70 -16.46 -22.01 -10.06
CA ILE R 70 -15.72 -21.80 -11.29
C ILE R 70 -14.48 -20.98 -10.96
N SER R 71 -13.35 -21.38 -11.52
CA SER R 71 -12.11 -20.68 -11.24
C SER R 71 -11.18 -20.82 -12.45
N ARG R 72 -10.25 -19.88 -12.55
CA ARG R 72 -9.29 -19.86 -13.64
C ARG R 72 -7.90 -19.69 -13.05
N ASP R 73 -6.93 -20.40 -13.59
CA ASP R 73 -5.53 -20.16 -13.23
C ASP R 73 -4.92 -19.44 -14.41
N ASN R 74 -4.73 -18.13 -14.26
CA ASN R 74 -4.59 -17.26 -15.41
C ASN R 74 -3.24 -17.38 -16.08
N SER R 75 -2.25 -17.95 -15.39
CA SER R 75 -0.88 -17.93 -15.88
C SER R 75 -0.53 -19.12 -16.76
N ARG R 76 -1.41 -20.09 -16.95
CA ARG R 76 -1.13 -21.19 -17.86
C ARG R 76 -2.34 -21.59 -18.67
N ASN R 77 -3.30 -20.67 -18.83
CA ASN R 77 -4.41 -20.84 -19.77
C ASN R 77 -5.27 -22.05 -19.43
N THR R 78 -5.78 -22.10 -18.20
CA THR R 78 -6.59 -23.23 -17.77
C THR R 78 -7.78 -22.72 -16.96
N LEU R 79 -8.97 -23.22 -17.28
CA LEU R 79 -10.21 -22.85 -16.61
C LEU R 79 -10.79 -24.06 -15.90
N TYR R 80 -11.25 -23.86 -14.67
CA TYR R 80 -11.70 -24.96 -13.81
C TYR R 80 -13.15 -24.80 -13.42
N LEU R 81 -13.85 -25.93 -13.34
CA LEU R 81 -15.17 -26.03 -12.73
C LEU R 81 -15.13 -27.16 -11.71
N GLN R 82 -15.09 -26.81 -10.42
CA GLN R 82 -15.00 -27.78 -9.35
C GLN R 82 -16.41 -28.16 -8.91
N MET R 83 -16.79 -29.40 -9.15
CA MET R 83 -18.15 -29.89 -8.90
C MET R 83 -18.17 -30.68 -7.60
N HIS R 84 -18.95 -30.21 -6.64
CA HIS R 84 -19.09 -30.88 -5.35
C HIS R 84 -20.51 -31.39 -5.17
N SER R 85 -20.63 -32.50 -4.44
CA SER R 85 -21.91 -33.12 -4.14
C SER R 85 -22.71 -33.39 -5.40
N LEU R 86 -22.10 -34.12 -6.32
CA LEU R 86 -22.73 -34.43 -7.60
C LEU R 86 -23.97 -35.27 -7.42
N ARG R 87 -25.14 -34.71 -7.71
CA ARG R 87 -26.38 -35.45 -7.67
C ARG R 87 -26.61 -36.16 -9.00
N ALA R 88 -27.65 -36.97 -9.04
CA ALA R 88 -28.04 -37.64 -10.29
C ALA R 88 -28.60 -36.68 -11.32
N GLU R 89 -28.90 -35.44 -10.92
CA GLU R 89 -29.35 -34.45 -11.89
C GLU R 89 -28.20 -33.89 -12.72
N ASP R 90 -27.00 -33.79 -12.13
CA ASP R 90 -25.86 -33.20 -12.83
C ASP R 90 -25.12 -34.20 -13.70
N THR R 91 -25.81 -34.96 -14.52
CA THR R 91 -25.18 -35.88 -15.47
C THR R 91 -25.44 -35.35 -16.87
N ALA R 92 -24.37 -35.03 -17.59
CA ALA R 92 -24.50 -34.31 -18.84
C ALA R 92 -23.14 -34.23 -19.51
N VAL R 93 -23.10 -33.58 -20.66
CA VAL R 93 -21.87 -33.22 -21.33
C VAL R 93 -21.58 -31.76 -21.01
N TYR R 94 -20.39 -31.48 -20.49
CA TYR R 94 -20.02 -30.13 -20.07
C TYR R 94 -19.15 -29.49 -21.14
N TYR R 95 -19.49 -28.25 -21.51
CA TYR R 95 -18.76 -27.52 -22.52
C TYR R 95 -18.08 -26.29 -21.93
N CYS R 96 -16.92 -25.97 -22.47
CA CYS R 96 -16.16 -24.80 -22.07
C CYS R 96 -16.27 -23.76 -23.17
N ALA R 97 -16.78 -22.58 -22.83
CA ALA R 97 -17.11 -21.59 -23.84
C ALA R 97 -16.46 -20.27 -23.51
N ARG R 98 -16.30 -19.43 -24.53
CA ARG R 98 -15.58 -18.17 -24.42
C ARG R 98 -16.48 -17.01 -24.86
N VAL R 99 -16.41 -15.91 -24.12
CA VAL R 99 -17.25 -14.76 -24.40
C VAL R 99 -16.65 -13.95 -25.56
N LYS R 100 -17.41 -13.80 -26.63
CA LYS R 100 -16.94 -13.09 -27.82
C LYS R 100 -16.95 -11.59 -27.59
N ASN R 101 -15.96 -10.90 -28.16
CA ASN R 101 -15.79 -9.46 -28.01
C ASN R 101 -16.61 -8.76 -29.09
N TYR R 102 -17.73 -8.15 -28.68
CA TYR R 102 -18.55 -7.39 -29.60
C TYR R 102 -19.36 -6.36 -28.82
N GLU R 103 -19.84 -5.35 -29.52
CA GLU R 103 -20.50 -4.20 -28.90
C GLU R 103 -21.89 -4.00 -29.48
N SER R 104 -22.86 -3.77 -28.61
CA SER R 104 -24.23 -3.49 -29.04
C SER R 104 -24.95 -2.77 -27.91
N SER R 105 -26.11 -2.20 -28.24
CA SER R 105 -26.89 -1.48 -27.24
C SER R 105 -27.41 -2.42 -26.16
N GLY R 106 -27.90 -3.58 -26.55
CA GLY R 106 -28.48 -4.53 -25.61
C GLY R 106 -27.57 -5.73 -25.39
N TYR R 107 -26.28 -5.47 -25.21
CA TYR R 107 -25.26 -6.50 -25.12
C TYR R 107 -25.68 -7.64 -24.21
N SER R 108 -25.74 -8.84 -24.78
CA SER R 108 -25.93 -10.07 -24.03
C SER R 108 -24.86 -11.05 -24.47
N GLN R 109 -24.19 -11.65 -23.48
CA GLN R 109 -22.98 -12.42 -23.72
C GLN R 109 -23.20 -13.56 -24.70
N CYS R 110 -22.28 -13.72 -25.63
CA CYS R 110 -22.33 -14.77 -26.63
C CYS R 110 -21.05 -15.57 -26.60
N LEU R 111 -21.16 -16.86 -26.88
CA LEU R 111 -20.08 -17.81 -26.68
C LEU R 111 -19.59 -18.31 -28.03
N ASP R 112 -18.51 -17.72 -28.54
CA ASP R 112 -18.12 -17.96 -29.92
C ASP R 112 -17.32 -19.25 -30.09
N TYR R 113 -16.40 -19.55 -29.18
CA TYR R 113 -15.60 -20.77 -29.25
C TYR R 113 -15.95 -21.69 -28.09
N TRP R 114 -16.24 -22.95 -28.43
CA TRP R 114 -16.70 -23.95 -27.47
C TRP R 114 -15.69 -25.07 -27.35
N GLY R 115 -15.58 -25.64 -26.16
CA GLY R 115 -14.70 -26.76 -25.94
C GLY R 115 -15.23 -28.01 -26.62
N GLN R 116 -14.42 -29.07 -26.57
CA GLN R 116 -14.79 -30.29 -27.28
C GLN R 116 -16.00 -30.97 -26.66
N GLY R 117 -16.13 -30.94 -25.34
CA GLY R 117 -17.23 -31.61 -24.68
C GLY R 117 -16.80 -32.82 -23.87
N VAL R 118 -16.93 -32.72 -22.55
CA VAL R 118 -16.51 -33.76 -21.63
C VAL R 118 -17.74 -34.29 -20.90
N LEU R 119 -17.90 -35.61 -20.88
CA LEU R 119 -19.09 -36.24 -20.35
C LEU R 119 -18.89 -36.58 -18.87
N VAL R 120 -19.84 -36.18 -18.04
CA VAL R 120 -19.82 -36.50 -16.61
C VAL R 120 -21.07 -37.32 -16.32
N THR R 121 -20.88 -38.56 -15.88
CA THR R 121 -21.98 -39.49 -15.63
C THR R 121 -22.02 -39.81 -14.15
N VAL R 122 -23.03 -39.28 -13.46
CA VAL R 122 -23.25 -39.56 -12.04
C VAL R 122 -24.24 -40.70 -11.94
N ALA R 123 -23.77 -41.88 -11.56
CA ALA R 123 -24.61 -43.07 -11.53
C ALA R 123 -24.21 -43.97 -10.37
N SER R 124 -25.15 -44.82 -9.97
CA SER R 124 -24.96 -45.80 -8.90
C SER R 124 -24.43 -45.18 -7.62
#